data_2QER
# 
_entry.id   2QER 
# 
_audit_conform.dict_name       mmcif_pdbx.dic 
_audit_conform.dict_version    5.377 
_audit_conform.dict_location   http://mmcif.pdb.org/dictionaries/ascii/mmcif_pdbx.dic 
# 
loop_
_database_2.database_id 
_database_2.database_code 
_database_2.pdbx_database_accession 
_database_2.pdbx_DOI 
PDB   2QER         pdb_00002qer 10.2210/pdb2qer/pdb 
RCSB  RCSB043506   ?            ?                   
WWPDB D_1000043506 ?            ?                   
# 
_pdbx_database_related.db_name        PDB 
_pdbx_database_related.db_id          2POE 
_pdbx_database_related.details        
'Crystal structure of Cryptosporidium parvum cyclophilin type peptidyl-prolyl cis-trans isomerase cgd2_1660, apo form' 
_pdbx_database_related.content_type   unspecified 
# 
_pdbx_database_status.status_code                     REL 
_pdbx_database_status.entry_id                        2QER 
_pdbx_database_status.recvd_initial_deposition_date   2007-06-26 
_pdbx_database_status.deposit_site                    RCSB 
_pdbx_database_status.process_site                    RCSB 
_pdbx_database_status.status_code_sf                  REL 
_pdbx_database_status.status_code_mr                  ? 
_pdbx_database_status.SG_entry                        Y 
_pdbx_database_status.pdb_format_compatible           Y 
_pdbx_database_status.status_code_cs                  ? 
_pdbx_database_status.methods_development_category    ? 
_pdbx_database_status.status_code_nmr_data            ? 
# 
loop_
_audit_author.name 
_audit_author.pdbx_ordinal 
'Wernimont, A.K.'                      1  
'Lew, J.'                              2  
'Hills, T.'                            3  
'Hassanali, A.'                        4  
'Lin, L.'                              5  
'Wasney, G.'                           6  
'Zhao, Y.'                             7  
'Kozieradzki, I.'                      8  
'Vedadi, M.'                           9  
'Schapira, M.'                         10 
'Bochkarev, A.'                        11 
'Edwards, A.M.'                        12 
'Arrowsmith, C.H.'                     13 
'Weigelt, J.'                          14 
'Sundstrom, M.'                        15 
'Hui, R.'                              16 
'Artz, J.D.'                           17 
'Amani, M.'                            18 
'Structural Genomics Consortium (SGC)' 19 
# 
_citation.id                        primary 
_citation.title                     
;Crystal structure of Cryptosporidium parvum cyclophilin type peptidyl-prolyl cis-trans isomerase cgd2_1660 in the presence of dipeptide ala-pro.
;
_citation.journal_abbrev            'To be Published' 
_citation.journal_volume            ? 
_citation.page_first                ? 
_citation.page_last                 ? 
_citation.year                      ? 
_citation.journal_id_ASTM           ? 
_citation.country                   ? 
_citation.journal_id_ISSN           ? 
_citation.journal_id_CSD            0353 
_citation.book_publisher            ? 
_citation.pdbx_database_id_PubMed   ? 
_citation.pdbx_database_id_DOI      ? 
# 
loop_
_citation_author.citation_id 
_citation_author.name 
_citation_author.ordinal 
_citation_author.identifier_ORCID 
primary 'Wernimont, A.K.'  1  ? 
primary 'Lew, J.'          2  ? 
primary 'Hills, T.'        3  ? 
primary 'Hassanali, A.'    4  ? 
primary 'Lin, L.'          5  ? 
primary 'Wasney, G.'       6  ? 
primary 'Zhao, Y.'         7  ? 
primary 'Kozieradzki, I.'  8  ? 
primary 'Vedadi, M.'       9  ? 
primary 'Schapira, M.'     10 ? 
primary 'Bochkarev, A.'    11 ? 
primary 'Edwards, A.M.'    12 ? 
primary 'Arrowsmith, C.H.' 13 ? 
primary 'Weigelt, J.'      14 ? 
primary 'Sundstrom, M.'    15 ? 
primary 'Hui, R.'          16 ? 
primary 'Artz, J.D.'       17 ? 
primary 'Amani, M.'        18 ? 
# 
_cell.entry_id           2QER 
_cell.length_a           69.047 
_cell.length_b           69.047 
_cell.length_c           124.622 
_cell.angle_alpha        90.00 
_cell.angle_beta         90.00 
_cell.angle_gamma        90.00 
_cell.Z_PDB              8 
_cell.pdbx_unique_axis   ? 
_cell.length_a_esd       ? 
_cell.length_b_esd       ? 
_cell.length_c_esd       ? 
_cell.angle_alpha_esd    ? 
_cell.angle_beta_esd     ? 
_cell.angle_gamma_esd    ? 
# 
_symmetry.entry_id                         2QER 
_symmetry.space_group_name_H-M             'P 41 21 2' 
_symmetry.pdbx_full_space_group_name_H-M   ? 
_symmetry.cell_setting                     ? 
_symmetry.Int_Tables_number                92 
_symmetry.space_group_name_Hall            ? 
# 
loop_
_entity.id 
_entity.type 
_entity.src_method 
_entity.pdbx_description 
_entity.formula_weight 
_entity.pdbx_number_of_molecules 
_entity.pdbx_ec 
_entity.pdbx_mutation 
_entity.pdbx_fragment 
_entity.details 
1 polymer     man 'Cyclophilin-like protein, putative' 20868.564 1   ? ? ? ? 
2 non-polymer syn 'SULFATE ION'                        96.063    1   ? ? ? ? 
3 non-polymer syn ALANINE                              89.093    1   ? ? ? ? 
4 non-polymer syn PROLINE                              115.130   1   ? ? ? ? 
5 non-polymer syn GLYCEROL                             92.094    3   ? ? ? ? 
6 water       nat water                                18.015    120 ? ? ? ? 
# 
_entity_poly.entity_id                      1 
_entity_poly.type                           'polypeptide(L)' 
_entity_poly.nstd_linkage                   no 
_entity_poly.nstd_monomer                   no 
_entity_poly.pdbx_seq_one_letter_code       
;MHHHHHHSSGRENLYFQGVRIITNYGDLKFELFCSQCPKACKNFLALSASGYYKNTIFHKNIKGFIIQGGDPTGTGKGGE
SIYGRYFDDEIYPELKYDRRGILSMASKGASKKPNTNGSQFFITYSSLPQLNGEYVIFGKLIDGFETLNTLENCPSDKSH
KPIDEIIIKDIVIHSNPIADQEILD
;
_entity_poly.pdbx_seq_one_letter_code_can   
;MHHHHHHSSGRENLYFQGVRIITNYGDLKFELFCSQCPKACKNFLALSASGYYKNTIFHKNIKGFIIQGGDPTGTGKGGE
SIYGRYFDDEIYPELKYDRRGILSMASKGASKKPNTNGSQFFITYSSLPQLNGEYVIFGKLIDGFETLNTLENCPSDKSH
KPIDEIIIKDIVIHSNPIADQEILD
;
_entity_poly.pdbx_strand_id                 A 
_entity_poly.pdbx_target_identifier         ? 
# 
loop_
_entity_poly_seq.entity_id 
_entity_poly_seq.num 
_entity_poly_seq.mon_id 
_entity_poly_seq.hetero 
1 1   MET n 
1 2   HIS n 
1 3   HIS n 
1 4   HIS n 
1 5   HIS n 
1 6   HIS n 
1 7   HIS n 
1 8   SER n 
1 9   SER n 
1 10  GLY n 
1 11  ARG n 
1 12  GLU n 
1 13  ASN n 
1 14  LEU n 
1 15  TYR n 
1 16  PHE n 
1 17  GLN n 
1 18  GLY n 
1 19  VAL n 
1 20  ARG n 
1 21  ILE n 
1 22  ILE n 
1 23  THR n 
1 24  ASN n 
1 25  TYR n 
1 26  GLY n 
1 27  ASP n 
1 28  LEU n 
1 29  LYS n 
1 30  PHE n 
1 31  GLU n 
1 32  LEU n 
1 33  PHE n 
1 34  CYS n 
1 35  SER n 
1 36  GLN n 
1 37  CYS n 
1 38  PRO n 
1 39  LYS n 
1 40  ALA n 
1 41  CYS n 
1 42  LYS n 
1 43  ASN n 
1 44  PHE n 
1 45  LEU n 
1 46  ALA n 
1 47  LEU n 
1 48  SER n 
1 49  ALA n 
1 50  SER n 
1 51  GLY n 
1 52  TYR n 
1 53  TYR n 
1 54  LYS n 
1 55  ASN n 
1 56  THR n 
1 57  ILE n 
1 58  PHE n 
1 59  HIS n 
1 60  LYS n 
1 61  ASN n 
1 62  ILE n 
1 63  LYS n 
1 64  GLY n 
1 65  PHE n 
1 66  ILE n 
1 67  ILE n 
1 68  GLN n 
1 69  GLY n 
1 70  GLY n 
1 71  ASP n 
1 72  PRO n 
1 73  THR n 
1 74  GLY n 
1 75  THR n 
1 76  GLY n 
1 77  LYS n 
1 78  GLY n 
1 79  GLY n 
1 80  GLU n 
1 81  SER n 
1 82  ILE n 
1 83  TYR n 
1 84  GLY n 
1 85  ARG n 
1 86  TYR n 
1 87  PHE n 
1 88  ASP n 
1 89  ASP n 
1 90  GLU n 
1 91  ILE n 
1 92  TYR n 
1 93  PRO n 
1 94  GLU n 
1 95  LEU n 
1 96  LYS n 
1 97  TYR n 
1 98  ASP n 
1 99  ARG n 
1 100 ARG n 
1 101 GLY n 
1 102 ILE n 
1 103 LEU n 
1 104 SER n 
1 105 MET n 
1 106 ALA n 
1 107 SER n 
1 108 LYS n 
1 109 GLY n 
1 110 ALA n 
1 111 SER n 
1 112 LYS n 
1 113 LYS n 
1 114 PRO n 
1 115 ASN n 
1 116 THR n 
1 117 ASN n 
1 118 GLY n 
1 119 SER n 
1 120 GLN n 
1 121 PHE n 
1 122 PHE n 
1 123 ILE n 
1 124 THR n 
1 125 TYR n 
1 126 SER n 
1 127 SER n 
1 128 LEU n 
1 129 PRO n 
1 130 GLN n 
1 131 LEU n 
1 132 ASN n 
1 133 GLY n 
1 134 GLU n 
1 135 TYR n 
1 136 VAL n 
1 137 ILE n 
1 138 PHE n 
1 139 GLY n 
1 140 LYS n 
1 141 LEU n 
1 142 ILE n 
1 143 ASP n 
1 144 GLY n 
1 145 PHE n 
1 146 GLU n 
1 147 THR n 
1 148 LEU n 
1 149 ASN n 
1 150 THR n 
1 151 LEU n 
1 152 GLU n 
1 153 ASN n 
1 154 CYS n 
1 155 PRO n 
1 156 SER n 
1 157 ASP n 
1 158 LYS n 
1 159 SER n 
1 160 HIS n 
1 161 LYS n 
1 162 PRO n 
1 163 ILE n 
1 164 ASP n 
1 165 GLU n 
1 166 ILE n 
1 167 ILE n 
1 168 ILE n 
1 169 LYS n 
1 170 ASP n 
1 171 ILE n 
1 172 VAL n 
1 173 ILE n 
1 174 HIS n 
1 175 SER n 
1 176 ASN n 
1 177 PRO n 
1 178 ILE n 
1 179 ALA n 
1 180 ASP n 
1 181 GLN n 
1 182 GLU n 
1 183 ILE n 
1 184 LEU n 
1 185 ASP n 
# 
_entity_src_gen.entity_id                          1 
_entity_src_gen.pdbx_src_id                        1 
_entity_src_gen.pdbx_alt_source_flag               sample 
_entity_src_gen.pdbx_seq_type                      ? 
_entity_src_gen.pdbx_beg_seq_num                   ? 
_entity_src_gen.pdbx_end_seq_num                   ? 
_entity_src_gen.gene_src_common_name               ? 
_entity_src_gen.gene_src_genus                     Cryptosporidium 
_entity_src_gen.pdbx_gene_src_gene                 cgd2_1660 
_entity_src_gen.gene_src_species                   'Cryptosporidium parvum' 
_entity_src_gen.gene_src_strain                    'Iowa type II' 
_entity_src_gen.gene_src_tissue                    ? 
_entity_src_gen.gene_src_tissue_fraction           ? 
_entity_src_gen.gene_src_details                   ? 
_entity_src_gen.pdbx_gene_src_fragment             ? 
_entity_src_gen.pdbx_gene_src_scientific_name      'Cryptosporidium parvum Iowa II' 
_entity_src_gen.pdbx_gene_src_ncbi_taxonomy_id     353152 
_entity_src_gen.pdbx_gene_src_variant              ? 
_entity_src_gen.pdbx_gene_src_cell_line            ? 
_entity_src_gen.pdbx_gene_src_atcc                 ? 
_entity_src_gen.pdbx_gene_src_organ                ? 
_entity_src_gen.pdbx_gene_src_organelle            ? 
_entity_src_gen.pdbx_gene_src_cell                 ? 
_entity_src_gen.pdbx_gene_src_cellular_location    ? 
_entity_src_gen.host_org_common_name               ? 
_entity_src_gen.pdbx_host_org_scientific_name      'Escherichia coli' 
_entity_src_gen.pdbx_host_org_ncbi_taxonomy_id     562 
_entity_src_gen.host_org_genus                     Escherichia 
_entity_src_gen.pdbx_host_org_gene                 ? 
_entity_src_gen.pdbx_host_org_organ                ? 
_entity_src_gen.host_org_species                   ? 
_entity_src_gen.pdbx_host_org_tissue               ? 
_entity_src_gen.pdbx_host_org_tissue_fraction      ? 
_entity_src_gen.pdbx_host_org_strain               Dh5a 
_entity_src_gen.pdbx_host_org_variant              ? 
_entity_src_gen.pdbx_host_org_cell_line            ? 
_entity_src_gen.pdbx_host_org_atcc                 ? 
_entity_src_gen.pdbx_host_org_culture_collection   ? 
_entity_src_gen.pdbx_host_org_cell                 ? 
_entity_src_gen.pdbx_host_org_organelle            ? 
_entity_src_gen.pdbx_host_org_cellular_location    ? 
_entity_src_gen.pdbx_host_org_vector_type          plasmid 
_entity_src_gen.pdbx_host_org_vector               ? 
_entity_src_gen.host_org_details                   ? 
_entity_src_gen.expression_system_id               ? 
_entity_src_gen.plasmid_name                       pET15_TEV/LIC 
_entity_src_gen.plasmid_details                    ? 
_entity_src_gen.pdbx_description                   ? 
# 
_struct_ref.id                         1 
_struct_ref.db_name                    UNP 
_struct_ref.db_code                    A3FQ68_CRYPV 
_struct_ref.pdbx_db_accession          A3FQ68 
_struct_ref.entity_id                  1 
_struct_ref.pdbx_seq_one_letter_code   
;VRIITNYGDLKFELFCSQCPKACKNFLALSASGYYKNTIFHKNIKGFIIQGGDPTGTGKGGESIYGRYFDDEIYPELKYD
RRGILSMASKGASKKPNTNGSQFFITYSSLPQLNGEYVIFGKLIDGFETLNTLENCPSDKSHKPIDEIIIKDIVIHSNPI
ADQEILD
;
_struct_ref.pdbx_align_begin           3 
_struct_ref.pdbx_db_isoform            ? 
# 
_struct_ref_seq.align_id                      1 
_struct_ref_seq.ref_id                        1 
_struct_ref_seq.pdbx_PDB_id_code              2QER 
_struct_ref_seq.pdbx_strand_id                A 
_struct_ref_seq.seq_align_beg                 19 
_struct_ref_seq.pdbx_seq_align_beg_ins_code   ? 
_struct_ref_seq.seq_align_end                 185 
_struct_ref_seq.pdbx_seq_align_end_ins_code   ? 
_struct_ref_seq.pdbx_db_accession             A3FQ68 
_struct_ref_seq.db_align_beg                  3 
_struct_ref_seq.pdbx_db_align_beg_ins_code    ? 
_struct_ref_seq.db_align_end                  169 
_struct_ref_seq.pdbx_db_align_end_ins_code    ? 
_struct_ref_seq.pdbx_auth_seq_align_beg       19 
_struct_ref_seq.pdbx_auth_seq_align_end       185 
# 
loop_
_struct_ref_seq_dif.align_id 
_struct_ref_seq_dif.pdbx_pdb_id_code 
_struct_ref_seq_dif.mon_id 
_struct_ref_seq_dif.pdbx_pdb_strand_id 
_struct_ref_seq_dif.seq_num 
_struct_ref_seq_dif.pdbx_pdb_ins_code 
_struct_ref_seq_dif.pdbx_seq_db_name 
_struct_ref_seq_dif.pdbx_seq_db_accession_code 
_struct_ref_seq_dif.db_mon_id 
_struct_ref_seq_dif.pdbx_seq_db_seq_num 
_struct_ref_seq_dif.details 
_struct_ref_seq_dif.pdbx_auth_seq_num 
_struct_ref_seq_dif.pdbx_ordinal 
1 2QER MET A 1  ? UNP A3FQ68 ? ? 'cloning artifact' 1  1  
1 2QER HIS A 2  ? UNP A3FQ68 ? ? 'cloning artifact' 2  2  
1 2QER HIS A 3  ? UNP A3FQ68 ? ? 'cloning artifact' 3  3  
1 2QER HIS A 4  ? UNP A3FQ68 ? ? 'cloning artifact' 4  4  
1 2QER HIS A 5  ? UNP A3FQ68 ? ? 'cloning artifact' 5  5  
1 2QER HIS A 6  ? UNP A3FQ68 ? ? 'cloning artifact' 6  6  
1 2QER HIS A 7  ? UNP A3FQ68 ? ? 'cloning artifact' 7  7  
1 2QER SER A 8  ? UNP A3FQ68 ? ? 'cloning artifact' 8  8  
1 2QER SER A 9  ? UNP A3FQ68 ? ? 'cloning artifact' 9  9  
1 2QER GLY A 10 ? UNP A3FQ68 ? ? 'cloning artifact' 10 10 
1 2QER ARG A 11 ? UNP A3FQ68 ? ? 'cloning artifact' 11 11 
1 2QER GLU A 12 ? UNP A3FQ68 ? ? 'cloning artifact' 12 12 
1 2QER ASN A 13 ? UNP A3FQ68 ? ? 'cloning artifact' 13 13 
1 2QER LEU A 14 ? UNP A3FQ68 ? ? 'cloning artifact' 14 14 
1 2QER TYR A 15 ? UNP A3FQ68 ? ? 'cloning artifact' 15 15 
1 2QER PHE A 16 ? UNP A3FQ68 ? ? 'cloning artifact' 16 16 
1 2QER GLN A 17 ? UNP A3FQ68 ? ? 'cloning artifact' 17 17 
1 2QER GLY A 18 ? UNP A3FQ68 ? ? 'cloning artifact' 18 18 
# 
loop_
_chem_comp.id 
_chem_comp.type 
_chem_comp.mon_nstd_flag 
_chem_comp.name 
_chem_comp.pdbx_synonyms 
_chem_comp.formula 
_chem_comp.formula_weight 
ALA 'L-peptide linking' y ALANINE         ?                               'C3 H7 N O2'     89.093  
ARG 'L-peptide linking' y ARGININE        ?                               'C6 H15 N4 O2 1' 175.209 
ASN 'L-peptide linking' y ASPARAGINE      ?                               'C4 H8 N2 O3'    132.118 
ASP 'L-peptide linking' y 'ASPARTIC ACID' ?                               'C4 H7 N O4'     133.103 
CYS 'L-peptide linking' y CYSTEINE        ?                               'C3 H7 N O2 S'   121.158 
GLN 'L-peptide linking' y GLUTAMINE       ?                               'C5 H10 N2 O3'   146.144 
GLU 'L-peptide linking' y 'GLUTAMIC ACID' ?                               'C5 H9 N O4'     147.129 
GLY 'peptide linking'   y GLYCINE         ?                               'C2 H5 N O2'     75.067  
GOL non-polymer         . GLYCEROL        'GLYCERIN; PROPANE-1,2,3-TRIOL' 'C3 H8 O3'       92.094  
HIS 'L-peptide linking' y HISTIDINE       ?                               'C6 H10 N3 O2 1' 156.162 
HOH non-polymer         . WATER           ?                               'H2 O'           18.015  
ILE 'L-peptide linking' y ISOLEUCINE      ?                               'C6 H13 N O2'    131.173 
LEU 'L-peptide linking' y LEUCINE         ?                               'C6 H13 N O2'    131.173 
LYS 'L-peptide linking' y LYSINE          ?                               'C6 H15 N2 O2 1' 147.195 
MET 'L-peptide linking' y METHIONINE      ?                               'C5 H11 N O2 S'  149.211 
PHE 'L-peptide linking' y PHENYLALANINE   ?                               'C9 H11 N O2'    165.189 
PRO 'L-peptide linking' y PROLINE         ?                               'C5 H9 N O2'     115.130 
SER 'L-peptide linking' y SERINE          ?                               'C3 H7 N O3'     105.093 
SO4 non-polymer         . 'SULFATE ION'   ?                               'O4 S -2'        96.063  
THR 'L-peptide linking' y THREONINE       ?                               'C4 H9 N O3'     119.119 
TYR 'L-peptide linking' y TYROSINE        ?                               'C9 H11 N O3'    181.189 
VAL 'L-peptide linking' y VALINE          ?                               'C5 H11 N O2'    117.146 
# 
_exptl.entry_id          2QER 
_exptl.method            'X-RAY DIFFRACTION' 
_exptl.crystals_number   1 
# 
_exptl_crystal.id                    1 
_exptl_crystal.density_meas          ? 
_exptl_crystal.density_Matthews      3.53 
_exptl_crystal.density_percent_sol   65.11 
_exptl_crystal.description           ? 
_exptl_crystal.F_000                 ? 
_exptl_crystal.preparation           ? 
# 
_exptl_crystal_grow.crystal_id      1 
_exptl_crystal_grow.method          'VAPOR DIFFUSION, HANGING DROP' 
_exptl_crystal_grow.temp            293 
_exptl_crystal_grow.temp_details    ? 
_exptl_crystal_grow.pH              8.5 
_exptl_crystal_grow.pdbx_details    
'25% PEG 3350, 0.1 M Ammonium sulfate, 0.1 M Tris-HCl pH 8.5, 30 mM ala-pro, VAPOR DIFFUSION, HANGING DROP, temperature 293K' 
_exptl_crystal_grow.pdbx_pH_range   . 
# 
_diffrn.id                     1 
_diffrn.ambient_temp           100 
_diffrn.ambient_temp_details   ? 
_diffrn.crystal_id             1 
# 
_diffrn_detector.diffrn_id              1 
_diffrn_detector.detector               'IMAGE PLATE' 
_diffrn_detector.type                   'RIGAKU RAXIS IV' 
_diffrn_detector.pdbx_collection_date   2007-05-14 
_diffrn_detector.details                ? 
# 
_diffrn_radiation.diffrn_id                        1 
_diffrn_radiation.wavelength_id                    1 
_diffrn_radiation.pdbx_monochromatic_or_laue_m_l   M 
_diffrn_radiation.monochromator                    ? 
_diffrn_radiation.pdbx_diffrn_protocol             'SINGLE WAVELENGTH' 
_diffrn_radiation.pdbx_scattering_type             x-ray 
# 
_diffrn_radiation_wavelength.id           1 
_diffrn_radiation_wavelength.wavelength   1.5418 
_diffrn_radiation_wavelength.wt           1.0 
# 
_diffrn_source.diffrn_id                   1 
_diffrn_source.source                      'ROTATING ANODE' 
_diffrn_source.type                        'RIGAKU FR-E+ DW' 
_diffrn_source.pdbx_synchrotron_site       ? 
_diffrn_source.pdbx_synchrotron_beamline   ? 
_diffrn_source.pdbx_wavelength             ? 
_diffrn_source.pdbx_wavelength_list        1.5418 
# 
_reflns.entry_id                     2QER 
_reflns.observed_criterion_sigma_F   0 
_reflns.observed_criterion_sigma_I   0 
_reflns.d_resolution_high            2.17 
_reflns.d_resolution_low             50 
_reflns.number_all                   16658 
_reflns.number_obs                   16658 
_reflns.percent_possible_obs         99.9 
_reflns.pdbx_Rmerge_I_obs            0.066 
_reflns.pdbx_Rsym_value              0.046 
_reflns.pdbx_netI_over_sigmaI        53.7 
_reflns.B_iso_Wilson_estimate        ? 
_reflns.pdbx_redundancy              13.8 
_reflns.R_free_details               ? 
_reflns.limit_h_max                  ? 
_reflns.limit_h_min                  ? 
_reflns.limit_k_max                  ? 
_reflns.limit_k_min                  ? 
_reflns.limit_l_max                  ? 
_reflns.limit_l_min                  ? 
_reflns.observed_criterion_F_max     ? 
_reflns.observed_criterion_F_min     ? 
_reflns.pdbx_chi_squared             ? 
_reflns.pdbx_scaling_rejects         ? 
_reflns.pdbx_ordinal                 1 
_reflns.pdbx_diffrn_id               1 
# 
_reflns_shell.d_res_high             2.17 
_reflns_shell.d_res_low              2.25 
_reflns_shell.percent_possible_all   100 
_reflns_shell.Rmerge_I_obs           0.516 
_reflns_shell.pdbx_Rsym_value        0.418 
_reflns_shell.meanI_over_sigI_obs    6.2 
_reflns_shell.pdbx_redundancy        13.7 
_reflns_shell.percent_possible_obs   ? 
_reflns_shell.number_unique_all      1608 
_reflns_shell.number_measured_all    ? 
_reflns_shell.number_measured_obs    ? 
_reflns_shell.number_unique_obs      ? 
_reflns_shell.pdbx_chi_squared       ? 
_reflns_shell.pdbx_ordinal           1 
_reflns_shell.pdbx_diffrn_id         1 
# 
_refine.entry_id                                 2QER 
_refine.ls_number_reflns_obs                     15791 
_refine.ls_number_reflns_all                     15797 
_refine.pdbx_ls_sigma_I                          ? 
_refine.pdbx_ls_sigma_F                          ? 
_refine.pdbx_data_cutoff_high_absF               ? 
_refine.pdbx_data_cutoff_low_absF                ? 
_refine.pdbx_data_cutoff_high_rms_absF           ? 
_refine.ls_d_res_low                             24.78 
_refine.ls_d_res_high                            2.17 
_refine.ls_percent_reflns_obs                    99.96 
_refine.ls_R_factor_obs                          0.22707 
_refine.ls_R_factor_all                          0.22700 
_refine.ls_R_factor_R_work                       0.22574 
_refine.ls_R_factor_R_free                       0.25180 
_refine.ls_R_factor_R_free_error                 ? 
_refine.ls_R_factor_R_free_error_details         ? 
_refine.ls_percent_reflns_R_free                 5.1 
_refine.ls_number_reflns_R_free                  842 
_refine.ls_number_parameters                     ? 
_refine.ls_number_restraints                     ? 
_refine.occupancy_min                            ? 
_refine.occupancy_max                            ? 
_refine.correlation_coeff_Fo_to_Fc               0.941 
_refine.correlation_coeff_Fo_to_Fc_free          0.939 
_refine.B_iso_mean                               39.425 
_refine.aniso_B[1][1]                            0.02 
_refine.aniso_B[2][2]                            0.02 
_refine.aniso_B[3][3]                            -0.05 
_refine.aniso_B[1][2]                            0.00 
_refine.aniso_B[1][3]                            0.00 
_refine.aniso_B[2][3]                            0.00 
_refine.solvent_model_details                    MASK 
_refine.solvent_model_param_ksol                 ? 
_refine.solvent_model_param_bsol                 ? 
_refine.pdbx_solvent_vdw_probe_radii             1.40 
_refine.pdbx_solvent_ion_probe_radii             0.80 
_refine.pdbx_solvent_shrinkage_radii             0.80 
_refine.pdbx_ls_cross_valid_method               THROUGHOUT 
_refine.details                                  'HYDROGENS HAVE BEEN ADDED IN THE RIDING POSITIONS' 
_refine.pdbx_starting_model                      'PDB entry 2POE' 
_refine.pdbx_method_to_determine_struct          'MOLECULAR REPLACEMENT' 
_refine.pdbx_isotropic_thermal_model             ? 
_refine.pdbx_stereochemistry_target_values       'MAXIMUM LIKELIHOOD' 
_refine.pdbx_stereochem_target_val_spec_case     ? 
_refine.pdbx_R_Free_selection_details            RANDOM 
_refine.pdbx_overall_ESU_R                       0.184 
_refine.pdbx_overall_ESU_R_Free                  0.165 
_refine.overall_SU_ML                            0.116 
_refine.overall_SU_B                             4.415 
_refine.ls_redundancy_reflns_obs                 ? 
_refine.B_iso_min                                ? 
_refine.B_iso_max                                ? 
_refine.overall_SU_R_Cruickshank_DPI             ? 
_refine.overall_SU_R_free                        ? 
_refine.ls_wR_factor_R_free                      ? 
_refine.ls_wR_factor_R_work                      ? 
_refine.overall_FOM_free_R_set                   ? 
_refine.overall_FOM_work_R_set                   ? 
_refine.pdbx_refine_id                           'X-RAY DIFFRACTION' 
_refine.pdbx_diffrn_id                           1 
_refine.pdbx_TLS_residual_ADP_flag               ? 
_refine.pdbx_overall_phase_error                 ? 
_refine.pdbx_overall_SU_R_free_Cruickshank_DPI   ? 
_refine.pdbx_overall_SU_R_Blow_DPI               ? 
_refine.pdbx_overall_SU_R_free_Blow_DPI          ? 
# 
_refine_hist.pdbx_refine_id                   'X-RAY DIFFRACTION' 
_refine_hist.cycle_id                         LAST 
_refine_hist.pdbx_number_atoms_protein        1241 
_refine_hist.pdbx_number_atoms_nucleic_acid   0 
_refine_hist.pdbx_number_atoms_ligand         36 
_refine_hist.number_atoms_solvent             120 
_refine_hist.number_atoms_total               1397 
_refine_hist.d_res_high                       2.17 
_refine_hist.d_res_low                        24.78 
# 
loop_
_refine_ls_restr.type 
_refine_ls_restr.dev_ideal 
_refine_ls_restr.dev_ideal_target 
_refine_ls_restr.weight 
_refine_ls_restr.number 
_refine_ls_restr.pdbx_refine_id 
_refine_ls_restr.pdbx_restraint_function 
r_bond_refined_d             0.008  0.022  ? 1300 'X-RAY DIFFRACTION' ? 
r_bond_other_d               ?      ?      ? ?    'X-RAY DIFFRACTION' ? 
r_angle_refined_deg          1.077  1.980  ? 1746 'X-RAY DIFFRACTION' ? 
r_angle_other_deg            ?      ?      ? ?    'X-RAY DIFFRACTION' ? 
r_dihedral_angle_1_deg       5.637  5.000  ? 157  'X-RAY DIFFRACTION' ? 
r_dihedral_angle_2_deg       34.120 24.828 ? 58   'X-RAY DIFFRACTION' ? 
r_dihedral_angle_3_deg       12.997 15.000 ? 221  'X-RAY DIFFRACTION' ? 
r_dihedral_angle_4_deg       2.744  15.000 ? 4    'X-RAY DIFFRACTION' ? 
r_chiral_restr               0.060  0.200  ? 184  'X-RAY DIFFRACTION' ? 
r_gen_planes_refined         0.003  0.020  ? 972  'X-RAY DIFFRACTION' ? 
r_gen_planes_other           ?      ?      ? ?    'X-RAY DIFFRACTION' ? 
r_nbd_refined                0.184  0.200  ? 587  'X-RAY DIFFRACTION' ? 
r_nbd_other                  ?      ?      ? ?    'X-RAY DIFFRACTION' ? 
r_nbtor_refined              0.304  0.200  ? 874  'X-RAY DIFFRACTION' ? 
r_nbtor_other                ?      ?      ? ?    'X-RAY DIFFRACTION' ? 
r_xyhbond_nbd_refined        0.112  0.200  ? 122  'X-RAY DIFFRACTION' ? 
r_xyhbond_nbd_other          ?      ?      ? ?    'X-RAY DIFFRACTION' ? 
r_metal_ion_refined          ?      ?      ? ?    'X-RAY DIFFRACTION' ? 
r_metal_ion_other            ?      ?      ? ?    'X-RAY DIFFRACTION' ? 
r_symmetry_vdw_refined       0.169  0.200  ? 34   'X-RAY DIFFRACTION' ? 
r_symmetry_vdw_other         ?      ?      ? ?    'X-RAY DIFFRACTION' ? 
r_symmetry_hbond_refined     0.254  0.200  ? 11   'X-RAY DIFFRACTION' ? 
r_symmetry_hbond_other       ?      ?      ? ?    'X-RAY DIFFRACTION' ? 
r_symmetry_metal_ion_refined ?      ?      ? ?    'X-RAY DIFFRACTION' ? 
r_symmetry_metal_ion_other   ?      ?      ? ?    'X-RAY DIFFRACTION' ? 
r_mcbond_it                  0.572  1.500  ? 822  'X-RAY DIFFRACTION' ? 
r_mcbond_other               ?      ?      ? ?    'X-RAY DIFFRACTION' ? 
r_mcangle_it                 1.022  2.000  ? 1272 'X-RAY DIFFRACTION' ? 
r_scbond_it                  1.211  3.000  ? 547  'X-RAY DIFFRACTION' ? 
r_scangle_it                 1.836  4.500  ? 474  'X-RAY DIFFRACTION' ? 
r_rigid_bond_restr           ?      ?      ? ?    'X-RAY DIFFRACTION' ? 
r_sphericity_free            ?      ?      ? ?    'X-RAY DIFFRACTION' ? 
r_sphericity_bonded          ?      ?      ? ?    'X-RAY DIFFRACTION' ? 
# 
_refine_ls_shell.pdbx_total_number_of_bins_used   20 
_refine_ls_shell.d_res_high                       2.170 
_refine_ls_shell.d_res_low                        2.226 
_refine_ls_shell.number_reflns_R_work             1144 
_refine_ls_shell.R_factor_R_work                  0.282 
_refine_ls_shell.percent_reflns_obs               99.59 
_refine_ls_shell.R_factor_R_free                  0.319 
_refine_ls_shell.R_factor_R_free_error            ? 
_refine_ls_shell.percent_reflns_R_free            ? 
_refine_ls_shell.number_reflns_R_free             63 
_refine_ls_shell.number_reflns_all                ? 
_refine_ls_shell.R_factor_all                     ? 
_refine_ls_shell.number_reflns_obs                1144 
_refine_ls_shell.redundancy_reflns_obs            ? 
_refine_ls_shell.pdbx_refine_id                   'X-RAY DIFFRACTION' 
# 
_struct.entry_id                  2QER 
_struct.title                     
;Crystal structure of Cryptosporidium parvum cyclophilin type peptidyl-prolyl cis-trans isomerase cgd2_1660 in the presence of dipeptide ala-pro
;
_struct.pdbx_model_details        ? 
_struct.pdbx_CASP_flag            N 
_struct.pdbx_model_type_details   ? 
# 
_struct_keywords.entry_id        2QER 
_struct_keywords.pdbx_keywords   ISOMERASE 
_struct_keywords.text            
'cryptosporidium, parvum, malaria, cyclophilin, Structural Genomics, Structural Genomics Consortium, SGC, ISOMERASE' 
# 
loop_
_struct_asym.id 
_struct_asym.pdbx_blank_PDB_chainid_flag 
_struct_asym.pdbx_modified 
_struct_asym.entity_id 
_struct_asym.details 
A N N 1 ? 
B N N 2 ? 
C N N 3 ? 
D N N 4 ? 
E N N 5 ? 
F N N 5 ? 
G N N 5 ? 
H N N 6 ? 
# 
_struct_biol.id   1 
# 
loop_
_struct_conf.conf_type_id 
_struct_conf.id 
_struct_conf.pdbx_PDB_helix_id 
_struct_conf.beg_label_comp_id 
_struct_conf.beg_label_asym_id 
_struct_conf.beg_label_seq_id 
_struct_conf.pdbx_beg_PDB_ins_code 
_struct_conf.end_label_comp_id 
_struct_conf.end_label_asym_id 
_struct_conf.end_label_seq_id 
_struct_conf.pdbx_end_PDB_ins_code 
_struct_conf.beg_auth_comp_id 
_struct_conf.beg_auth_asym_id 
_struct_conf.beg_auth_seq_id 
_struct_conf.end_auth_comp_id 
_struct_conf.end_auth_asym_id 
_struct_conf.end_auth_seq_id 
_struct_conf.pdbx_PDB_helix_class 
_struct_conf.details 
_struct_conf.pdbx_PDB_helix_length 
HELX_P HELX_P1 1 CYS A 37  ? SER A 50  ? CYS A 37  SER A 50  1 ? 14 
HELX_P HELX_P2 2 LEU A 128 ? ASN A 132 ? LEU A 128 ASN A 132 5 ? 5  
HELX_P HELX_P3 3 GLY A 144 ? ASN A 153 ? GLY A 144 ASN A 153 1 ? 10 
# 
_struct_conf_type.id          HELX_P 
_struct_conf_type.criteria    ? 
_struct_conf_type.reference   ? 
# 
_struct_conn.id                            covale1 
_struct_conn.conn_type_id                  covale 
_struct_conn.pdbx_leaving_atom_flag        both 
_struct_conn.pdbx_PDB_id                   ? 
_struct_conn.ptnr1_label_asym_id           C 
_struct_conn.ptnr1_label_comp_id           ALA 
_struct_conn.ptnr1_label_seq_id            . 
_struct_conn.ptnr1_label_atom_id           C 
_struct_conn.pdbx_ptnr1_label_alt_id       ? 
_struct_conn.pdbx_ptnr1_PDB_ins_code       ? 
_struct_conn.pdbx_ptnr1_standard_comp_id   ? 
_struct_conn.ptnr1_symmetry                1_555 
_struct_conn.ptnr2_label_asym_id           D 
_struct_conn.ptnr2_label_comp_id           PRO 
_struct_conn.ptnr2_label_seq_id            . 
_struct_conn.ptnr2_label_atom_id           N 
_struct_conn.pdbx_ptnr2_label_alt_id       ? 
_struct_conn.pdbx_ptnr2_PDB_ins_code       ? 
_struct_conn.ptnr1_auth_asym_id            A 
_struct_conn.ptnr1_auth_comp_id            ALA 
_struct_conn.ptnr1_auth_seq_id             187 
_struct_conn.ptnr2_auth_asym_id            A 
_struct_conn.ptnr2_auth_comp_id            PRO 
_struct_conn.ptnr2_auth_seq_id             188 
_struct_conn.ptnr2_symmetry                1_555 
_struct_conn.pdbx_ptnr3_label_atom_id      ? 
_struct_conn.pdbx_ptnr3_label_seq_id       ? 
_struct_conn.pdbx_ptnr3_label_comp_id      ? 
_struct_conn.pdbx_ptnr3_label_asym_id      ? 
_struct_conn.pdbx_ptnr3_label_alt_id       ? 
_struct_conn.pdbx_ptnr3_PDB_ins_code       ? 
_struct_conn.details                       ? 
_struct_conn.pdbx_dist_value               1.355 
_struct_conn.pdbx_value_order              ? 
_struct_conn.pdbx_role                     ? 
# 
_struct_conn_type.id          covale 
_struct_conn_type.criteria    ? 
_struct_conn_type.reference   ? 
# 
_struct_sheet.id               A 
_struct_sheet.type             ? 
_struct_sheet.number_strands   9 
_struct_sheet.details          ? 
# 
loop_
_struct_sheet_order.sheet_id 
_struct_sheet_order.range_id_1 
_struct_sheet_order.range_id_2 
_struct_sheet_order.offset 
_struct_sheet_order.sense 
A 1 2 ? anti-parallel 
A 2 3 ? anti-parallel 
A 3 4 ? anti-parallel 
A 4 5 ? anti-parallel 
A 5 6 ? anti-parallel 
A 6 7 ? anti-parallel 
A 7 8 ? anti-parallel 
A 8 9 ? anti-parallel 
# 
loop_
_struct_sheet_range.sheet_id 
_struct_sheet_range.id 
_struct_sheet_range.beg_label_comp_id 
_struct_sheet_range.beg_label_asym_id 
_struct_sheet_range.beg_label_seq_id 
_struct_sheet_range.pdbx_beg_PDB_ins_code 
_struct_sheet_range.end_label_comp_id 
_struct_sheet_range.end_label_asym_id 
_struct_sheet_range.end_label_seq_id 
_struct_sheet_range.pdbx_end_PDB_ins_code 
_struct_sheet_range.beg_auth_comp_id 
_struct_sheet_range.beg_auth_asym_id 
_struct_sheet_range.beg_auth_seq_id 
_struct_sheet_range.end_auth_comp_id 
_struct_sheet_range.end_auth_asym_id 
_struct_sheet_range.end_auth_seq_id 
A 1 GLY A 18  ? THR A 23  ? GLY A 18  THR A 23  
A 2 GLY A 26  ? LEU A 32  ? GLY A 26  LEU A 32  
A 3 ILE A 137 ? ASP A 143 ? ILE A 137 ASP A 143 
A 4 ILE A 102 ? MET A 105 ? ILE A 102 MET A 105 
A 5 PHE A 121 ? THR A 124 ? PHE A 121 THR A 124 
A 6 ILE A 66  ? GLY A 69  ? ILE A 66  GLY A 69  
A 7 THR A 56  ? ASN A 61  ? THR A 56  ASN A 61  
A 8 ILE A 167 ? HIS A 174 ? ILE A 167 HIS A 174 
A 9 GLY A 18  ? THR A 23  ? GLY A 18  THR A 23  
# 
loop_
_pdbx_struct_sheet_hbond.sheet_id 
_pdbx_struct_sheet_hbond.range_id_1 
_pdbx_struct_sheet_hbond.range_id_2 
_pdbx_struct_sheet_hbond.range_1_label_atom_id 
_pdbx_struct_sheet_hbond.range_1_label_comp_id 
_pdbx_struct_sheet_hbond.range_1_label_asym_id 
_pdbx_struct_sheet_hbond.range_1_label_seq_id 
_pdbx_struct_sheet_hbond.range_1_PDB_ins_code 
_pdbx_struct_sheet_hbond.range_1_auth_atom_id 
_pdbx_struct_sheet_hbond.range_1_auth_comp_id 
_pdbx_struct_sheet_hbond.range_1_auth_asym_id 
_pdbx_struct_sheet_hbond.range_1_auth_seq_id 
_pdbx_struct_sheet_hbond.range_2_label_atom_id 
_pdbx_struct_sheet_hbond.range_2_label_comp_id 
_pdbx_struct_sheet_hbond.range_2_label_asym_id 
_pdbx_struct_sheet_hbond.range_2_label_seq_id 
_pdbx_struct_sheet_hbond.range_2_PDB_ins_code 
_pdbx_struct_sheet_hbond.range_2_auth_atom_id 
_pdbx_struct_sheet_hbond.range_2_auth_comp_id 
_pdbx_struct_sheet_hbond.range_2_auth_asym_id 
_pdbx_struct_sheet_hbond.range_2_auth_seq_id 
A 1 2 N ILE A 21  ? N ILE A 21  O LEU A 28  ? O LEU A 28  
A 2 3 N LYS A 29  ? N LYS A 29  O ILE A 142 ? O ILE A 142 
A 3 4 O PHE A 138 ? O PHE A 138 N LEU A 103 ? N LEU A 103 
A 4 5 N SER A 104 ? N SER A 104 O PHE A 122 ? O PHE A 122 
A 5 6 O ILE A 123 ? O ILE A 123 N ILE A 67  ? N ILE A 67  
A 6 7 O GLN A 68  ? O GLN A 68  N LYS A 60  ? N LYS A 60  
A 7 8 N THR A 56  ? N THR A 56  O ILE A 168 ? O ILE A 168 
A 8 9 O LYS A 169 ? O LYS A 169 N ILE A 22  ? N ILE A 22  
# 
loop_
_struct_site.id 
_struct_site.pdbx_evidence_code 
_struct_site.pdbx_auth_asym_id 
_struct_site.pdbx_auth_comp_id 
_struct_site.pdbx_auth_seq_id 
_struct_site.pdbx_auth_ins_code 
_struct_site.pdbx_num_residues 
_struct_site.details 
AC1 Software A SO4 186 ? 6 'BINDING SITE FOR RESIDUE SO4 A 186' 
AC2 Software A ALA 187 ? 6 'BINDING SITE FOR RESIDUE ALA A 187' 
AC3 Software A PRO 188 ? 3 'BINDING SITE FOR RESIDUE PRO A 188' 
AC4 Software A GOL 189 ? 8 'BINDING SITE FOR RESIDUE GOL A 189' 
AC5 Software A GOL 190 ? 8 'BINDING SITE FOR RESIDUE GOL A 190' 
AC6 Software A GOL 191 ? 6 'BINDING SITE FOR RESIDUE GOL A 191' 
# 
loop_
_struct_site_gen.id 
_struct_site_gen.site_id 
_struct_site_gen.pdbx_num_res 
_struct_site_gen.label_comp_id 
_struct_site_gen.label_asym_id 
_struct_site_gen.label_seq_id 
_struct_site_gen.pdbx_auth_ins_code 
_struct_site_gen.auth_comp_id 
_struct_site_gen.auth_asym_id 
_struct_site_gen.auth_seq_id 
_struct_site_gen.label_atom_id 
_struct_site_gen.label_alt_id 
_struct_site_gen.symmetry 
_struct_site_gen.details 
1  AC1 6 PHE A 33  ? PHE A 33  . ? 1_555 ? 
2  AC1 6 GLU A 94  ? GLU A 94  . ? 1_555 ? 
3  AC1 6 LYS A 96  ? LYS A 96  . ? 1_555 ? 
4  AC1 6 ASP A 98  ? ASP A 98  . ? 1_555 ? 
5  AC1 6 ARG A 99  ? ARG A 99  . ? 1_555 ? 
6  AC1 6 ILE A 102 ? ILE A 102 . ? 1_555 ? 
7  AC2 6 GLN A 68  ? GLN A 68  . ? 1_555 ? 
8  AC2 6 ALA A 106 ? ALA A 106 . ? 1_555 ? 
9  AC2 6 SER A 107 ? SER A 107 . ? 1_555 ? 
10 AC2 6 TYR A 135 ? TYR A 135 . ? 1_555 ? 
11 AC2 6 PRO D .   ? PRO A 188 . ? 1_555 ? 
12 AC2 6 HOH H .   ? HOH A 276 . ? 1_555 ? 
13 AC3 3 LYS A 60  ? LYS A 60  . ? 1_555 ? 
14 AC3 3 TYR A 135 ? TYR A 135 . ? 1_555 ? 
15 AC3 3 ALA C .   ? ALA A 187 . ? 1_555 ? 
16 AC4 8 GLU A 90  ? GLU A 90  . ? 1_555 ? 
17 AC4 8 ILE A 91  ? ILE A 91  . ? 1_555 ? 
18 AC4 8 TYR A 92  ? TYR A 92  . ? 1_555 ? 
19 AC4 8 LEU A 95  ? LEU A 95  . ? 1_555 ? 
20 AC4 8 GLY A 133 ? GLY A 133 . ? 1_555 ? 
21 AC4 8 TYR A 135 ? TYR A 135 . ? 1_555 ? 
22 AC4 8 VAL A 136 ? VAL A 136 . ? 1_555 ? 
23 AC4 8 ILE A 137 ? ILE A 137 . ? 1_555 ? 
24 AC5 8 SER A 48  ? SER A 48  . ? 1_555 ? 
25 AC5 8 ALA A 49  ? ALA A 49  . ? 1_555 ? 
26 AC5 8 SER A 50  ? SER A 50  . ? 1_555 ? 
27 AC5 8 GLY A 51  ? GLY A 51  . ? 1_555 ? 
28 AC5 8 LYS A 54  ? LYS A 54  . ? 1_555 ? 
29 AC5 8 GLN A 130 ? GLN A 130 . ? 6_454 ? 
30 AC5 8 ASP A 170 ? ASP A 170 . ? 1_555 ? 
31 AC5 8 GOL G .   ? GOL A 191 . ? 8_554 ? 
32 AC6 6 ALA A 49  ? ALA A 49  . ? 8_554 ? 
33 AC6 6 ILE A 173 ? ILE A 173 . ? 1_555 ? 
34 AC6 6 HIS A 174 ? HIS A 174 . ? 1_555 ? 
35 AC6 6 SER A 175 ? SER A 175 . ? 1_555 ? 
36 AC6 6 GOL F .   ? GOL A 190 . ? 8_554 ? 
37 AC6 6 HOH H .   ? HOH A 279 . ? 1_555 ? 
# 
_atom_sites.entry_id                    2QER 
_atom_sites.fract_transf_matrix[1][1]   -0.00747713 
_atom_sites.fract_transf_matrix[1][2]   -0.01239044 
_atom_sites.fract_transf_matrix[1][3]   -0.00057177 
_atom_sites.fract_transf_matrix[2][1]   -0.01240267 
_atom_sites.fract_transf_matrix[2][2]   0.00746030 
_atom_sites.fract_transf_matrix[2][3]   0.00052442 
_atom_sites.fract_transf_matrix[3][1]   -0.00008539 
_atom_sites.fract_transf_matrix[3][2]   0.00042127 
_atom_sites.fract_transf_matrix[3][3]   -0.00801248 
_atom_sites.fract_transf_vector[1]      -0.205436 
_atom_sites.fract_transf_vector[2]      0.279400 
_atom_sites.fract_transf_vector[3]      -0.124086 
# 
loop_
_atom_type.symbol 
C 
N 
O 
S 
# 
loop_
_atom_site.group_PDB 
_atom_site.id 
_atom_site.type_symbol 
_atom_site.label_atom_id 
_atom_site.label_alt_id 
_atom_site.label_comp_id 
_atom_site.label_asym_id 
_atom_site.label_entity_id 
_atom_site.label_seq_id 
_atom_site.pdbx_PDB_ins_code 
_atom_site.Cartn_x 
_atom_site.Cartn_y 
_atom_site.Cartn_z 
_atom_site.occupancy 
_atom_site.B_iso_or_equiv 
_atom_site.pdbx_formal_charge 
_atom_site.auth_seq_id 
_atom_site.auth_comp_id 
_atom_site.auth_asym_id 
_atom_site.auth_atom_id 
_atom_site.pdbx_PDB_model_num 
ATOM   1    N N   . GLN A 1 17  ? -5.215  0.817   15.231  1.00 35.73  ? 17  GLN A N   1 
ATOM   2    C CA  . GLN A 1 17  ? -4.649  2.174   14.907  1.00 35.27  ? 17  GLN A CA  1 
ATOM   3    C C   . GLN A 1 17  ? -5.037  2.633   13.510  1.00 35.27  ? 17  GLN A C   1 
ATOM   4    O O   . GLN A 1 17  ? -5.239  1.820   12.611  1.00 34.82  ? 17  GLN A O   1 
ATOM   5    C CB  . GLN A 1 17  ? -3.121  2.186   15.024  1.00 35.27  ? 17  GLN A CB  1 
ATOM   6    C CG  . GLN A 1 17  ? -2.593  2.145   16.454  1.00 35.45  ? 17  GLN A CG  1 
ATOM   7    C CD  . GLN A 1 17  ? -1.090  2.308   16.523  1.00 34.74  ? 17  GLN A CD  1 
ATOM   8    O OE1 . GLN A 1 17  ? -0.540  3.377   16.267  1.00 37.53  ? 17  GLN A OE1 1 
ATOM   9    N NE2 . GLN A 1 17  ? -0.423  1.254   16.878  1.00 36.34  ? 17  GLN A NE2 1 
ATOM   10   N N   . GLY A 1 18  ? -5.117  3.947   13.335  1.00 35.39  ? 18  GLY A N   1 
ATOM   11   C CA  . GLY A 1 18  ? -5.384  4.526   12.027  1.00 35.74  ? 18  GLY A CA  1 
ATOM   12   C C   . GLY A 1 18  ? -4.240  5.362   11.493  1.00 36.02  ? 18  GLY A C   1 
ATOM   13   O O   . GLY A 1 18  ? -3.553  6.059   12.246  1.00 35.84  ? 18  GLY A O   1 
ATOM   14   N N   . VAL A 1 19  ? -4.033  5.270   10.184  1.00 36.20  ? 19  VAL A N   1 
ATOM   15   C CA  . VAL A 1 19  ? -3.085  6.119   9.475   1.00 36.69  ? 19  VAL A CA  1 
ATOM   16   C C   . VAL A 1 19  ? -3.787  6.895   8.363   1.00 37.24  ? 19  VAL A C   1 
ATOM   17   O O   . VAL A 1 19  ? -4.830  6.470   7.850   1.00 37.50  ? 19  VAL A O   1 
ATOM   18   C CB  . VAL A 1 19  ? -1.895  5.310   8.883   1.00 36.57  ? 19  VAL A CB  1 
ATOM   19   C CG1 . VAL A 1 19  ? -1.011  4.783   10.003  1.00 36.31  ? 19  VAL A CG1 1 
ATOM   20   C CG2 . VAL A 1 19  ? -2.385  4.171   7.982   1.00 36.54  ? 19  VAL A CG2 1 
ATOM   21   N N   . ARG A 1 20  ? -3.203  8.025   7.991   1.00 37.58  ? 20  ARG A N   1 
ATOM   22   C CA  . ARG A 1 20  ? -3.723  8.856   6.921   1.00 37.95  ? 20  ARG A CA  1 
ATOM   23   C C   . ARG A 1 20  ? -2.638  9.069   5.870   1.00 37.78  ? 20  ARG A C   1 
ATOM   24   O O   . ARG A 1 20  ? -1.583  9.630   6.163   1.00 37.94  ? 20  ARG A O   1 
ATOM   25   C CB  . ARG A 1 20  ? -4.213  10.181  7.503   1.00 38.20  ? 20  ARG A CB  1 
ATOM   26   C CG  . ARG A 1 20  ? -4.926  11.105  6.529   1.00 40.22  ? 20  ARG A CG  1 
ATOM   27   C CD  . ARG A 1 20  ? -5.747  12.169  7.274   1.00 42.88  ? 20  ARG A CD  1 
ATOM   28   N NE  . ARG A 1 20  ? -4.981  12.856  8.317   1.00 44.44  ? 20  ARG A NE  1 
ATOM   29   C CZ  . ARG A 1 20  ? -4.274  13.968  8.133   1.00 45.98  ? 20  ARG A CZ  1 
ATOM   30   N NH1 . ARG A 1 20  ? -3.615  14.501  9.152   1.00 47.31  ? 20  ARG A NH1 1 
ATOM   31   N NH2 . ARG A 1 20  ? -4.218  14.550  6.940   1.00 46.81  ? 20  ARG A NH2 1 
ATOM   32   N N   . ILE A 1 21  ? -2.891  8.589   4.656   1.00 37.71  ? 21  ILE A N   1 
ATOM   33   C CA  . ILE A 1 21  ? -1.999  8.834   3.531   1.00 37.66  ? 21  ILE A CA  1 
ATOM   34   C C   . ILE A 1 21  ? -2.446  10.125  2.842   1.00 37.96  ? 21  ILE A C   1 
ATOM   35   O O   . ILE A 1 21  ? -3.566  10.216  2.337   1.00 37.67  ? 21  ILE A O   1 
ATOM   36   C CB  . ILE A 1 21  ? -1.969  7.658   2.519   1.00 37.57  ? 21  ILE A CB  1 
ATOM   37   C CG1 . ILE A 1 21  ? -1.510  6.359   3.205   1.00 37.72  ? 21  ILE A CG1 1 
ATOM   38   C CG2 . ILE A 1 21  ? -1.062  7.995   1.320   1.00 37.63  ? 21  ILE A CG2 1 
ATOM   39   C CD1 . ILE A 1 21  ? -1.468  5.142   2.288   1.00 37.32  ? 21  ILE A CD1 1 
ATOM   40   N N   . ILE A 1 22  ? -1.556  11.113  2.847   1.00 38.24  ? 22  ILE A N   1 
ATOM   41   C CA  . ILE A 1 22  ? -1.842  12.436  2.305   1.00 38.52  ? 22  ILE A CA  1 
ATOM   42   C C   . ILE A 1 22  ? -1.268  12.523  0.895   1.00 38.82  ? 22  ILE A C   1 
ATOM   43   O O   . ILE A 1 22  ? -0.050  12.463  0.707   1.00 38.60  ? 22  ILE A O   1 
ATOM   44   C CB  . ILE A 1 22  ? -1.256  13.556  3.207   1.00 38.49  ? 22  ILE A CB  1 
ATOM   45   C CG1 . ILE A 1 22  ? -1.690  13.351  4.666   1.00 38.27  ? 22  ILE A CG1 1 
ATOM   46   C CG2 . ILE A 1 22  ? -1.687  14.940  2.701   1.00 38.73  ? 22  ILE A CG2 1 
ATOM   47   C CD1 . ILE A 1 22  ? -0.892  14.153  5.692   1.00 38.57  ? 22  ILE A CD1 1 
ATOM   48   N N   . THR A 1 23  ? -2.156  12.638  -0.092  1.00 39.21  ? 23  THR A N   1 
ATOM   49   C CA  . THR A 1 23  ? -1.751  12.712  -1.496  1.00 39.82  ? 23  THR A CA  1 
ATOM   50   C C   . THR A 1 23  ? -2.123  14.058  -2.121  1.00 40.32  ? 23  THR A C   1 
ATOM   51   O O   . THR A 1 23  ? -2.919  14.819  -1.555  1.00 40.21  ? 23  THR A O   1 
ATOM   52   C CB  . THR A 1 23  ? -2.371  11.567  -2.368  1.00 39.85  ? 23  THR A CB  1 
ATOM   53   O OG1 . THR A 1 23  ? -3.728  11.886  -2.701  1.00 39.23  ? 23  THR A OG1 1 
ATOM   54   C CG2 . THR A 1 23  ? -2.310  10.206  -1.656  1.00 39.35  ? 23  THR A CG2 1 
ATOM   55   N N   . ASN A 1 24  ? -1.559  14.334  -3.297  1.00 40.97  ? 24  ASN A N   1 
ATOM   56   C CA  . ASN A 1 24  ? -1.915  15.537  -4.056  1.00 41.59  ? 24  ASN A CA  1 
ATOM   57   C C   . ASN A 1 24  ? -3.328  15.485  -4.647  1.00 41.89  ? 24  ASN A C   1 
ATOM   58   O O   . ASN A 1 24  ? -3.728  16.384  -5.394  1.00 42.41  ? 24  ASN A O   1 
ATOM   59   C CB  . ASN A 1 24  ? -0.865  15.854  -5.134  1.00 41.41  ? 24  ASN A CB  1 
ATOM   60   C CG  . ASN A 1 24  ? -0.628  14.700  -6.099  1.00 41.54  ? 24  ASN A CG  1 
ATOM   61   O OD1 . ASN A 1 24  ? -0.943  13.545  -5.807  1.00 39.42  ? 24  ASN A OD1 1 
ATOM   62   N ND2 . ASN A 1 24  ? -0.042  15.013  -7.254  1.00 40.89  ? 24  ASN A ND2 1 
ATOM   63   N N   . TYR A 1 25  ? -4.079  14.441  -4.292  1.00 41.90  ? 25  TYR A N   1 
ATOM   64   C CA  . TYR A 1 25  ? -5.473  14.289  -4.715  1.00 41.72  ? 25  TYR A CA  1 
ATOM   65   C C   . TYR A 1 25  ? -6.443  14.125  -3.541  1.00 41.47  ? 25  TYR A C   1 
ATOM   66   O O   . TYR A 1 25  ? -7.631  13.860  -3.749  1.00 41.67  ? 25  TYR A O   1 
ATOM   67   C CB  . TYR A 1 25  ? -5.621  13.103  -5.667  1.00 42.10  ? 25  TYR A CB  1 
ATOM   68   C CG  . TYR A 1 25  ? -5.028  13.315  -7.041  1.00 42.40  ? 25  TYR A CG  1 
ATOM   69   C CD1 . TYR A 1 25  ? -3.727  12.914  -7.326  1.00 42.22  ? 25  TYR A CD1 1 
ATOM   70   C CD2 . TYR A 1 25  ? -5.778  13.907  -8.062  1.00 42.87  ? 25  TYR A CD2 1 
ATOM   71   C CE1 . TYR A 1 25  ? -3.179  13.105  -8.591  1.00 42.46  ? 25  TYR A CE1 1 
ATOM   72   C CE2 . TYR A 1 25  ? -5.238  14.103  -9.331  1.00 42.68  ? 25  TYR A CE2 1 
ATOM   73   C CZ  . TYR A 1 25  ? -3.940  13.698  -9.585  1.00 42.79  ? 25  TYR A CZ  1 
ATOM   74   O OH  . TYR A 1 25  ? -3.402  13.883  -10.835 1.00 43.87  ? 25  TYR A OH  1 
ATOM   75   N N   . GLY A 1 26  ? -5.942  14.288  -2.315  1.00 40.97  ? 26  GLY A N   1 
ATOM   76   C CA  . GLY A 1 26  ? -6.761  14.098  -1.112  1.00 40.04  ? 26  GLY A CA  1 
ATOM   77   C C   . GLY A 1 26  ? -6.234  13.010  -0.183  1.00 39.36  ? 26  GLY A C   1 
ATOM   78   O O   . GLY A 1 26  ? -5.242  12.348  -0.487  1.00 38.95  ? 26  GLY A O   1 
ATOM   79   N N   . ASP A 1 27  ? -6.927  12.814  0.938   1.00 38.86  ? 27  ASP A N   1 
ATOM   80   C CA  . ASP A 1 27  ? -6.467  11.932  2.012   1.00 38.41  ? 27  ASP A CA  1 
ATOM   81   C C   . ASP A 1 27  ? -7.122  10.549  1.994   1.00 37.91  ? 27  ASP A C   1 
ATOM   82   O O   . ASP A 1 27  ? -8.316  10.418  1.707   1.00 37.70  ? 27  ASP A O   1 
ATOM   83   C CB  . ASP A 1 27  ? -6.717  12.585  3.379   1.00 38.63  ? 27  ASP A CB  1 
ATOM   84   C CG  . ASP A 1 27  ? -5.834  13.796  3.634   1.00 39.28  ? 27  ASP A CG  1 
ATOM   85   O OD1 . ASP A 1 27  ? -5.021  14.161  2.761   1.00 40.96  ? 27  ASP A OD1 1 
ATOM   86   O OD2 . ASP A 1 27  ? -5.953  14.389  4.730   1.00 40.93  ? 27  ASP A OD2 1 
ATOM   87   N N   . LEU A 1 28  ? -6.331  9.529   2.327   1.00 36.98  ? 28  LEU A N   1 
ATOM   88   C CA  . LEU A 1 28  ? -6.823  8.161   2.480   1.00 36.09  ? 28  LEU A CA  1 
ATOM   89   C C   . LEU A 1 28  ? -6.613  7.681   3.913   1.00 35.77  ? 28  LEU A C   1 
ATOM   90   O O   . LEU A 1 28  ? -5.479  7.616   4.386   1.00 35.78  ? 28  LEU A O   1 
ATOM   91   C CB  . LEU A 1 28  ? -6.098  7.226   1.513   1.00 35.84  ? 28  LEU A CB  1 
ATOM   92   C CG  . LEU A 1 28  ? -6.263  7.476   0.011   1.00 36.37  ? 28  LEU A CG  1 
ATOM   93   C CD1 . LEU A 1 28  ? -5.146  6.793   -0.761  1.00 36.29  ? 28  LEU A CD1 1 
ATOM   94   C CD2 . LEU A 1 28  ? -7.636  7.015   -0.479  1.00 36.51  ? 28  LEU A CD2 1 
ATOM   95   N N   . LYS A 1 29  ? -7.699  7.348   4.604   1.00 35.29  ? 29  LYS A N   1 
ATOM   96   C CA  . LYS A 1 29  ? -7.594  6.861   5.975   1.00 35.03  ? 29  LYS A CA  1 
ATOM   97   C C   . LYS A 1 29  ? -7.722  5.343   6.057   1.00 34.30  ? 29  LYS A C   1 
ATOM   98   O O   . LYS A 1 29  ? -8.704  4.764   5.591   1.00 34.32  ? 29  LYS A O   1 
ATOM   99   C CB  . LYS A 1 29  ? -8.602  7.547   6.903   1.00 35.37  ? 29  LYS A CB  1 
ATOM   100  C CG  . LYS A 1 29  ? -8.213  7.476   8.374   1.00 36.52  ? 29  LYS A CG  1 
ATOM   101  C CD  . LYS A 1 29  ? -9.414  7.605   9.299   1.00 39.49  ? 29  LYS A CD  1 
ATOM   102  C CE  . LYS A 1 29  ? -9.762  9.054   9.607   1.00 42.17  ? 29  LYS A CE  1 
ATOM   103  N NZ  . LYS A 1 29  ? -11.003 9.155   10.436  1.00 44.47  ? 29  LYS A NZ  1 
ATOM   104  N N   . PHE A 1 30  ? -6.716  4.713   6.656   1.00 33.28  ? 30  PHE A N   1 
ATOM   105  C CA  . PHE A 1 30  ? -6.667  3.262   6.789   1.00 32.34  ? 30  PHE A CA  1 
ATOM   106  C C   . PHE A 1 30  ? -6.702  2.819   8.240   1.00 32.28  ? 30  PHE A C   1 
ATOM   107  O O   . PHE A 1 30  ? -6.077  3.434   9.101   1.00 32.13  ? 30  PHE A O   1 
ATOM   108  C CB  . PHE A 1 30  ? -5.398  2.713   6.141   1.00 31.91  ? 30  PHE A CB  1 
ATOM   109  C CG  . PHE A 1 30  ? -5.405  2.768   4.649   1.00 31.42  ? 30  PHE A CG  1 
ATOM   110  C CD1 . PHE A 1 30  ? -4.921  3.887   3.979   1.00 30.27  ? 30  PHE A CD1 1 
ATOM   111  C CD2 . PHE A 1 30  ? -5.903  1.698   3.906   1.00 30.60  ? 30  PHE A CD2 1 
ATOM   112  C CE1 . PHE A 1 30  ? -4.930  3.939   2.588   1.00 30.06  ? 30  PHE A CE1 1 
ATOM   113  C CE2 . PHE A 1 30  ? -5.911  1.738   2.518   1.00 30.10  ? 30  PHE A CE2 1 
ATOM   114  C CZ  . PHE A 1 30  ? -5.421  2.863   1.854   1.00 30.51  ? 30  PHE A CZ  1 
ATOM   115  N N   . GLU A 1 31  ? -7.438  1.747   8.508   1.00 32.09  ? 31  GLU A N   1 
ATOM   116  C CA  . GLU A 1 31  ? -7.331  1.061   9.786   1.00 32.22  ? 31  GLU A CA  1 
ATOM   117  C C   . GLU A 1 31  ? -6.275  -0.023  9.616   1.00 31.09  ? 31  GLU A C   1 
ATOM   118  O O   . GLU A 1 31  ? -6.302  -0.753  8.634   1.00 30.94  ? 31  GLU A O   1 
ATOM   119  C CB  . GLU A 1 31  ? -8.670  0.446   10.183  1.00 32.18  ? 31  GLU A CB  1 
ATOM   120  C CG  . GLU A 1 31  ? -8.615  -0.476  11.403  1.00 33.90  ? 31  GLU A CG  1 
ATOM   121  C CD  . GLU A 1 31  ? -9.894  -1.281  11.582  1.00 34.62  ? 31  GLU A CD  1 
ATOM   122  O OE1 . GLU A 1 31  ? -10.991 -0.711  11.382  1.00 37.91  ? 31  GLU A OE1 1 
ATOM   123  O OE2 . GLU A 1 31  ? -9.801  -2.480  11.924  1.00 37.52  ? 31  GLU A OE2 1 
ATOM   124  N N   . LEU A 1 32  ? -5.347  -0.113  10.564  1.00 30.24  ? 32  LEU A N   1 
ATOM   125  C CA  . LEU A 1 32  ? -4.284  -1.115  10.515  1.00 29.46  ? 32  LEU A CA  1 
ATOM   126  C C   . LEU A 1 32  ? -4.643  -2.323  11.374  1.00 29.11  ? 32  LEU A C   1 
ATOM   127  O O   . LEU A 1 32  ? -5.259  -2.181  12.433  1.00 29.28  ? 32  LEU A O   1 
ATOM   128  C CB  . LEU A 1 32  ? -2.944  -0.516  10.967  1.00 29.06  ? 32  LEU A CB  1 
ATOM   129  C CG  . LEU A 1 32  ? -2.313  0.612   10.130  1.00 28.86  ? 32  LEU A CG  1 
ATOM   130  C CD1 . LEU A 1 32  ? -0.931  0.943   10.666  1.00 27.94  ? 32  LEU A CD1 1 
ATOM   131  C CD2 . LEU A 1 32  ? -2.233  0.275   8.640   1.00 26.54  ? 32  LEU A CD2 1 
ATOM   132  N N   . PHE A 1 33  ? -4.260  -3.509  10.915  1.00 28.52  ? 33  PHE A N   1 
ATOM   133  C CA  . PHE A 1 33  ? -4.562  -4.745  11.644  1.00 28.51  ? 33  PHE A CA  1 
ATOM   134  C C   . PHE A 1 33  ? -3.403  -5.121  12.572  1.00 28.05  ? 33  PHE A C   1 
ATOM   135  O O   . PHE A 1 33  ? -2.664  -6.067  12.305  1.00 27.95  ? 33  PHE A O   1 
ATOM   136  C CB  . PHE A 1 33  ? -4.913  -5.891  10.671  1.00 28.17  ? 33  PHE A CB  1 
ATOM   137  C CG  . PHE A 1 33  ? -6.032  -5.559  9.709   1.00 29.28  ? 33  PHE A CG  1 
ATOM   138  C CD1 . PHE A 1 33  ? -5.987  -6.014  8.396   1.00 29.36  ? 33  PHE A CD1 1 
ATOM   139  C CD2 . PHE A 1 33  ? -7.127  -4.789  10.112  1.00 29.85  ? 33  PHE A CD2 1 
ATOM   140  C CE1 . PHE A 1 33  ? -7.009  -5.718  7.501   1.00 30.36  ? 33  PHE A CE1 1 
ATOM   141  C CE2 . PHE A 1 33  ? -8.154  -4.484  9.214   1.00 30.75  ? 33  PHE A CE2 1 
ATOM   142  C CZ  . PHE A 1 33  ? -8.094  -4.954  7.909   1.00 29.04  ? 33  PHE A CZ  1 
ATOM   143  N N   . CYS A 1 34  ? -3.271  -4.365  13.665  1.00 28.21  ? 34  CYS A N   1 
ATOM   144  C CA  . CYS A 1 34  ? -2.135  -4.455  14.601  1.00 28.07  ? 34  CYS A CA  1 
ATOM   145  C C   . CYS A 1 34  ? -1.954  -5.826  15.245  1.00 27.96  ? 34  CYS A C   1 
ATOM   146  O O   . CYS A 1 34  ? -0.829  -6.323  15.322  1.00 27.93  ? 34  CYS A O   1 
ATOM   147  C CB  . CYS A 1 34  ? -2.264  -3.400  15.713  1.00 27.75  ? 34  CYS A CB  1 
ATOM   148  S SG  . CYS A 1 34  ? -2.495  -1.691  15.152  1.00 29.56  ? 34  CYS A SG  1 
ATOM   149  N N   . SER A 1 35  ? -3.058  -6.405  15.733  1.00 27.73  ? 35  SER A N   1 
ATOM   150  C CA  . SER A 1 35  ? -3.077  -7.713  16.408  1.00 28.02  ? 35  SER A CA  1 
ATOM   151  C C   . SER A 1 35  ? -2.621  -8.855  15.525  1.00 27.35  ? 35  SER A C   1 
ATOM   152  O O   . SER A 1 35  ? -1.917  -9.757  15.977  1.00 27.40  ? 35  SER A O   1 
ATOM   153  C CB  . SER A 1 35  ? -4.498  -8.052  16.899  1.00 28.14  ? 35  SER A CB  1 
ATOM   154  O OG  . SER A 1 35  ? -4.948  -7.105  17.849  1.00 31.96  ? 35  SER A OG  1 
ATOM   155  N N   . GLN A 1 36  ? -3.060  -8.828  14.273  1.00 26.93  ? 36  GLN A N   1 
ATOM   156  C CA  . GLN A 1 36  ? -2.798  -9.912  13.342  1.00 26.86  ? 36  GLN A CA  1 
ATOM   157  C C   . GLN A 1 36  ? -1.477  -9.748  12.620  1.00 26.21  ? 36  GLN A C   1 
ATOM   158  O O   . GLN A 1 36  ? -0.779  -10.722 12.377  1.00 25.87  ? 36  GLN A O   1 
ATOM   159  C CB  . GLN A 1 36  ? -3.941  -10.018 12.331  1.00 27.45  ? 36  GLN A CB  1 
ATOM   160  C CG  . GLN A 1 36  ? -5.228  -10.562 12.951  1.00 30.22  ? 36  GLN A CG  1 
ATOM   161  C CD  . GLN A 1 36  ? -6.474  -10.102 12.231  1.00 34.59  ? 36  GLN A CD  1 
ATOM   162  O OE1 . GLN A 1 36  ? -6.770  -8.901  12.170  1.00 36.15  ? 36  GLN A OE1 1 
ATOM   163  N NE2 . GLN A 1 36  ? -7.225  -11.059 11.687  1.00 35.24  ? 36  GLN A NE2 1 
ATOM   164  N N   . CYS A 1 37  ? -1.133  -8.509  12.280  1.00 25.61  ? 37  CYS A N   1 
ATOM   165  C CA  . CYS A 1 37  ? 0.035   -8.264  11.448  1.00 25.67  ? 37  CYS A CA  1 
ATOM   166  C C   . CYS A 1 37  ? 0.997   -7.240  12.085  1.00 25.01  ? 37  CYS A C   1 
ATOM   167  O O   . CYS A 1 37  ? 1.283   -6.212  11.481  1.00 24.70  ? 37  CYS A O   1 
ATOM   168  C CB  . CYS A 1 37  ? -0.417  -7.812  10.054  1.00 25.36  ? 37  CYS A CB  1 
ATOM   169  S SG  . CYS A 1 37  ? -1.567  -8.955  9.253   1.00 28.26  ? 37  CYS A SG  1 
ATOM   170  N N   . PRO A 1 38  ? 1.496   -7.523  13.308  1.00 24.84  ? 38  PRO A N   1 
ATOM   171  C CA  . PRO A 1 38  ? 2.314   -6.504  13.983  1.00 24.72  ? 38  PRO A CA  1 
ATOM   172  C C   . PRO A 1 38  ? 3.604   -6.145  13.243  1.00 24.66  ? 38  PRO A C   1 
ATOM   173  O O   . PRO A 1 38  ? 4.013   -4.985  13.272  1.00 24.59  ? 38  PRO A O   1 
ATOM   174  C CB  . PRO A 1 38  ? 2.609   -7.131  15.355  1.00 24.61  ? 38  PRO A CB  1 
ATOM   175  C CG  . PRO A 1 38  ? 2.470   -8.595  15.139  1.00 24.70  ? 38  PRO A CG  1 
ATOM   176  C CD  . PRO A 1 38  ? 1.356   -8.736  14.135  1.00 24.65  ? 38  PRO A CD  1 
ATOM   177  N N   . LYS A 1 39  ? 4.219   -7.114  12.565  1.00 24.49  ? 39  LYS A N   1 
ATOM   178  C CA  . LYS A 1 39  ? 5.485   -6.868  11.880  1.00 25.08  ? 39  LYS A CA  1 
ATOM   179  C C   . LYS A 1 39  ? 5.312   -5.953  10.667  1.00 25.05  ? 39  LYS A C   1 
ATOM   180  O O   . LYS A 1 39  ? 6.087   -5.008  10.487  1.00 24.53  ? 39  LYS A O   1 
ATOM   181  C CB  . LYS A 1 39  ? 6.197   -8.177  11.511  1.00 25.21  ? 39  LYS A CB  1 
ATOM   182  C CG  . LYS A 1 39  ? 6.584   -9.017  12.727  1.00 26.98  ? 39  LYS A CG  1 
ATOM   183  C CD  . LYS A 1 39  ? 7.350   -10.263 12.329  1.00 29.24  ? 39  LYS A CD  1 
ATOM   184  C CE  . LYS A 1 39  ? 7.704   -11.098 13.554  1.00 32.11  ? 39  LYS A CE  1 
ATOM   185  N NZ  . LYS A 1 39  ? 8.366   -12.393 13.182  1.00 32.83  ? 39  LYS A NZ  1 
ATOM   186  N N   . ALA A 1 40  ? 4.287   -6.225  9.858   1.00 24.46  ? 40  ALA A N   1 
ATOM   187  C CA  . ALA A 1 40  ? 3.942   -5.371  8.728   1.00 24.52  ? 40  ALA A CA  1 
ATOM   188  C C   . ALA A 1 40  ? 3.516   -3.974  9.188   1.00 24.41  ? 40  ALA A C   1 
ATOM   189  O O   . ALA A 1 40  ? 3.912   -2.974  8.583   1.00 24.07  ? 40  ALA A O   1 
ATOM   190  C CB  . ALA A 1 40  ? 2.844   -6.013  7.880   1.00 24.65  ? 40  ALA A CB  1 
ATOM   191  N N   . CYS A 1 41  ? 2.713   -3.911  10.251  1.00 24.10  ? 41  CYS A N   1 
ATOM   192  C CA  . CYS A 1 41  ? 2.212   -2.633  10.767  1.00 24.33  ? 41  CYS A CA  1 
ATOM   193  C C   . CYS A 1 41  ? 3.329   -1.786  11.382  1.00 24.33  ? 41  CYS A C   1 
ATOM   194  O O   . CYS A 1 41  ? 3.385   -0.585  11.142  1.00 24.92  ? 41  CYS A O   1 
ATOM   195  C CB  . CYS A 1 41  ? 1.085   -2.833  11.789  1.00 23.81  ? 41  CYS A CB  1 
ATOM   196  S SG  . CYS A 1 41  ? -0.448  -3.500  11.101  1.00 24.95  ? 41  CYS A SG  1 
ATOM   197  N N   . LYS A 1 42  ? 4.192   -2.409  12.183  1.00 24.45  ? 42  LYS A N   1 
ATOM   198  C CA  . LYS A 1 42  ? 5.344   -1.721  12.780  1.00 25.14  ? 42  LYS A CA  1 
ATOM   199  C C   . LYS A 1 42  ? 6.267   -1.164  11.682  1.00 24.84  ? 42  LYS A C   1 
ATOM   200  O O   . LYS A 1 42  ? 6.678   -0.006  11.742  1.00 25.07  ? 42  LYS A O   1 
ATOM   201  C CB  . LYS A 1 42  ? 6.101   -2.649  13.751  1.00 24.78  ? 42  LYS A CB  1 
ATOM   202  C CG  . LYS A 1 42  ? 7.078   -1.938  14.693  1.00 28.37  ? 42  LYS A CG  1 
ATOM   203  C CD  . LYS A 1 42  ? 6.318   -1.088  15.735  1.00 29.32  ? 42  LYS A CD  1 
ATOM   204  C CE  . LYS A 1 42  ? 6.852   0.332   15.749  1.00 28.61  ? 42  LYS A CE  1 
ATOM   205  N NZ  . LYS A 1 42  ? 7.759   0.640   16.898  1.00 29.66  ? 42  LYS A NZ  1 
ATOM   206  N N   . ASN A 1 43  ? 6.559   -1.977  10.670  1.00 24.69  ? 43  ASN A N   1 
ATOM   207  C CA  . ASN A 1 43  ? 7.344   -1.522  9.513   1.00 25.43  ? 43  ASN A CA  1 
ATOM   208  C C   . ASN A 1 43  ? 6.746   -0.278  8.873   1.00 25.48  ? 43  ASN A C   1 
ATOM   209  O O   . ASN A 1 43  ? 7.438   0.721   8.642   1.00 25.43  ? 43  ASN A O   1 
ATOM   210  C CB  . ASN A 1 43  ? 7.467   -2.628  8.457   1.00 25.03  ? 43  ASN A CB  1 
ATOM   211  C CG  . ASN A 1 43  ? 8.354   -2.219  7.282   1.00 27.14  ? 43  ASN A CG  1 
ATOM   212  O OD1 . ASN A 1 43  ? 9.546   -1.934  7.458   1.00 28.19  ? 43  ASN A OD1 1 
ATOM   213  N ND2 . ASN A 1 43  ? 7.781   -2.192  6.078   1.00 24.91  ? 43  ASN A ND2 1 
ATOM   214  N N   . PHE A 1 44  ? 5.451   -0.349  8.592   1.00 25.51  ? 44  PHE A N   1 
ATOM   215  C CA  . PHE A 1 44  ? 4.749   0.714   7.904   1.00 25.92  ? 44  PHE A CA  1 
ATOM   216  C C   . PHE A 1 44  ? 4.743   1.980   8.753   1.00 26.45  ? 44  PHE A C   1 
ATOM   217  O O   . PHE A 1 44  ? 4.981   3.068   8.234   1.00 26.58  ? 44  PHE A O   1 
ATOM   218  C CB  . PHE A 1 44  ? 3.323   0.261   7.580   1.00 25.76  ? 44  PHE A CB  1 
ATOM   219  C CG  . PHE A 1 44  ? 2.611   1.140   6.611   1.00 25.71  ? 44  PHE A CG  1 
ATOM   220  C CD1 . PHE A 1 44  ? 2.986   1.172   5.271   1.00 25.50  ? 44  PHE A CD1 1 
ATOM   221  C CD2 . PHE A 1 44  ? 1.543   1.925   7.031   1.00 26.32  ? 44  PHE A CD2 1 
ATOM   222  C CE1 . PHE A 1 44  ? 2.320   1.985   4.369   1.00 25.46  ? 44  PHE A CE1 1 
ATOM   223  C CE2 . PHE A 1 44  ? 0.871   2.736   6.132   1.00 26.77  ? 44  PHE A CE2 1 
ATOM   224  C CZ  . PHE A 1 44  ? 1.261   2.765   4.799   1.00 25.71  ? 44  PHE A CZ  1 
ATOM   225  N N   . LEU A 1 45  ? 4.484   1.831   10.052  1.00 26.67  ? 45  LEU A N   1 
ATOM   226  C CA  . LEU A 1 45  ? 4.480   2.962   10.984  1.00 27.72  ? 45  LEU A CA  1 
ATOM   227  C C   . LEU A 1 45  ? 5.866   3.599   11.154  1.00 28.24  ? 45  LEU A C   1 
ATOM   228  O O   . LEU A 1 45  ? 5.990   4.817   11.139  1.00 28.14  ? 45  LEU A O   1 
ATOM   229  C CB  . LEU A 1 45  ? 3.935   2.554   12.363  1.00 27.50  ? 45  LEU A CB  1 
ATOM   230  C CG  . LEU A 1 45  ? 2.454   2.185   12.517  1.00 28.17  ? 45  LEU A CG  1 
ATOM   231  C CD1 . LEU A 1 45  ? 2.143   1.824   13.964  1.00 28.39  ? 45  LEU A CD1 1 
ATOM   232  C CD2 . LEU A 1 45  ? 1.555   3.306   12.052  1.00 29.06  ? 45  LEU A CD2 1 
ATOM   233  N N   . ALA A 1 46  ? 6.891   2.771   11.325  1.00 29.02  ? 46  ALA A N   1 
ATOM   234  C CA  . ALA A 1 46  ? 8.248   3.267   11.565  1.00 29.90  ? 46  ALA A CA  1 
ATOM   235  C C   . ALA A 1 46  ? 8.828   3.966   10.330  1.00 30.78  ? 46  ALA A C   1 
ATOM   236  O O   . ALA A 1 46  ? 9.502   4.999   10.452  1.00 30.95  ? 46  ALA A O   1 
ATOM   237  C CB  . ALA A 1 46  ? 9.151   2.139   12.025  1.00 29.55  ? 46  ALA A CB  1 
ATOM   238  N N   . LEU A 1 47  ? 8.565   3.404   9.146   1.00 31.54  ? 47  LEU A N   1 
ATOM   239  C CA  . LEU A 1 47  ? 8.948   4.049   7.885   1.00 32.12  ? 47  LEU A CA  1 
ATOM   240  C C   . LEU A 1 47  ? 8.198   5.362   7.680   1.00 32.76  ? 47  LEU A C   1 
ATOM   241  O O   . LEU A 1 47  ? 8.809   6.369   7.317   1.00 33.10  ? 47  LEU A O   1 
ATOM   242  C CB  . LEU A 1 47  ? 8.751   3.116   6.680   1.00 31.97  ? 47  LEU A CB  1 
ATOM   243  C CG  . LEU A 1 47  ? 9.631   1.860   6.551   1.00 32.05  ? 47  LEU A CG  1 
ATOM   244  C CD1 . LEU A 1 47  ? 9.174   1.023   5.369   1.00 31.06  ? 47  LEU A CD1 1 
ATOM   245  C CD2 . LEU A 1 47  ? 11.135  2.189   6.434   1.00 32.34  ? 47  LEU A CD2 1 
ATOM   246  N N   . SER A 1 48  ? 6.890   5.358   7.922   1.00 33.30  ? 48  SER A N   1 
ATOM   247  C CA  . SER A 1 48  ? 6.089   6.579   7.839   1.00 34.12  ? 48  SER A CA  1 
ATOM   248  C C   . SER A 1 48  ? 6.614   7.673   8.782   1.00 35.03  ? 48  SER A C   1 
ATOM   249  O O   . SER A 1 48  ? 6.799   8.821   8.362   1.00 35.14  ? 48  SER A O   1 
ATOM   250  C CB  . SER A 1 48  ? 4.612   6.301   8.132   1.00 34.00  ? 48  SER A CB  1 
ATOM   251  O OG  . SER A 1 48  ? 4.071   5.381   7.206   1.00 34.20  ? 48  SER A OG  1 
ATOM   252  N N   . ALA A 1 49  ? 6.862   7.300   10.040  1.00 35.43  ? 49  ALA A N   1 
ATOM   253  C CA  . ALA A 1 49  ? 7.332   8.234   11.077  1.00 35.77  ? 49  ALA A CA  1 
ATOM   254  C C   . ALA A 1 49  ? 8.688   8.869   10.757  1.00 36.09  ? 49  ALA A C   1 
ATOM   255  O O   . ALA A 1 49  ? 8.916   10.040  11.057  1.00 36.42  ? 49  ALA A O   1 
ATOM   256  C CB  . ALA A 1 49  ? 7.385   7.541   12.432  1.00 35.40  ? 49  ALA A CB  1 
ATOM   257  N N   . SER A 1 50  ? 9.580   8.085   10.159  1.00 36.40  ? 50  SER A N   1 
ATOM   258  C CA  . SER A 1 50  ? 10.905  8.556   9.791   1.00 36.76  ? 50  SER A CA  1 
ATOM   259  C C   . SER A 1 50  ? 10.905  9.357   8.480   1.00 36.50  ? 50  SER A C   1 
ATOM   260  O O   . SER A 1 50  ? 11.956  9.824   8.041   1.00 37.08  ? 50  SER A O   1 
ATOM   261  C CB  . SER A 1 50  ? 11.876  7.376   9.703   1.00 36.84  ? 50  SER A CB  1 
ATOM   262  O OG  . SER A 1 50  ? 11.617  6.579   8.560   1.00 38.95  ? 50  SER A OG  1 
ATOM   263  N N   . GLY A 1 51  ? 9.733   9.503   7.861   1.00 35.92  ? 51  GLY A N   1 
ATOM   264  C CA  . GLY A 1 51  ? 9.574   10.279  6.625   1.00 35.07  ? 51  GLY A CA  1 
ATOM   265  C C   . GLY A 1 51  ? 9.968   9.569   5.341   1.00 34.37  ? 51  GLY A C   1 
ATOM   266  O O   . GLY A 1 51  ? 10.113  10.200  4.289   1.00 34.34  ? 51  GLY A O   1 
ATOM   267  N N   . TYR A 1 52  ? 10.129  8.254   5.430   1.00 33.46  ? 52  TYR A N   1 
ATOM   268  C CA  . TYR A 1 52  ? 10.520  7.402   4.305   1.00 32.73  ? 52  TYR A CA  1 
ATOM   269  C C   . TYR A 1 52  ? 9.576   7.437   3.091   1.00 31.88  ? 52  TYR A C   1 
ATOM   270  O O   . TYR A 1 52  ? 9.999   7.137   1.968   1.00 31.37  ? 52  TYR A O   1 
ATOM   271  C CB  . TYR A 1 52  ? 10.652  5.966   4.806   1.00 32.98  ? 52  TYR A CB  1 
ATOM   272  C CG  . TYR A 1 52  ? 11.403  5.030   3.900   1.00 33.34  ? 52  TYR A CG  1 
ATOM   273  C CD1 . TYR A 1 52  ? 12.791  4.982   3.924   1.00 33.90  ? 52  TYR A CD1 1 
ATOM   274  C CD2 . TYR A 1 52  ? 10.724  4.167   3.034   1.00 33.12  ? 52  TYR A CD2 1 
ATOM   275  C CE1 . TYR A 1 52  ? 13.489  4.107   3.103   1.00 33.83  ? 52  TYR A CE1 1 
ATOM   276  C CE2 . TYR A 1 52  ? 11.412  3.296   2.214   1.00 32.56  ? 52  TYR A CE2 1 
ATOM   277  C CZ  . TYR A 1 52  ? 12.793  3.267   2.257   1.00 33.57  ? 52  TYR A CZ  1 
ATOM   278  O OH  . TYR A 1 52  ? 13.488  2.396   1.444   1.00 35.04  ? 52  TYR A OH  1 
ATOM   279  N N   . TYR A 1 53  ? 8.313   7.795   3.322   1.00 31.11  ? 53  TYR A N   1 
ATOM   280  C CA  . TYR A 1 53  ? 7.296   7.836   2.263   1.00 30.95  ? 53  TYR A CA  1 
ATOM   281  C C   . TYR A 1 53  ? 6.952   9.264   1.813   1.00 31.18  ? 53  TYR A C   1 
ATOM   282  O O   . TYR A 1 53  ? 6.155   9.453   0.888   1.00 31.36  ? 53  TYR A O   1 
ATOM   283  C CB  . TYR A 1 53  ? 6.007   7.133   2.714   1.00 30.46  ? 53  TYR A CB  1 
ATOM   284  C CG  . TYR A 1 53  ? 6.095   5.626   2.921   1.00 29.80  ? 53  TYR A CG  1 
ATOM   285  C CD1 . TYR A 1 53  ? 5.703   5.054   4.130   1.00 29.86  ? 53  TYR A CD1 1 
ATOM   286  C CD2 . TYR A 1 53  ? 6.554   4.776   1.913   1.00 28.69  ? 53  TYR A CD2 1 
ATOM   287  C CE1 . TYR A 1 53  ? 5.759   3.672   4.332   1.00 29.73  ? 53  TYR A CE1 1 
ATOM   288  C CE2 . TYR A 1 53  ? 6.623   3.389   2.110   1.00 28.99  ? 53  TYR A CE2 1 
ATOM   289  C CZ  . TYR A 1 53  ? 6.214   2.849   3.324   1.00 29.04  ? 53  TYR A CZ  1 
ATOM   290  O OH  . TYR A 1 53  ? 6.264   1.485   3.537   1.00 29.75  ? 53  TYR A OH  1 
ATOM   291  N N   . LYS A 1 54  ? 7.531   10.261  2.481   1.00 31.01  ? 54  LYS A N   1 
ATOM   292  C CA  . LYS A 1 54  ? 7.305   11.666  2.128   1.00 30.97  ? 54  LYS A CA  1 
ATOM   293  C C   . LYS A 1 54  ? 7.838   11.981  0.735   1.00 30.48  ? 54  LYS A C   1 
ATOM   294  O O   . LYS A 1 54  ? 8.986   11.655  0.412   1.00 29.99  ? 54  LYS A O   1 
ATOM   295  C CB  . LYS A 1 54  ? 7.951   12.606  3.151   1.00 31.10  ? 54  LYS A CB  1 
ATOM   296  C CG  . LYS A 1 54  ? 7.352   12.537  4.544   1.00 31.38  ? 54  LYS A CG  1 
ATOM   297  C CD  . LYS A 1 54  ? 7.843   13.666  5.436   1.00 31.06  ? 54  LYS A CD  1 
ATOM   298  C CE  . LYS A 1 54  ? 7.242   15.015  5.034   1.00 31.96  ? 54  LYS A CE  1 
ATOM   299  N NZ  . LYS A 1 54  ? 7.456   16.064  6.085   1.00 32.38  ? 54  LYS A NZ  1 
ATOM   300  N N   . ASN A 1 55  ? 6.983   12.610  -0.070  1.00 30.53  ? 55  ASN A N   1 
ATOM   301  C CA  . ASN A 1 55  ? 7.306   13.019  -1.443  1.00 31.20  ? 55  ASN A CA  1 
ATOM   302  C C   . ASN A 1 55  ? 7.700   11.834  -2.335  1.00 31.38  ? 55  ASN A C   1 
ATOM   303  O O   . ASN A 1 55  ? 8.670   11.905  -3.104  1.00 30.79  ? 55  ASN A O   1 
ATOM   304  C CB  . ASN A 1 55  ? 8.386   14.121  -1.460  1.00 31.28  ? 55  ASN A CB  1 
ATOM   305  C CG  . ASN A 1 55  ? 8.202   15.104  -2.606  1.00 31.83  ? 55  ASN A CG  1 
ATOM   306  O OD1 . ASN A 1 55  ? 7.084   15.320  -3.085  1.00 31.83  ? 55  ASN A OD1 1 
ATOM   307  N ND2 . ASN A 1 55  ? 9.296   15.729  -3.032  1.00 32.70  ? 55  ASN A ND2 1 
ATOM   308  N N   . THR A 1 56  ? 6.951   10.739  -2.197  1.00 31.66  ? 56  THR A N   1 
ATOM   309  C CA  . THR A 1 56  ? 7.099   9.575   -3.065  1.00 32.04  ? 56  THR A CA  1 
ATOM   310  C C   . THR A 1 56  ? 5.874   9.478   -3.961  1.00 32.61  ? 56  THR A C   1 
ATOM   311  O O   . THR A 1 56  ? 4.886   10.185  -3.744  1.00 32.76  ? 56  THR A O   1 
ATOM   312  C CB  . THR A 1 56  ? 7.288   8.261   -2.268  1.00 31.78  ? 56  THR A CB  1 
ATOM   313  O OG1 . THR A 1 56  ? 6.200   8.089   -1.353  1.00 31.36  ? 56  THR A OG1 1 
ATOM   314  C CG2 . THR A 1 56  ? 8.612   8.278   -1.508  1.00 31.56  ? 56  THR A CG2 1 
ATOM   315  N N   . ILE A 1 57  ? 5.946   8.604   -4.965  1.00 33.21  ? 57  ILE A N   1 
ATOM   316  C CA  . ILE A 1 57  ? 4.875   8.457   -5.946  1.00 33.72  ? 57  ILE A CA  1 
ATOM   317  C C   . ILE A 1 57  ? 4.240   7.060   -5.934  1.00 33.85  ? 57  ILE A C   1 
ATOM   318  O O   . ILE A 1 57  ? 4.848   6.086   -5.491  1.00 33.68  ? 57  ILE A O   1 
ATOM   319  C CB  . ILE A 1 57  ? 5.366   8.790   -7.403  1.00 33.68  ? 57  ILE A CB  1 
ATOM   320  C CG1 . ILE A 1 57  ? 6.334   7.721   -7.927  1.00 33.53  ? 57  ILE A CG1 1 
ATOM   321  C CG2 . ILE A 1 57  ? 6.007   10.191  -7.466  1.00 34.59  ? 57  ILE A CG2 1 
ATOM   322  C CD1 . ILE A 1 57  ? 6.716   7.866   -9.419  1.00 33.67  ? 57  ILE A CD1 1 
ATOM   323  N N   . PHE A 1 58  ? 3.009   6.985   -6.428  1.00 34.56  ? 58  PHE A N   1 
ATOM   324  C CA  . PHE A 1 58  ? 2.411   5.724   -6.830  1.00 35.05  ? 58  PHE A CA  1 
ATOM   325  C C   . PHE A 1 58  ? 2.834   5.498   -8.271  1.00 35.54  ? 58  PHE A C   1 
ATOM   326  O O   . PHE A 1 58  ? 2.356   6.189   -9.169  1.00 35.72  ? 58  PHE A O   1 
ATOM   327  C CB  . PHE A 1 58  ? 0.890   5.802   -6.755  1.00 34.98  ? 58  PHE A CB  1 
ATOM   328  C CG  . PHE A 1 58  ? 0.340   5.812   -5.359  1.00 34.72  ? 58  PHE A CG  1 
ATOM   329  C CD1 . PHE A 1 58  ? -0.130  6.994   -4.796  1.00 34.62  ? 58  PHE A CD1 1 
ATOM   330  C CD2 . PHE A 1 58  ? 0.257   4.633   -4.617  1.00 33.79  ? 58  PHE A CD2 1 
ATOM   331  C CE1 . PHE A 1 58  ? -0.670  7.006   -3.509  1.00 33.84  ? 58  PHE A CE1 1 
ATOM   332  C CE2 . PHE A 1 58  ? -0.271  4.637   -3.335  1.00 33.36  ? 58  PHE A CE2 1 
ATOM   333  C CZ  . PHE A 1 58  ? -0.735  5.824   -2.778  1.00 34.27  ? 58  PHE A CZ  1 
ATOM   334  N N   . HIS A 1 59  ? 3.738   4.545   -8.481  1.00 36.06  ? 59  HIS A N   1 
ATOM   335  C CA  . HIS A 1 59  ? 4.323   4.282   -9.799  1.00 36.90  ? 59  HIS A CA  1 
ATOM   336  C C   . HIS A 1 59  ? 3.487   3.345   -10.683 1.00 37.70  ? 59  HIS A C   1 
ATOM   337  O O   . HIS A 1 59  ? 3.754   3.206   -11.883 1.00 37.88  ? 59  HIS A O   1 
ATOM   338  C CB  . HIS A 1 59  ? 5.740   3.719   -9.645  1.00 36.49  ? 59  HIS A CB  1 
ATOM   339  C CG  . HIS A 1 59  ? 5.796   2.402   -8.934  1.00 36.47  ? 59  HIS A CG  1 
ATOM   340  N ND1 . HIS A 1 59  ? 5.849   2.299   -7.560  1.00 35.72  ? 59  HIS A ND1 1 
ATOM   341  C CD2 . HIS A 1 59  ? 5.812   1.133   -9.408  1.00 35.81  ? 59  HIS A CD2 1 
ATOM   342  C CE1 . HIS A 1 59  ? 5.896   1.022   -7.219  1.00 35.57  ? 59  HIS A CE1 1 
ATOM   343  N NE2 . HIS A 1 59  ? 5.867   0.295   -8.321  1.00 35.75  ? 59  HIS A NE2 1 
ATOM   344  N N   . LYS A 1 60  ? 2.490   2.698   -10.088 1.00 38.17  ? 60  LYS A N   1 
ATOM   345  C CA  . LYS A 1 60  ? 1.627   1.777   -10.823 1.00 38.60  ? 60  LYS A CA  1 
ATOM   346  C C   . LYS A 1 60  ? 0.177   1.980   -10.417 1.00 38.51  ? 60  LYS A C   1 
ATOM   347  O O   . LYS A 1 60  ? -0.156  1.934   -9.236  1.00 38.56  ? 60  LYS A O   1 
ATOM   348  C CB  . LYS A 1 60  ? 2.068   0.328   -10.595 1.00 38.78  ? 60  LYS A CB  1 
ATOM   349  C CG  . LYS A 1 60  ? 1.177   -0.709  -11.258 1.00 39.85  ? 60  LYS A CG  1 
ATOM   350  C CD  . LYS A 1 60  ? 1.872   -2.055  -11.322 1.00 41.91  ? 60  LYS A CD  1 
ATOM   351  C CE  . LYS A 1 60  ? 1.907   -2.730  -9.978  1.00 42.17  ? 60  LYS A CE  1 
ATOM   352  N NZ  . LYS A 1 60  ? 2.826   -3.894  -10.015 1.00 43.59  ? 60  LYS A NZ  1 
ATOM   353  N N   . ASN A 1 61  ? -0.670  2.224   -11.413 1.00 38.66  ? 61  ASN A N   1 
ATOM   354  C CA  . ASN A 1 61  ? -2.088  2.468   -11.208 1.00 39.00  ? 61  ASN A CA  1 
ATOM   355  C C   . ASN A 1 61  ? -2.882  1.741   -12.292 1.00 39.45  ? 61  ASN A C   1 
ATOM   356  O O   . ASN A 1 61  ? -2.819  2.106   -13.474 1.00 39.39  ? 61  ASN A O   1 
ATOM   357  C CB  . ASN A 1 61  ? -2.369  3.976   -11.231 1.00 38.92  ? 61  ASN A CB  1 
ATOM   358  C CG  . ASN A 1 61  ? -3.764  4.332   -10.748 1.00 39.58  ? 61  ASN A CG  1 
ATOM   359  O OD1 . ASN A 1 61  ? -4.242  5.440   -10.987 1.00 40.89  ? 61  ASN A OD1 1 
ATOM   360  N ND2 . ASN A 1 61  ? -4.418  3.407   -10.055 1.00 39.50  ? 61  ASN A ND2 1 
ATOM   361  N N   . ILE A 1 62  ? -3.604  0.699   -11.876 1.00 39.48  ? 62  ILE A N   1 
ATOM   362  C CA  . ILE A 1 62  ? -4.362  -0.165  -12.782 1.00 39.49  ? 62  ILE A CA  1 
ATOM   363  C C   . ILE A 1 62  ? -5.829  -0.183  -12.358 1.00 39.68  ? 62  ILE A C   1 
ATOM   364  O O   . ILE A 1 62  ? -6.185  -0.759  -11.325 1.00 39.65  ? 62  ILE A O   1 
ATOM   365  C CB  . ILE A 1 62  ? -3.771  -1.612  -12.834 1.00 39.63  ? 62  ILE A CB  1 
ATOM   366  C CG1 . ILE A 1 62  ? -2.308  -1.575  -13.293 1.00 39.26  ? 62  ILE A CG1 1 
ATOM   367  C CG2 . ILE A 1 62  ? -4.604  -2.513  -13.756 1.00 39.50  ? 62  ILE A CG2 1 
ATOM   368  C CD1 . ILE A 1 62  ? -1.520  -2.851  -13.053 1.00 39.48  ? 62  ILE A CD1 1 
ATOM   369  N N   . LYS A 1 63  ? -6.672  0.466   -13.162 1.00 39.83  ? 63  LYS A N   1 
ATOM   370  C CA  . LYS A 1 63  ? -8.101  0.591   -12.889 1.00 40.23  ? 63  LYS A CA  1 
ATOM   371  C C   . LYS A 1 63  ? -8.758  -0.775  -12.667 1.00 39.59  ? 63  LYS A C   1 
ATOM   372  O O   . LYS A 1 63  ? -8.503  -1.723  -13.414 1.00 39.64  ? 63  LYS A O   1 
ATOM   373  C CB  . LYS A 1 63  ? -8.789  1.352   -14.030 1.00 40.35  ? 63  LYS A CB  1 
ATOM   374  C CG  . LYS A 1 63  ? -10.275 1.641   -13.812 1.00 41.46  ? 63  LYS A CG  1 
ATOM   375  C CD  . LYS A 1 63  ? -10.845 2.508   -14.938 1.00 41.64  ? 63  LYS A CD  1 
ATOM   376  C CE  . LYS A 1 63  ? -12.305 2.163   -15.214 1.00 44.67  ? 63  LYS A CE  1 
ATOM   377  N NZ  . LYS A 1 63  ? -13.215 2.473   -14.061 1.00 46.01  ? 63  LYS A NZ  1 
ATOM   378  N N   . GLY A 1 64  ? -9.581  -0.864  -11.625 1.00 39.10  ? 64  GLY A N   1 
ATOM   379  C CA  . GLY A 1 64  ? -10.268 -2.105  -11.267 1.00 38.80  ? 64  GLY A CA  1 
ATOM   380  C C   . GLY A 1 64  ? -9.390  -3.122  -10.557 1.00 38.35  ? 64  GLY A C   1 
ATOM   381  O O   . GLY A 1 64  ? -9.881  -4.142  -10.074 1.00 38.56  ? 64  GLY A O   1 
ATOM   382  N N   . PHE A 1 65  ? -8.089  -2.846  -10.491 1.00 37.90  ? 65  PHE A N   1 
ATOM   383  C CA  . PHE A 1 65  ? -7.130  -3.772  -9.899  1.00 37.35  ? 65  PHE A CA  1 
ATOM   384  C C   . PHE A 1 65  ? -6.487  -3.166  -8.641  1.00 36.91  ? 65  PHE A C   1 
ATOM   385  O O   . PHE A 1 65  ? -7.058  -3.256  -7.550  1.00 37.09  ? 65  PHE A O   1 
ATOM   386  C CB  . PHE A 1 65  ? -6.098  -4.202  -10.953 1.00 37.39  ? 65  PHE A CB  1 
ATOM   387  C CG  . PHE A 1 65  ? -5.181  -5.316  -10.510 1.00 37.98  ? 65  PHE A CG  1 
ATOM   388  C CD1 . PHE A 1 65  ? -5.689  -6.484  -9.941  1.00 38.29  ? 65  PHE A CD1 1 
ATOM   389  C CD2 . PHE A 1 65  ? -3.802  -5.208  -10.699 1.00 38.06  ? 65  PHE A CD2 1 
ATOM   390  C CE1 . PHE A 1 65  ? -4.836  -7.514  -9.538  1.00 38.16  ? 65  PHE A CE1 1 
ATOM   391  C CE2 . PHE A 1 65  ? -2.941  -6.224  -10.300 1.00 37.69  ? 65  PHE A CE2 1 
ATOM   392  C CZ  . PHE A 1 65  ? -3.460  -7.386  -9.721  1.00 38.15  ? 65  PHE A CZ  1 
ATOM   393  N N   . ILE A 1 66  ? -5.320  -2.541  -8.795  1.00 36.20  ? 66  ILE A N   1 
ATOM   394  C CA  . ILE A 1 66  ? -4.560  -1.999  -7.661  1.00 35.51  ? 66  ILE A CA  1 
ATOM   395  C C   . ILE A 1 66  ? -3.850  -0.684  -8.010  1.00 35.31  ? 66  ILE A C   1 
ATOM   396  O O   . ILE A 1 66  ? -3.659  -0.359  -9.187  1.00 35.22  ? 66  ILE A O   1 
ATOM   397  C CB  . ILE A 1 66  ? -3.477  -3.006  -7.146  1.00 35.32  ? 66  ILE A CB  1 
ATOM   398  C CG1 . ILE A 1 66  ? -2.357  -3.169  -8.186  1.00 34.77  ? 66  ILE A CG1 1 
ATOM   399  C CG2 . ILE A 1 66  ? -4.103  -4.359  -6.740  1.00 34.84  ? 66  ILE A CG2 1 
ATOM   400  C CD1 . ILE A 1 66  ? -1.109  -3.861  -7.678  1.00 35.32  ? 66  ILE A CD1 1 
ATOM   401  N N   . ILE A 1 67  ? -3.485  0.065   -6.969  1.00 34.97  ? 67  ILE A N   1 
ATOM   402  C CA  . ILE A 1 67  ? -2.531  1.171   -7.065  1.00 34.32  ? 67  ILE A CA  1 
ATOM   403  C C   . ILE A 1 67  ? -1.366  0.880   -6.108  1.00 34.16  ? 67  ILE A C   1 
ATOM   404  O O   . ILE A 1 67  ? -1.582  0.569   -4.932  1.00 33.85  ? 67  ILE A O   1 
ATOM   405  C CB  . ILE A 1 67  ? -3.188  2.573   -6.798  1.00 34.46  ? 67  ILE A CB  1 
ATOM   406  C CG1 . ILE A 1 67  ? -2.206  3.710   -7.140  1.00 34.73  ? 67  ILE A CG1 1 
ATOM   407  C CG2 . ILE A 1 67  ? -3.736  2.692   -5.363  1.00 34.47  ? 67  ILE A CG2 1 
ATOM   408  C CD1 . ILE A 1 67  ? -2.810  5.095   -7.159  1.00 33.68  ? 67  ILE A CD1 1 
ATOM   409  N N   . GLN A 1 68  ? -0.143  0.963   -6.624  1.00 33.78  ? 68  GLN A N   1 
ATOM   410  C CA  . GLN A 1 68  ? 1.058   0.609   -5.869  1.00 33.96  ? 68  GLN A CA  1 
ATOM   411  C C   . GLN A 1 68  ? 2.056   1.763   -5.760  1.00 34.37  ? 68  GLN A C   1 
ATOM   412  O O   . GLN A 1 68  ? 2.352   2.425   -6.755  1.00 34.31  ? 68  GLN A O   1 
ATOM   413  C CB  . GLN A 1 68  ? 1.746   -0.575  -6.537  1.00 33.71  ? 68  GLN A CB  1 
ATOM   414  C CG  . GLN A 1 68  ? 2.986   -1.080  -5.836  1.00 33.05  ? 68  GLN A CG  1 
ATOM   415  C CD  . GLN A 1 68  ? 3.421   -2.399  -6.389  1.00 34.51  ? 68  GLN A CD  1 
ATOM   416  O OE1 . GLN A 1 68  ? 2.589   -3.198  -6.824  1.00 36.28  ? 68  GLN A OE1 1 
ATOM   417  N NE2 . GLN A 1 68  ? 4.723   -2.646  -6.392  1.00 33.36  ? 68  GLN A NE2 1 
ATOM   418  N N   . GLY A 1 69  ? 2.586   1.959   -4.553  1.00 34.85  ? 69  GLY A N   1 
ATOM   419  C CA  . GLY A 1 69  ? 3.613   2.965   -4.271  1.00 35.41  ? 69  GLY A CA  1 
ATOM   420  C C   . GLY A 1 69  ? 4.561   2.504   -3.176  1.00 35.94  ? 69  GLY A C   1 
ATOM   421  O O   . GLY A 1 69  ? 4.692   1.307   -2.922  1.00 35.60  ? 69  GLY A O   1 
ATOM   422  N N   . GLY A 1 70  ? 5.226   3.453   -2.525  1.00 36.43  ? 70  GLY A N   1 
ATOM   423  C CA  . GLY A 1 70  ? 6.104   3.136   -1.398  1.00 37.46  ? 70  GLY A CA  1 
ATOM   424  C C   . GLY A 1 70  ? 7.540   2.822   -1.768  1.00 38.28  ? 70  GLY A C   1 
ATOM   425  O O   . GLY A 1 70  ? 8.311   2.333   -0.938  1.00 38.03  ? 70  GLY A O   1 
ATOM   426  N N   . ASP A 1 71  ? 7.896   3.086   -3.023  1.00 39.30  ? 71  ASP A N   1 
ATOM   427  C CA  . ASP A 1 71  ? 9.276   2.986   -3.474  1.00 40.45  ? 71  ASP A CA  1 
ATOM   428  C C   . ASP A 1 71  ? 9.871   4.395   -3.446  1.00 41.58  ? 71  ASP A C   1 
ATOM   429  O O   . ASP A 1 71  ? 9.391   5.281   -4.165  1.00 41.64  ? 71  ASP A O   1 
ATOM   430  C CB  . ASP A 1 71  ? 9.336   2.403   -4.891  1.00 40.50  ? 71  ASP A CB  1 
ATOM   431  C CG  . ASP A 1 71  ? 10.757  2.110   -5.357  1.00 39.97  ? 71  ASP A CG  1 
ATOM   432  O OD1 . ASP A 1 71  ? 11.723  2.499   -4.676  1.00 41.44  ? 71  ASP A OD1 1 
ATOM   433  O OD2 . ASP A 1 71  ? 10.914  1.481   -6.417  1.00 39.16  ? 71  ASP A OD2 1 
ATOM   434  N N   . PRO A 1 72  ? 10.900  4.618   -2.598  1.00 42.55  ? 72  PRO A N   1 
ATOM   435  C CA  . PRO A 1 72  ? 11.576  5.925   -2.575  1.00 43.44  ? 72  PRO A CA  1 
ATOM   436  C C   . PRO A 1 72  ? 12.216  6.258   -3.932  1.00 44.19  ? 72  PRO A C   1 
ATOM   437  O O   . PRO A 1 72  ? 12.222  7.421   -4.331  1.00 44.57  ? 72  PRO A O   1 
ATOM   438  C CB  . PRO A 1 72  ? 12.643  5.761   -1.482  1.00 43.16  ? 72  PRO A CB  1 
ATOM   439  C CG  . PRO A 1 72  ? 12.828  4.287   -1.332  1.00 43.31  ? 72  PRO A CG  1 
ATOM   440  C CD  . PRO A 1 72  ? 11.490  3.676   -1.629  1.00 42.56  ? 72  PRO A CD  1 
ATOM   441  N N   . THR A 1 73  ? 12.714  5.234   -4.628  1.00 45.28  ? 73  THR A N   1 
ATOM   442  C CA  . THR A 1 73  ? 13.262  5.347   -5.993  1.00 46.38  ? 73  THR A CA  1 
ATOM   443  C C   . THR A 1 73  ? 12.175  5.688   -7.028  1.00 46.50  ? 73  THR A C   1 
ATOM   444  O O   . THR A 1 73  ? 12.449  6.348   -8.032  1.00 46.98  ? 73  THR A O   1 
ATOM   445  C CB  . THR A 1 73  ? 13.968  4.032   -6.421  1.00 46.62  ? 73  THR A CB  1 
ATOM   446  O OG1 . THR A 1 73  ? 14.732  3.512   -5.322  1.00 47.75  ? 73  THR A OG1 1 
ATOM   447  C CG2 . THR A 1 73  ? 14.908  4.265   -7.599  1.00 47.86  ? 73  THR A CG2 1 
ATOM   448  N N   . GLY A 1 74  ? 10.949  5.229   -6.780  1.00 46.46  ? 74  GLY A N   1 
ATOM   449  C CA  . GLY A 1 74  ? 9.818   5.475   -7.670  1.00 46.17  ? 74  GLY A CA  1 
ATOM   450  C C   . GLY A 1 74  ? 9.817   4.642   -8.943  1.00 46.10  ? 74  GLY A C   1 
ATOM   451  O O   . GLY A 1 74  ? 9.027   4.899   -9.848  1.00 46.11  ? 74  GLY A O   1 
ATOM   452  N N   . THR A 1 75  ? 10.695  3.642   -9.006  1.00 46.19  ? 75  THR A N   1 
ATOM   453  C CA  . THR A 1 75  ? 10.854  2.794   -10.193 1.00 46.10  ? 75  THR A CA  1 
ATOM   454  C C   . THR A 1 75  ? 10.090  1.477   -10.092 1.00 45.96  ? 75  THR A C   1 
ATOM   455  O O   . THR A 1 75  ? 9.853   0.811   -11.105 1.00 45.89  ? 75  THR A O   1 
ATOM   456  C CB  . THR A 1 75  ? 12.333  2.457   -10.451 1.00 46.11  ? 75  THR A CB  1 
ATOM   457  O OG1 . THR A 1 75  ? 12.875  1.787   -9.304  1.00 46.51  ? 75  THR A OG1 1 
ATOM   458  C CG2 . THR A 1 75  ? 13.138  3.725   -10.731 1.00 46.22  ? 75  THR A CG2 1 
ATOM   459  N N   . GLY A 1 76  ? 9.727   1.096   -8.869  1.00 45.68  ? 76  GLY A N   1 
ATOM   460  C CA  . GLY A 1 76  ? 9.067   -0.184  -8.625  1.00 45.17  ? 76  GLY A CA  1 
ATOM   461  C C   . GLY A 1 76  ? 10.053  -1.279  -8.279  1.00 44.98  ? 76  GLY A C   1 
ATOM   462  O O   . GLY A 1 76  ? 9.663   -2.423  -8.041  1.00 44.71  ? 76  GLY A O   1 
ATOM   463  N N   . LYS A 1 77  ? 11.334  -0.920  -8.233  1.00 44.95  ? 77  LYS A N   1 
ATOM   464  C CA  . LYS A 1 77  ? 12.407  -1.888  -7.989  1.00 45.06  ? 77  LYS A CA  1 
ATOM   465  C C   . LYS A 1 77  ? 13.124  -1.657  -6.654  1.00 44.46  ? 77  LYS A C   1 
ATOM   466  O O   . LYS A 1 77  ? 13.918  -2.494  -6.219  1.00 44.74  ? 77  LYS A O   1 
ATOM   467  C CB  . LYS A 1 77  ? 13.417  -1.864  -9.142  1.00 45.15  ? 77  LYS A CB  1 
ATOM   468  C CG  . LYS A 1 77  ? 12.800  -2.104  -10.515 1.00 45.70  ? 77  LYS A CG  1 
ATOM   469  C CD  . LYS A 1 77  ? 13.801  -1.872  -11.632 1.00 46.29  ? 77  LYS A CD  1 
ATOM   470  C CE  . LYS A 1 77  ? 13.149  -2.024  -13.008 1.00 48.89  ? 77  LYS A CE  1 
ATOM   471  N NZ  . LYS A 1 77  ? 12.404  -3.318  -13.155 1.00 49.57  ? 77  LYS A NZ  1 
ATOM   472  N N   . GLY A 1 78  ? 12.837  -0.533  -6.005  1.00 43.69  ? 78  GLY A N   1 
ATOM   473  C CA  . GLY A 1 78  ? 13.545  -0.158  -4.780  1.00 43.05  ? 78  GLY A CA  1 
ATOM   474  C C   . GLY A 1 78  ? 12.747  -0.247  -3.486  1.00 42.36  ? 78  GLY A C   1 
ATOM   475  O O   . GLY A 1 78  ? 11.577  -0.646  -3.477  1.00 42.30  ? 78  GLY A O   1 
ATOM   476  N N   . GLY A 1 79  ? 13.402  0.124   -2.388  1.00 41.46  ? 79  GLY A N   1 
ATOM   477  C CA  . GLY A 1 79  ? 12.767  0.169   -1.078  1.00 40.18  ? 79  GLY A CA  1 
ATOM   478  C C   . GLY A 1 79  ? 13.133  -1.009  -0.205  1.00 39.34  ? 79  GLY A C   1 
ATOM   479  O O   . GLY A 1 79  ? 13.254  -2.137  -0.682  1.00 39.13  ? 79  GLY A O   1 
ATOM   480  N N   . GLU A 1 80  ? 13.306  -0.742  1.086   1.00 38.45  ? 80  GLU A N   1 
ATOM   481  C CA  . GLU A 1 80  ? 13.607  -1.782  2.058   1.00 37.88  ? 80  GLU A CA  1 
ATOM   482  C C   . GLU A 1 80  ? 12.809  -1.586  3.346   1.00 36.11  ? 80  GLU A C   1 
ATOM   483  O O   . GLU A 1 80  ? 12.215  -0.536  3.568   1.00 35.76  ? 80  GLU A O   1 
ATOM   484  C CB  . GLU A 1 80  ? 15.114  -1.828  2.356   1.00 37.88  ? 80  GLU A CB  1 
ATOM   485  C CG  . GLU A 1 80  ? 15.955  -2.374  1.203   1.00 39.55  ? 80  GLU A CG  1 
ATOM   486  C CD  . GLU A 1 80  ? 17.439  -2.470  1.526   1.00 40.26  ? 80  GLU A CD  1 
ATOM   487  O OE1 . GLU A 1 80  ? 17.880  -1.907  2.559   1.00 43.84  ? 80  GLU A OE1 1 
ATOM   488  O OE2 . GLU A 1 80  ? 18.165  -3.115  0.734   1.00 43.12  ? 80  GLU A OE2 1 
ATOM   489  N N   . SER A 1 81  ? 12.814  -2.605  4.193   1.00 34.94  ? 81  SER A N   1 
ATOM   490  C CA  . SER A 1 81  ? 12.084  -2.569  5.456   1.00 33.88  ? 81  SER A CA  1 
ATOM   491  C C   . SER A 1 81  ? 12.998  -2.161  6.606   1.00 33.35  ? 81  SER A C   1 
ATOM   492  O O   . SER A 1 81  ? 14.223  -2.123  6.444   1.00 33.57  ? 81  SER A O   1 
ATOM   493  C CB  . SER A 1 81  ? 11.469  -3.937  5.736   1.00 33.53  ? 81  SER A CB  1 
ATOM   494  O OG  . SER A 1 81  ? 12.404  -4.818  6.324   1.00 32.69  ? 81  SER A OG  1 
ATOM   495  N N   . ILE A 1 82  ? 12.399  -1.867  7.761   1.00 32.56  ? 82  ILE A N   1 
ATOM   496  C CA  . ILE A 1 82  ? 13.148  -1.564  8.990   1.00 31.66  ? 82  ILE A CA  1 
ATOM   497  C C   . ILE A 1 82  ? 13.940  -2.770  9.526   1.00 31.73  ? 82  ILE A C   1 
ATOM   498  O O   . ILE A 1 82  ? 14.810  -2.606  10.383  1.00 31.82  ? 82  ILE A O   1 
ATOM   499  C CB  . ILE A 1 82  ? 12.228  -1.008  10.123  1.00 31.59  ? 82  ILE A CB  1 
ATOM   500  C CG1 . ILE A 1 82  ? 11.222  -2.071  10.601  1.00 31.05  ? 82  ILE A CG1 1 
ATOM   501  C CG2 . ILE A 1 82  ? 11.523  0.285   9.681   1.00 31.32  ? 82  ILE A CG2 1 
ATOM   502  C CD1 . ILE A 1 82  ? 10.507  -1.720  11.901  1.00 31.01  ? 82  ILE A CD1 1 
ATOM   503  N N   . TYR A 1 83  ? 13.618  -3.966  9.034   1.00 31.29  ? 83  TYR A N   1 
ATOM   504  C CA  . TYR A 1 83  ? 14.250  -5.208  9.477   1.00 31.89  ? 83  TYR A CA  1 
ATOM   505  C C   . TYR A 1 83  ? 15.422  -5.624  8.580   1.00 32.92  ? 83  TYR A C   1 
ATOM   506  O O   . TYR A 1 83  ? 16.155  -6.561  8.896   1.00 33.42  ? 83  TYR A O   1 
ATOM   507  C CB  . TYR A 1 83  ? 13.220  -6.353  9.529   1.00 30.93  ? 83  TYR A CB  1 
ATOM   508  C CG  . TYR A 1 83  ? 11.902  -5.986  10.198  1.00 30.31  ? 83  TYR A CG  1 
ATOM   509  C CD1 . TYR A 1 83  ? 10.744  -5.773  9.439   1.00 28.51  ? 83  TYR A CD1 1 
ATOM   510  C CD2 . TYR A 1 83  ? 11.819  -5.837  11.583  1.00 28.79  ? 83  TYR A CD2 1 
ATOM   511  C CE1 . TYR A 1 83  ? 9.533   -5.433  10.045  1.00 28.99  ? 83  TYR A CE1 1 
ATOM   512  C CE2 . TYR A 1 83  ? 10.618  -5.489  12.203  1.00 28.53  ? 83  TYR A CE2 1 
ATOM   513  C CZ  . TYR A 1 83  ? 9.481   -5.293  11.430  1.00 29.16  ? 83  TYR A CZ  1 
ATOM   514  O OH  . TYR A 1 83  ? 8.300   -4.955  12.038  1.00 29.08  ? 83  TYR A OH  1 
ATOM   515  N N   . GLY A 1 84  ? 15.598  -4.922  7.468   1.00 34.08  ? 84  GLY A N   1 
ATOM   516  C CA  . GLY A 1 84  ? 16.564  -5.317  6.446   1.00 35.45  ? 84  GLY A CA  1 
ATOM   517  C C   . GLY A 1 84  ? 15.898  -5.212  5.092   1.00 36.34  ? 84  GLY A C   1 
ATOM   518  O O   . GLY A 1 84  ? 14.834  -4.597  4.969   1.00 36.54  ? 84  GLY A O   1 
ATOM   519  N N   . ARG A 1 85  ? 16.505  -5.823  4.079   1.00 37.27  ? 85  ARG A N   1 
ATOM   520  C CA  . ARG A 1 85  ? 15.946  -5.796  2.729   1.00 38.03  ? 85  ARG A CA  1 
ATOM   521  C C   . ARG A 1 85  ? 14.530  -6.391  2.690   1.00 37.76  ? 85  ARG A C   1 
ATOM   522  O O   . ARG A 1 85  ? 13.619  -5.813  2.089   1.00 38.03  ? 85  ARG A O   1 
ATOM   523  C CB  . ARG A 1 85  ? 16.870  -6.533  1.756   1.00 38.65  ? 85  ARG A CB  1 
ATOM   524  C CG  . ARG A 1 85  ? 16.482  -6.372  0.292   1.00 41.07  ? 85  ARG A CG  1 
ATOM   525  C CD  . ARG A 1 85  ? 17.244  -7.344  -0.594  1.00 44.79  ? 85  ARG A CD  1 
ATOM   526  N NE  . ARG A 1 85  ? 16.857  -7.171  -1.994  1.00 48.56  ? 85  ARG A NE  1 
ATOM   527  C CZ  . ARG A 1 85  ? 17.340  -7.874  -3.017  1.00 50.15  ? 85  ARG A CZ  1 
ATOM   528  N NH1 . ARG A 1 85  ? 16.905  -7.623  -4.247  1.00 50.55  ? 85  ARG A NH1 1 
ATOM   529  N NH2 . ARG A 1 85  ? 18.247  -8.827  -2.821  1.00 50.73  ? 85  ARG A NH2 1 
ATOM   530  N N   . TYR A 1 86  ? 14.355  -7.534  3.347   1.00 37.45  ? 86  TYR A N   1 
ATOM   531  C CA  . TYR A 1 86  ? 13.071  -8.222  3.373   1.00 37.04  ? 86  TYR A CA  1 
ATOM   532  C C   . TYR A 1 86  ? 12.629  -8.549  4.794   1.00 36.29  ? 86  TYR A C   1 
ATOM   533  O O   . TYR A 1 86  ? 13.455  -8.606  5.710   1.00 36.34  ? 86  TYR A O   1 
ATOM   534  C CB  . TYR A 1 86  ? 13.138  -9.525  2.570   1.00 37.65  ? 86  TYR A CB  1 
ATOM   535  C CG  . TYR A 1 86  ? 13.505  -9.395  1.107   1.00 38.54  ? 86  TYR A CG  1 
ATOM   536  C CD1 . TYR A 1 86  ? 14.528  -10.174 0.562   1.00 39.39  ? 86  TYR A CD1 1 
ATOM   537  C CD2 . TYR A 1 86  ? 12.821  -8.520  0.261   1.00 39.11  ? 86  TYR A CD2 1 
ATOM   538  C CE1 . TYR A 1 86  ? 14.865  -10.084 -0.786  1.00 39.25  ? 86  TYR A CE1 1 
ATOM   539  C CE2 . TYR A 1 86  ? 13.154  -8.420  -1.092  1.00 39.77  ? 86  TYR A CE2 1 
ATOM   540  C CZ  . TYR A 1 86  ? 14.178  -9.205  -1.604  1.00 39.41  ? 86  TYR A CZ  1 
ATOM   541  O OH  . TYR A 1 86  ? 14.516  -9.117  -2.937  1.00 40.52  ? 86  TYR A OH  1 
ATOM   542  N N   . PHE A 1 87  ? 11.322  -8.756  4.971   1.00 35.22  ? 87  PHE A N   1 
ATOM   543  C CA  . PHE A 1 87  ? 10.787  -9.371  6.192   1.00 34.23  ? 87  PHE A CA  1 
ATOM   544  C C   . PHE A 1 87  ? 9.688   -10.394 5.897   1.00 34.37  ? 87  PHE A C   1 
ATOM   545  O O   . PHE A 1 87  ? 9.140   -10.435 4.789   1.00 34.12  ? 87  PHE A O   1 
ATOM   546  C CB  . PHE A 1 87  ? 10.359  -8.330  7.246   1.00 33.53  ? 87  PHE A CB  1 
ATOM   547  C CG  . PHE A 1 87  ? 9.137   -7.523  6.878   1.00 31.93  ? 87  PHE A CG  1 
ATOM   548  C CD1 . PHE A 1 87  ? 7.870   -7.910  7.322   1.00 30.83  ? 87  PHE A CD1 1 
ATOM   549  C CD2 . PHE A 1 87  ? 9.257   -6.357  6.129   1.00 29.48  ? 87  PHE A CD2 1 
ATOM   550  C CE1 . PHE A 1 87  ? 6.744   -7.167  7.005   1.00 30.28  ? 87  PHE A CE1 1 
ATOM   551  C CE2 . PHE A 1 87  ? 8.140   -5.601  5.808   1.00 29.95  ? 87  PHE A CE2 1 
ATOM   552  C CZ  . PHE A 1 87  ? 6.872   -6.006  6.250   1.00 30.57  ? 87  PHE A CZ  1 
ATOM   553  N N   . ASP A 1 88  ? 9.375   -11.208 6.901   1.00 34.38  ? 88  ASP A N   1 
ATOM   554  C CA  . ASP A 1 88  ? 8.505   -12.371 6.731   1.00 34.75  ? 88  ASP A CA  1 
ATOM   555  C C   . ASP A 1 88  ? 7.033   -12.017 6.549   1.00 34.53  ? 88  ASP A C   1 
ATOM   556  O O   . ASP A 1 88  ? 6.580   -10.946 6.958   1.00 34.94  ? 88  ASP A O   1 
ATOM   557  C CB  . ASP A 1 88  ? 8.660   -13.337 7.912   1.00 35.00  ? 88  ASP A CB  1 
ATOM   558  C CG  . ASP A 1 88  ? 10.075  -13.893 8.047   1.00 36.01  ? 88  ASP A CG  1 
ATOM   559  O OD1 . ASP A 1 88  ? 10.868  -13.829 7.077   1.00 36.38  ? 88  ASP A OD1 1 
ATOM   560  O OD2 . ASP A 1 88  ? 10.388  -14.401 9.140   1.00 38.00  ? 88  ASP A OD2 1 
ATOM   561  N N   . ASP A 1 89  ? 6.299   -12.946 5.944   1.00 34.10  ? 89  ASP A N   1 
ATOM   562  C CA  . ASP A 1 89  ? 4.874   -12.795 5.677   1.00 33.79  ? 89  ASP A CA  1 
ATOM   563  C C   . ASP A 1 89  ? 4.020   -13.025 6.913   1.00 33.32  ? 89  ASP A C   1 
ATOM   564  O O   . ASP A 1 89  ? 4.261   -13.951 7.696   1.00 33.59  ? 89  ASP A O   1 
ATOM   565  C CB  . ASP A 1 89  ? 4.429   -13.790 4.602   1.00 33.99  ? 89  ASP A CB  1 
ATOM   566  C CG  . ASP A 1 89  ? 5.113   -13.568 3.270   1.00 34.86  ? 89  ASP A CG  1 
ATOM   567  O OD1 . ASP A 1 89  ? 5.260   -12.395 2.855   1.00 34.79  ? 89  ASP A OD1 1 
ATOM   568  O OD2 . ASP A 1 89  ? 5.490   -14.577 2.629   1.00 35.30  ? 89  ASP A OD2 1 
ATOM   569  N N   . GLU A 1 90  ? 3.007   -12.185 7.066   1.00 32.65  ? 90  GLU A N   1 
ATOM   570  C CA  . GLU A 1 90  ? 1.934   -12.422 8.017   1.00 32.12  ? 90  GLU A CA  1 
ATOM   571  C C   . GLU A 1 90  ? 0.654   -12.626 7.200   1.00 32.40  ? 90  GLU A C   1 
ATOM   572  O O   . GLU A 1 90  ? -0.089  -11.678 6.935   1.00 32.20  ? 90  GLU A O   1 
ATOM   573  C CB  . GLU A 1 90  ? 1.822   -11.254 9.000   1.00 31.57  ? 90  GLU A CB  1 
ATOM   574  C CG  . GLU A 1 90  ? 2.995   -11.169 9.982   1.00 30.14  ? 90  GLU A CG  1 
ATOM   575  C CD  . GLU A 1 90  ? 3.149   -9.785  10.594  1.00 28.64  ? 90  GLU A CD  1 
ATOM   576  O OE1 . GLU A 1 90  ? 3.190   -8.797  9.837   1.00 25.74  ? 90  GLU A OE1 1 
ATOM   577  O OE2 . GLU A 1 90  ? 3.231   -9.689  11.833  1.00 27.75  ? 90  GLU A OE2 1 
ATOM   578  N N   . ILE A 1 91  ? 0.446   -13.872 6.768   1.00 32.69  ? 91  ILE A N   1 
ATOM   579  C CA  . ILE A 1 91  ? -0.627  -14.245 5.845   1.00 33.18  ? 91  ILE A CA  1 
ATOM   580  C C   . ILE A 1 91  ? -1.600  -15.223 6.514   1.00 33.76  ? 91  ILE A C   1 
ATOM   581  O O   . ILE A 1 91  ? -1.186  -16.276 7.000   1.00 34.23  ? 91  ILE A O   1 
ATOM   582  C CB  . ILE A 1 91  ? -0.053  -14.836 4.516   1.00 33.33  ? 91  ILE A CB  1 
ATOM   583  C CG1 . ILE A 1 91  ? 0.570   -13.725 3.660   1.00 33.43  ? 91  ILE A CG1 1 
ATOM   584  C CG2 . ILE A 1 91  ? -1.137  -15.573 3.725   1.00 32.71  ? 91  ILE A CG2 1 
ATOM   585  C CD1 . ILE A 1 91  ? 1.335   -14.209 2.428   1.00 32.71  ? 91  ILE A CD1 1 
ATOM   586  N N   . TYR A 1 92  ? -2.880  -14.853 6.546   1.00 34.13  ? 92  TYR A N   1 
ATOM   587  C CA  . TYR A 1 92  ? -3.918  -15.606 7.251   1.00 34.58  ? 92  TYR A CA  1 
ATOM   588  C C   . TYR A 1 92  ? -5.204  -15.699 6.425   1.00 34.22  ? 92  TYR A C   1 
ATOM   589  O O   . TYR A 1 92  ? -5.551  -14.759 5.722   1.00 33.57  ? 92  TYR A O   1 
ATOM   590  C CB  . TYR A 1 92  ? -4.217  -14.974 8.622   1.00 35.42  ? 92  TYR A CB  1 
ATOM   591  C CG  . TYR A 1 92  ? -2.964  -14.697 9.432   1.00 36.85  ? 92  TYR A CG  1 
ATOM   592  C CD1 . TYR A 1 92  ? -2.476  -13.397 9.574   1.00 35.92  ? 92  TYR A CD1 1 
ATOM   593  C CD2 . TYR A 1 92  ? -2.243  -15.746 10.017  1.00 38.21  ? 92  TYR A CD2 1 
ATOM   594  C CE1 . TYR A 1 92  ? -1.311  -13.143 10.306  1.00 37.32  ? 92  TYR A CE1 1 
ATOM   595  C CE2 . TYR A 1 92  ? -1.072  -15.510 10.743  1.00 38.42  ? 92  TYR A CE2 1 
ATOM   596  C CZ  . TYR A 1 92  ? -0.613  -14.203 10.885  1.00 38.43  ? 92  TYR A CZ  1 
ATOM   597  O OH  . TYR A 1 92  ? 0.544   -13.970 11.600  1.00 39.11  ? 92  TYR A OH  1 
ATOM   598  N N   . PRO A 1 93  ? -5.897  -16.854 6.488   1.00 34.12  ? 93  PRO A N   1 
ATOM   599  C CA  . PRO A 1 93  ? -7.216  -17.018 5.857   1.00 34.14  ? 93  PRO A CA  1 
ATOM   600  C C   . PRO A 1 93  ? -8.259  -15.973 6.270   1.00 34.16  ? 93  PRO A C   1 
ATOM   601  O O   . PRO A 1 93  ? -9.075  -15.580 5.443   1.00 34.42  ? 93  PRO A O   1 
ATOM   602  C CB  . PRO A 1 93  ? -7.649  -18.421 6.316   1.00 33.86  ? 93  PRO A CB  1 
ATOM   603  C CG  . PRO A 1 93  ? -6.370  -19.143 6.512   1.00 34.00  ? 93  PRO A CG  1 
ATOM   604  C CD  . PRO A 1 93  ? -5.444  -18.110 7.118   1.00 34.16  ? 93  PRO A CD  1 
ATOM   605  N N   . GLU A 1 94  ? -8.224  -15.521 7.521   1.00 34.57  ? 94  GLU A N   1 
ATOM   606  C CA  . GLU A 1 94  ? -9.211  -14.549 8.031   1.00 35.15  ? 94  GLU A CA  1 
ATOM   607  C C   . GLU A 1 94  ? -9.085  -13.151 7.418   1.00 34.64  ? 94  GLU A C   1 
ATOM   608  O O   . GLU A 1 94  ? -10.017 -12.354 7.500   1.00 34.54  ? 94  GLU A O   1 
ATOM   609  C CB  . GLU A 1 94  ? -9.134  -14.426 9.556   1.00 35.92  ? 94  GLU A CB  1 
ATOM   610  C CG  . GLU A 1 94  ? -8.811  -15.717 10.289  1.00 39.47  ? 94  GLU A CG  1 
ATOM   611  C CD  . GLU A 1 94  ? -7.331  -15.885 10.550  1.00 42.97  ? 94  GLU A CD  1 
ATOM   612  O OE1 . GLU A 1 94  ? -6.720  -16.787 9.929   1.00 44.08  ? 94  GLU A OE1 1 
ATOM   613  O OE2 . GLU A 1 94  ? -6.784  -15.117 11.381  1.00 45.30  ? 94  GLU A OE2 1 
ATOM   614  N N   . LEU A 1 95  ? -7.932  -12.853 6.820   1.00 34.05  ? 95  LEU A N   1 
ATOM   615  C CA  . LEU A 1 95  ? -7.732  -11.578 6.130   1.00 33.57  ? 95  LEU A CA  1 
ATOM   616  C C   . LEU A 1 95  ? -7.718  -11.803 4.621   1.00 33.62  ? 95  LEU A C   1 
ATOM   617  O O   . LEU A 1 95  ? -6.811  -12.449 4.092   1.00 33.16  ? 95  LEU A O   1 
ATOM   618  C CB  . LEU A 1 95  ? -6.436  -10.892 6.600   1.00 33.39  ? 95  LEU A CB  1 
ATOM   619  C CG  . LEU A 1 95  ? -6.331  -10.491 8.080   1.00 32.69  ? 95  LEU A CG  1 
ATOM   620  C CD1 . LEU A 1 95  ? -4.938  -9.947  8.417   1.00 31.92  ? 95  LEU A CD1 1 
ATOM   621  C CD2 . LEU A 1 95  ? -7.415  -9.486  8.464   1.00 31.95  ? 95  LEU A CD2 1 
ATOM   622  N N   . LYS A 1 96  ? -8.736  -11.278 3.943   1.00 33.67  ? 96  LYS A N   1 
ATOM   623  C CA  . LYS A 1 96  ? -8.954  -11.547 2.521   1.00 34.47  ? 96  LYS A CA  1 
ATOM   624  C C   . LYS A 1 96  ? -9.191  -10.297 1.676   1.00 34.04  ? 96  LYS A C   1 
ATOM   625  O O   . LYS A 1 96  ? -9.615  -9.248  2.179   1.00 33.42  ? 96  LYS A O   1 
ATOM   626  C CB  . LYS A 1 96  ? -10.120 -12.536 2.334   1.00 34.38  ? 96  LYS A CB  1 
ATOM   627  C CG  . LYS A 1 96  ? -9.744  -13.990 2.605   1.00 35.56  ? 96  LYS A CG  1 
ATOM   628  C CD  . LYS A 1 96  ? -10.792 -14.966 2.043   1.00 36.24  ? 96  LYS A CD  1 
ATOM   629  C CE  . LYS A 1 96  ? -10.233 -16.379 1.949   1.00 38.38  ? 96  LYS A CE  1 
ATOM   630  N NZ  . LYS A 1 96  ? -9.950  -16.994 3.283   1.00 38.94  ? 96  LYS A NZ  1 
ATOM   631  N N   . TYR A 1 97  ? -8.905  -10.420 0.382   1.00 34.20  ? 97  TYR A N   1 
ATOM   632  C CA  . TYR A 1 97  ? -9.213  -9.367  -0.578  1.00 34.46  ? 97  TYR A CA  1 
ATOM   633  C C   . TYR A 1 97  ? -10.692 -9.445  -0.946  1.00 34.95  ? 97  TYR A C   1 
ATOM   634  O O   . TYR A 1 97  ? -11.044 -9.836  -2.057  1.00 34.78  ? 97  TYR A O   1 
ATOM   635  C CB  . TYR A 1 97  ? -8.335  -9.500  -1.823  1.00 33.99  ? 97  TYR A CB  1 
ATOM   636  C CG  . TYR A 1 97  ? -6.878  -9.264  -1.537  1.00 33.90  ? 97  TYR A CG  1 
ATOM   637  C CD1 . TYR A 1 97  ? -6.006  -10.329 -1.350  1.00 32.73  ? 97  TYR A CD1 1 
ATOM   638  C CD2 . TYR A 1 97  ? -6.371  -7.963  -1.434  1.00 33.12  ? 97  TYR A CD2 1 
ATOM   639  C CE1 . TYR A 1 97  ? -4.661  -10.112 -1.071  1.00 33.96  ? 97  TYR A CE1 1 
ATOM   640  C CE2 . TYR A 1 97  ? -5.039  -7.737  -1.159  1.00 33.12  ? 97  TYR A CE2 1 
ATOM   641  C CZ  . TYR A 1 97  ? -4.188  -8.808  -0.985  1.00 33.53  ? 97  TYR A CZ  1 
ATOM   642  O OH  . TYR A 1 97  ? -2.868  -8.582  -0.703  1.00 33.62  ? 97  TYR A OH  1 
ATOM   643  N N   . ASP A 1 98  ? -11.544 -9.069  0.004   1.00 35.48  ? 98  ASP A N   1 
ATOM   644  C CA  . ASP A 1 98  ? -12.986 -9.254  -0.124  1.00 36.24  ? 98  ASP A CA  1 
ATOM   645  C C   . ASP A 1 98  ? -13.749 -7.938  -0.217  1.00 36.53  ? 98  ASP A C   1 
ATOM   646  O O   . ASP A 1 98  ? -14.981 -7.927  -0.222  1.00 37.23  ? 98  ASP A O   1 
ATOM   647  C CB  . ASP A 1 98  ? -13.522 -10.126 1.024   1.00 36.19  ? 98  ASP A CB  1 
ATOM   648  C CG  . ASP A 1 98  ? -13.299 -9.509  2.402   1.00 36.96  ? 98  ASP A CG  1 
ATOM   649  O OD1 . ASP A 1 98  ? -13.587 -10.204 3.403   1.00 37.55  ? 98  ASP A OD1 1 
ATOM   650  O OD2 . ASP A 1 98  ? -12.853 -8.342  2.497   1.00 35.89  ? 98  ASP A OD2 1 
ATOM   651  N N   . ARG A 1 99  ? -13.013 -6.831  -0.292  1.00 36.52  ? 99  ARG A N   1 
ATOM   652  C CA  . ARG A 1 99  ? -13.611 -5.508  -0.438  1.00 36.42  ? 99  ARG A CA  1 
ATOM   653  C C   . ARG A 1 99  ? -12.636 -4.529  -1.077  1.00 36.06  ? 99  ARG A C   1 
ATOM   654  O O   . ARG A 1 99  ? -11.433 -4.804  -1.180  1.00 36.22  ? 99  ARG A O   1 
ATOM   655  C CB  . ARG A 1 99  ? -14.113 -4.976  0.913   1.00 36.63  ? 99  ARG A CB  1 
ATOM   656  C CG  . ARG A 1 99  ? -13.020 -4.583  1.914   1.00 36.86  ? 99  ARG A CG  1 
ATOM   657  C CD  . ARG A 1 99  ? -13.570 -4.492  3.330   1.00 37.71  ? 99  ARG A CD  1 
ATOM   658  N NE  . ARG A 1 99  ? -13.912 -5.820  3.844   1.00 41.61  ? 99  ARG A NE  1 
ATOM   659  C CZ  . ARG A 1 99  ? -14.482 -6.062  5.022   1.00 42.45  ? 99  ARG A CZ  1 
ATOM   660  N NH1 . ARG A 1 99  ? -14.746 -7.314  5.374   1.00 42.44  ? 99  ARG A NH1 1 
ATOM   661  N NH2 . ARG A 1 99  ? -14.792 -5.066  5.848   1.00 43.48  ? 99  ARG A NH2 1 
ATOM   662  N N   . ARG A 1 100 ? -13.178 -3.394  -1.510  1.00 35.33  ? 100 ARG A N   1 
ATOM   663  C CA  . ARG A 1 100 ? -12.412 -2.291  -2.075  1.00 34.80  ? 100 ARG A CA  1 
ATOM   664  C C   . ARG A 1 100 ? -11.580 -1.575  -0.996  1.00 34.04  ? 100 ARG A C   1 
ATOM   665  O O   . ARG A 1 100 ? -12.056 -1.336  0.114   1.00 33.81  ? 100 ARG A O   1 
ATOM   666  C CB  . ARG A 1 100 ? -13.383 -1.315  -2.754  1.00 34.82  ? 100 ARG A CB  1 
ATOM   667  C CG  . ARG A 1 100 ? -12.770 -0.076  -3.409  1.00 35.48  ? 100 ARG A CG  1 
ATOM   668  C CD  . ARG A 1 100 ? -13.862 0.724   -4.130  1.00 35.59  ? 100 ARG A CD  1 
ATOM   669  N NE  . ARG A 1 100 ? -13.389 1.994   -4.682  1.00 37.53  ? 100 ARG A NE  1 
ATOM   670  C CZ  . ARG A 1 100 ? -12.825 2.141   -5.879  1.00 37.90  ? 100 ARG A CZ  1 
ATOM   671  N NH1 . ARG A 1 100 ? -12.444 3.346   -6.282  1.00 38.28  ? 100 ARG A NH1 1 
ATOM   672  N NH2 . ARG A 1 100 ? -12.641 1.094   -6.675  1.00 38.46  ? 100 ARG A NH2 1 
ATOM   673  N N   . GLY A 1 101 ? -10.334 -1.246  -1.333  1.00 33.60  ? 101 GLY A N   1 
ATOM   674  C CA  . GLY A 1 101 ? -9.473  -0.461  -0.444  1.00 32.63  ? 101 GLY A CA  1 
ATOM   675  C C   . GLY A 1 101 ? -8.676  -1.250  0.583   1.00 31.73  ? 101 GLY A C   1 
ATOM   676  O O   . GLY A 1 101 ? -8.369  -0.738  1.658   1.00 32.36  ? 101 GLY A O   1 
ATOM   677  N N   . ILE A 1 102 ? -8.340  -2.495  0.268   1.00 30.93  ? 102 ILE A N   1 
ATOM   678  C CA  . ILE A 1 102 ? -7.468  -3.294  1.138   1.00 30.11  ? 102 ILE A CA  1 
ATOM   679  C C   . ILE A 1 102 ? -6.026  -2.768  1.026   1.00 29.37  ? 102 ILE A C   1 
ATOM   680  O O   . ILE A 1 102 ? -5.574  -2.427  -0.073  1.00 28.61  ? 102 ILE A O   1 
ATOM   681  C CB  . ILE A 1 102 ? -7.528  -4.817  0.781   1.00 30.22  ? 102 ILE A CB  1 
ATOM   682  C CG1 . ILE A 1 102 ? -8.924  -5.415  1.060   1.00 30.11  ? 102 ILE A CG1 1 
ATOM   683  C CG2 . ILE A 1 102 ? -6.432  -5.613  1.507   1.00 29.67  ? 102 ILE A CG2 1 
ATOM   684  C CD1 . ILE A 1 102 ? -9.379  -5.407  2.520   1.00 31.20  ? 102 ILE A CD1 1 
ATOM   685  N N   . LEU A 1 103 ? -5.326  -2.697  2.160   1.00 28.69  ? 103 LEU A N   1 
ATOM   686  C CA  . LEU A 1 103 ? -3.923  -2.256  2.198   1.00 28.42  ? 103 LEU A CA  1 
ATOM   687  C C   . LEU A 1 103 ? -2.980  -3.443  2.388   1.00 28.44  ? 103 LEU A C   1 
ATOM   688  O O   . LEU A 1 103 ? -3.089  -4.185  3.372   1.00 27.99  ? 103 LEU A O   1 
ATOM   689  C CB  . LEU A 1 103 ? -3.707  -1.215  3.310   1.00 28.12  ? 103 LEU A CB  1 
ATOM   690  C CG  . LEU A 1 103 ? -2.304  -0.628  3.543   1.00 28.36  ? 103 LEU A CG  1 
ATOM   691  C CD1 . LEU A 1 103 ? -1.796  0.124   2.321   1.00 27.46  ? 103 LEU A CD1 1 
ATOM   692  C CD2 . LEU A 1 103 ? -2.294  0.295   4.770   1.00 28.19  ? 103 LEU A CD2 1 
ATOM   693  N N   . SER A 1 104 ? -2.040  -3.600  1.457   1.00 28.41  ? 104 SER A N   1 
ATOM   694  C CA  . SER A 1 104 ? -1.146  -4.754  1.461   1.00 28.87  ? 104 SER A CA  1 
ATOM   695  C C   . SER A 1 104 ? 0.304   -4.390  1.175   1.00 28.85  ? 104 SER A C   1 
ATOM   696  O O   . SER A 1 104 ? 0.590   -3.308  0.682   1.00 28.68  ? 104 SER A O   1 
ATOM   697  C CB  . SER A 1 104 ? -1.619  -5.796  0.438   1.00 28.92  ? 104 SER A CB  1 
ATOM   698  O OG  . SER A 1 104 ? -3.005  -6.041  0.595   1.00 30.92  ? 104 SER A OG  1 
ATOM   699  N N   . MET A 1 105 ? 1.204   -5.316  1.492   1.00 28.97  ? 105 MET A N   1 
ATOM   700  C CA  . MET A 1 105 ? 2.597   -5.210  1.108   1.00 29.53  ? 105 MET A CA  1 
ATOM   701  C C   . MET A 1 105 ? 2.840   -5.886  -0.238  1.00 30.45  ? 105 MET A C   1 
ATOM   702  O O   . MET A 1 105 ? 2.383   -7.019  -0.483  1.00 29.99  ? 105 MET A O   1 
ATOM   703  C CB  . MET A 1 105 ? 3.512   -5.818  2.173   1.00 29.11  ? 105 MET A CB  1 
ATOM   704  C CG  . MET A 1 105 ? 3.547   -5.064  3.503   1.00 27.93  ? 105 MET A CG  1 
ATOM   705  S SD  . MET A 1 105 ? 3.895   -3.284  3.348   1.00 27.61  ? 105 MET A SD  1 
ATOM   706  C CE  . MET A 1 105 ? 5.658   -3.296  2.976   1.00 26.25  ? 105 MET A CE  1 
ATOM   707  N N   . ALA A 1 106 ? 3.551   -5.174  -1.108  1.00 31.47  ? 106 ALA A N   1 
ATOM   708  C CA  . ALA A 1 106 ? 4.024   -5.726  -2.370  1.00 33.05  ? 106 ALA A CA  1 
ATOM   709  C C   . ALA A 1 106 ? 5.173   -6.693  -2.100  1.00 34.20  ? 106 ALA A C   1 
ATOM   710  O O   . ALA A 1 106 ? 5.858   -6.575  -1.084  1.00 34.67  ? 106 ALA A O   1 
ATOM   711  C CB  . ALA A 1 106 ? 4.479   -4.599  -3.290  1.00 32.96  ? 106 ALA A CB  1 
ATOM   712  N N   . SER A 1 107 ? 5.364   -7.663  -2.989  1.00 35.66  ? 107 SER A N   1 
ATOM   713  C CA  . SER A 1 107 ? 6.506   -8.586  -2.920  1.00 36.96  ? 107 SER A CA  1 
ATOM   714  C C   . SER A 1 107 ? 6.710   -9.322  -4.239  1.00 37.18  ? 107 SER A C   1 
ATOM   715  O O   . SER A 1 107 ? 5.790   -9.418  -5.052  1.00 37.50  ? 107 SER A O   1 
ATOM   716  C CB  . SER A 1 107 ? 6.355   -9.597  -1.778  1.00 37.16  ? 107 SER A CB  1 
ATOM   717  O OG  . SER A 1 107 ? 5.129   -10.308 -1.863  1.00 39.60  ? 107 SER A OG  1 
ATOM   718  N N   . ALA A 1 110 ? 5.359   -12.585 -4.934  1.00 53.18  ? 110 ALA A N   1 
ATOM   719  C CA  . ALA A 1 110 ? 4.166   -13.204 -4.360  1.00 53.23  ? 110 ALA A CA  1 
ATOM   720  C C   . ALA A 1 110 ? 4.517   -14.496 -3.620  1.00 53.20  ? 110 ALA A C   1 
ATOM   721  O O   . ALA A 1 110 ? 5.581   -14.590 -3.014  1.00 53.39  ? 110 ALA A O   1 
ATOM   722  C CB  . ALA A 1 110 ? 3.121   -13.459 -5.456  1.00 53.33  ? 110 ALA A CB  1 
ATOM   723  N N   . SER A 1 111 ? 3.624   -15.487 -3.677  1.00 53.35  ? 111 SER A N   1 
ATOM   724  C CA  . SER A 1 111 ? 3.854   -16.817 -3.083  1.00 53.16  ? 111 SER A CA  1 
ATOM   725  C C   . SER A 1 111 ? 5.088   -17.523 -3.647  1.00 52.96  ? 111 SER A C   1 
ATOM   726  O O   . SER A 1 111 ? 5.682   -18.373 -2.972  1.00 53.19  ? 111 SER A O   1 
ATOM   727  C CB  . SER A 1 111 ? 2.630   -17.712 -3.284  1.00 53.19  ? 111 SER A CB  1 
ATOM   728  O OG  . SER A 1 111 ? 2.399   -17.953 -4.666  1.00 53.53  ? 111 SER A OG  1 
ATOM   729  N N   . LYS A 1 112 ? 5.451   -17.171 -4.885  1.00 52.43  ? 112 LYS A N   1 
ATOM   730  C CA  . LYS A 1 112 ? 6.629   -17.705 -5.576  1.00 51.88  ? 112 LYS A CA  1 
ATOM   731  C C   . LYS A 1 112 ? 7.922   -17.405 -4.817  1.00 51.28  ? 112 LYS A C   1 
ATOM   732  O O   . LYS A 1 112 ? 8.809   -18.254 -4.727  1.00 51.45  ? 112 LYS A O   1 
ATOM   733  C CB  . LYS A 1 112 ? 6.719   -17.138 -6.999  1.00 51.97  ? 112 LYS A CB  1 
ATOM   734  C CG  . LYS A 1 112 ? 5.565   -17.542 -7.917  1.00 52.30  ? 112 LYS A CG  1 
ATOM   735  N N   . LYS A 1 113 ? 8.017   -16.189 -4.284  1.00 50.33  ? 113 LYS A N   1 
ATOM   736  C CA  . LYS A 1 113 ? 9.140   -15.781 -3.451  1.00 49.28  ? 113 LYS A CA  1 
ATOM   737  C C   . LYS A 1 113 ? 8.609   -15.290 -2.102  1.00 48.07  ? 113 LYS A C   1 
ATOM   738  O O   . LYS A 1 113 ? 8.367   -14.092 -1.923  1.00 48.10  ? 113 LYS A O   1 
ATOM   739  C CB  . LYS A 1 113 ? 9.971   -14.694 -4.146  1.00 49.68  ? 113 LYS A CB  1 
ATOM   740  C CG  . LYS A 1 113 ? 10.801  -15.177 -5.330  1.00 50.66  ? 113 LYS A CG  1 
ATOM   741  C CD  . LYS A 1 113 ? 12.002  -16.002 -4.878  1.00 52.80  ? 113 LYS A CD  1 
ATOM   742  C CE  . LYS A 1 113 ? 12.737  -16.603 -6.072  1.00 54.12  ? 113 LYS A CE  1 
ATOM   743  N NZ  . LYS A 1 113 ? 13.755  -17.616 -5.650  1.00 54.96  ? 113 LYS A NZ  1 
ATOM   744  N N   . PRO A 1 114 ? 8.424   -16.218 -1.144  1.00 46.80  ? 114 PRO A N   1 
ATOM   745  C CA  . PRO A 1 114 ? 7.816   -15.855 0.135   1.00 45.65  ? 114 PRO A CA  1 
ATOM   746  C C   . PRO A 1 114 ? 8.749   -15.026 1.014   1.00 44.36  ? 114 PRO A C   1 
ATOM   747  O O   . PRO A 1 114 ? 9.971   -15.058 0.825   1.00 44.29  ? 114 PRO A O   1 
ATOM   748  C CB  . PRO A 1 114 ? 7.537   -17.214 0.786   1.00 45.81  ? 114 PRO A CB  1 
ATOM   749  C CG  . PRO A 1 114 ? 8.556   -18.128 0.201   1.00 46.24  ? 114 PRO A CG  1 
ATOM   750  C CD  . PRO A 1 114 ? 8.781   -17.649 -1.204  1.00 46.60  ? 114 PRO A CD  1 
ATOM   751  N N   . ASN A 1 115 ? 8.164   -14.284 1.955   1.00 42.74  ? 115 ASN A N   1 
ATOM   752  C CA  . ASN A 1 115 ? 8.916   -13.503 2.946   1.00 41.08  ? 115 ASN A CA  1 
ATOM   753  C C   . ASN A 1 115 ? 9.816   -12.435 2.335   1.00 39.95  ? 115 ASN A C   1 
ATOM   754  O O   . ASN A 1 115 ? 10.929  -12.205 2.810   1.00 40.00  ? 115 ASN A O   1 
ATOM   755  C CB  . ASN A 1 115 ? 9.723   -14.430 3.867   1.00 41.11  ? 115 ASN A CB  1 
ATOM   756  C CG  . ASN A 1 115 ? 8.859   -15.483 4.541   1.00 40.87  ? 115 ASN A CG  1 
ATOM   757  O OD1 . ASN A 1 115 ? 7.820   -15.171 5.121   1.00 39.96  ? 115 ASN A OD1 1 
ATOM   758  N ND2 . ASN A 1 115 ? 9.291   -16.739 4.468   1.00 40.24  ? 115 ASN A ND2 1 
ATOM   759  N N   . THR A 1 116 ? 9.325   -11.785 1.284   1.00 38.55  ? 116 THR A N   1 
ATOM   760  C CA  . THR A 1 116 ? 10.093  -10.765 0.579   1.00 37.06  ? 116 THR A CA  1 
ATOM   761  C C   . THR A 1 116 ? 9.387   -9.402  0.592   1.00 36.15  ? 116 THR A C   1 
ATOM   762  O O   . THR A 1 116 ? 9.291   -8.729  -0.438  1.00 36.00  ? 116 THR A O   1 
ATOM   763  C CB  . THR A 1 116 ? 10.425  -11.182 -0.886  1.00 37.20  ? 116 THR A CB  1 
ATOM   764  O OG1 . THR A 1 116 ? 9.224   -11.555 -1.566  1.00 36.90  ? 116 THR A OG1 1 
ATOM   765  C CG2 . THR A 1 116 ? 11.429  -12.342 -0.929  1.00 36.99  ? 116 THR A CG2 1 
ATOM   766  N N   . ASN A 1 117 ? 8.907   -9.000  1.766   1.00 34.72  ? 117 ASN A N   1 
ATOM   767  C CA  . ASN A 1 117 ? 8.288   -7.686  1.945   1.00 33.46  ? 117 ASN A CA  1 
ATOM   768  C C   . ASN A 1 117 ? 9.334   -6.612  2.237   1.00 32.88  ? 117 ASN A C   1 
ATOM   769  O O   . ASN A 1 117 ? 10.287  -6.855  2.976   1.00 32.93  ? 117 ASN A O   1 
ATOM   770  C CB  . ASN A 1 117 ? 7.245   -7.737  3.067   1.00 33.20  ? 117 ASN A CB  1 
ATOM   771  C CG  . ASN A 1 117 ? 6.193   -8.798  2.828   1.00 32.74  ? 117 ASN A CG  1 
ATOM   772  O OD1 . ASN A 1 117 ? 5.426   -8.717  1.866   1.00 33.22  ? 117 ASN A OD1 1 
ATOM   773  N ND2 . ASN A 1 117 ? 6.154   -9.804  3.694   1.00 29.56  ? 117 ASN A ND2 1 
ATOM   774  N N   . GLY A 1 118 ? 9.153   -5.433  1.646   1.00 31.92  ? 118 GLY A N   1 
ATOM   775  C CA  . GLY A 1 118 ? 10.103  -4.327  1.794   1.00 30.78  ? 118 GLY A CA  1 
ATOM   776  C C   . GLY A 1 118 ? 9.403   -3.087  2.306   1.00 29.74  ? 118 GLY A C   1 
ATOM   777  O O   . GLY A 1 118 ? 8.953   -3.056  3.447   1.00 29.48  ? 118 GLY A O   1 
ATOM   778  N N   . SER A 1 119 ? 9.304   -2.069  1.454   1.00 28.86  ? 119 SER A N   1 
ATOM   779  C CA  . SER A 1 119 ? 8.583   -0.843  1.792   1.00 28.14  ? 119 SER A CA  1 
ATOM   780  C C   . SER A 1 119 ? 7.376   -0.612  0.890   1.00 27.50  ? 119 SER A C   1 
ATOM   781  O O   . SER A 1 119 ? 6.450   0.100   1.266   1.00 27.29  ? 119 SER A O   1 
ATOM   782  C CB  . SER A 1 119 ? 9.512   0.372   1.721   1.00 28.25  ? 119 SER A CB  1 
ATOM   783  O OG  . SER A 1 119 ? 9.821   0.699   0.380   1.00 28.56  ? 119 SER A OG  1 
ATOM   784  N N   . GLN A 1 120 ? 7.393   -1.202  -0.303  1.00 27.53  ? 120 GLN A N   1 
ATOM   785  C CA  . GLN A 1 120 ? 6.316   -0.990  -1.273  1.00 27.54  ? 120 GLN A CA  1 
ATOM   786  C C   . GLN A 1 120 ? 5.028   -1.638  -0.805  1.00 27.58  ? 120 GLN A C   1 
ATOM   787  O O   . GLN A 1 120 ? 5.040   -2.745  -0.260  1.00 26.86  ? 120 GLN A O   1 
ATOM   788  C CB  . GLN A 1 120 ? 6.687   -1.516  -2.655  1.00 27.69  ? 120 GLN A CB  1 
ATOM   789  C CG  . GLN A 1 120 ? 7.754   -0.699  -3.368  1.00 28.41  ? 120 GLN A CG  1 
ATOM   790  C CD  . GLN A 1 120 ? 8.022   -1.215  -4.755  1.00 29.87  ? 120 GLN A CD  1 
ATOM   791  O OE1 . GLN A 1 120 ? 7.100   -1.368  -5.561  1.00 31.14  ? 120 GLN A OE1 1 
ATOM   792  N NE2 . GLN A 1 120 ? 9.287   -1.483  -5.053  1.00 28.75  ? 120 GLN A NE2 1 
ATOM   793  N N   . PHE A 1 121 ? 3.931   -0.920  -1.024  1.00 27.75  ? 121 PHE A N   1 
ATOM   794  C CA  . PHE A 1 121 ? 2.607   -1.347  -0.620  1.00 28.65  ? 121 PHE A CA  1 
ATOM   795  C C   . PHE A 1 121 ? 1.619   -1.067  -1.758  1.00 28.97  ? 121 PHE A C   1 
ATOM   796  O O   . PHE A 1 121 ? 1.903   -0.267  -2.652  1.00 29.10  ? 121 PHE A O   1 
ATOM   797  C CB  . PHE A 1 121 ? 2.181   -0.627  0.674   1.00 28.24  ? 121 PHE A CB  1 
ATOM   798  C CG  . PHE A 1 121 ? 2.063   0.871   0.528   1.00 29.45  ? 121 PHE A CG  1 
ATOM   799  C CD1 . PHE A 1 121 ? 0.845   1.457   0.179   1.00 28.52  ? 121 PHE A CD1 1 
ATOM   800  C CD2 . PHE A 1 121 ? 3.167   1.696   0.746   1.00 28.52  ? 121 PHE A CD2 1 
ATOM   801  C CE1 . PHE A 1 121 ? 0.728   2.833   0.038   1.00 28.56  ? 121 PHE A CE1 1 
ATOM   802  C CE2 . PHE A 1 121 ? 3.064   3.074   0.609   1.00 28.63  ? 121 PHE A CE2 1 
ATOM   803  C CZ  . PHE A 1 121 ? 1.841   3.647   0.261   1.00 29.31  ? 121 PHE A CZ  1 
ATOM   804  N N   . PHE A 1 122 ? 0.473   -1.742  -1.733  1.00 29.32  ? 122 PHE A N   1 
ATOM   805  C CA  . PHE A 1 122 ? -0.595  -1.447  -2.691  1.00 29.35  ? 122 PHE A CA  1 
ATOM   806  C C   . PHE A 1 122 ? -1.961  -1.374  -2.040  1.00 29.57  ? 122 PHE A C   1 
ATOM   807  O O   . PHE A 1 122 ? -2.163  -1.890  -0.933  1.00 29.49  ? 122 PHE A O   1 
ATOM   808  C CB  . PHE A 1 122 ? -0.573  -2.406  -3.898  1.00 29.24  ? 122 PHE A CB  1 
ATOM   809  C CG  . PHE A 1 122 ? -0.868  -3.853  -3.567  1.00 29.54  ? 122 PHE A CG  1 
ATOM   810  C CD1 . PHE A 1 122 ? -2.180  -4.347  -3.619  1.00 29.45  ? 122 PHE A CD1 1 
ATOM   811  C CD2 . PHE A 1 122 ? 0.167   -4.734  -3.257  1.00 29.32  ? 122 PHE A CD2 1 
ATOM   812  C CE1 . PHE A 1 122 ? -2.457  -5.699  -3.340  1.00 29.72  ? 122 PHE A CE1 1 
ATOM   813  C CE2 . PHE A 1 122 ? -0.096  -6.088  -2.971  1.00 30.19  ? 122 PHE A CE2 1 
ATOM   814  C CZ  . PHE A 1 122 ? -1.411  -6.569  -3.020  1.00 29.36  ? 122 PHE A CZ  1 
ATOM   815  N N   . ILE A 1 123 ? -2.877  -0.686  -2.723  1.00 29.93  ? 123 ILE A N   1 
ATOM   816  C CA  . ILE A 1 123 ? -4.268  -0.540  -2.309  1.00 30.52  ? 123 ILE A CA  1 
ATOM   817  C C   . ILE A 1 123 ? -5.160  -1.117  -3.426  1.00 31.09  ? 123 ILE A C   1 
ATOM   818  O O   . ILE A 1 123 ? -4.993  -0.764  -4.592  1.00 30.96  ? 123 ILE A O   1 
ATOM   819  C CB  . ILE A 1 123 ? -4.636  0.956   -2.077  1.00 30.56  ? 123 ILE A CB  1 
ATOM   820  C CG1 . ILE A 1 123 ? -3.614  1.643   -1.148  1.00 31.25  ? 123 ILE A CG1 1 
ATOM   821  C CG2 . ILE A 1 123 ? -6.067  1.099   -1.542  1.00 29.82  ? 123 ILE A CG2 1 
ATOM   822  C CD1 . ILE A 1 123 ? -3.531  3.157   -1.318  1.00 29.65  ? 123 ILE A CD1 1 
ATOM   823  N N   . THR A 1 124 ? -6.094  -2.003  -3.074  1.00 31.83  ? 124 THR A N   1 
ATOM   824  C CA  . THR A 1 124 ? -6.948  -2.663  -4.076  1.00 32.73  ? 124 THR A CA  1 
ATOM   825  C C   . THR A 1 124 ? -8.157  -1.817  -4.472  1.00 33.08  ? 124 THR A C   1 
ATOM   826  O O   . THR A 1 124 ? -8.663  -1.040  -3.667  1.00 33.18  ? 124 THR A O   1 
ATOM   827  C CB  . THR A 1 124 ? -7.443  -4.053  -3.605  1.00 32.62  ? 124 THR A CB  1 
ATOM   828  O OG1 . THR A 1 124 ? -8.317  -3.905  -2.479  1.00 33.51  ? 124 THR A OG1 1 
ATOM   829  C CG2 . THR A 1 124 ? -6.278  -4.931  -3.228  1.00 32.58  ? 124 THR A CG2 1 
ATOM   830  N N   . TYR A 1 125 ? -8.617  -1.978  -5.714  1.00 33.92  ? 125 TYR A N   1 
ATOM   831  C CA  . TYR A 1 125 ? -9.815  -1.272  -6.188  1.00 34.62  ? 125 TYR A CA  1 
ATOM   832  C C   . TYR A 1 125 ? -11.092 -2.113  -6.115  1.00 35.14  ? 125 TYR A C   1 
ATOM   833  O O   . TYR A 1 125 ? -12.194 -1.598  -6.315  1.00 35.84  ? 125 TYR A O   1 
ATOM   834  C CB  . TYR A 1 125 ? -9.619  -0.749  -7.614  1.00 34.57  ? 125 TYR A CB  1 
ATOM   835  C CG  . TYR A 1 125 ? -8.696  0.443   -7.725  1.00 34.49  ? 125 TYR A CG  1 
ATOM   836  C CD1 . TYR A 1 125 ? -7.573  0.397   -8.545  1.00 34.52  ? 125 TYR A CD1 1 
ATOM   837  C CD2 . TYR A 1 125 ? -8.947  1.615   -7.018  1.00 34.39  ? 125 TYR A CD2 1 
ATOM   838  C CE1 . TYR A 1 125 ? -6.720  1.485   -8.659  1.00 34.15  ? 125 TYR A CE1 1 
ATOM   839  C CE2 . TYR A 1 125 ? -8.093  2.713   -7.126  1.00 34.09  ? 125 TYR A CE2 1 
ATOM   840  C CZ  . TYR A 1 125 ? -6.986  2.634   -7.952  1.00 33.95  ? 125 TYR A CZ  1 
ATOM   841  O OH  . TYR A 1 125 ? -6.138  3.708   -8.081  1.00 34.95  ? 125 TYR A OH  1 
ATOM   842  N N   . SER A 1 126 ? -10.941 -3.402  -5.838  1.00 35.39  ? 126 SER A N   1 
ATOM   843  C CA  . SER A 1 126 ? -12.087 -4.302  -5.681  1.00 35.52  ? 126 SER A CA  1 
ATOM   844  C C   . SER A 1 126 ? -11.669 -5.568  -4.951  1.00 35.31  ? 126 SER A C   1 
ATOM   845  O O   . SER A 1 126 ? -10.480 -5.759  -4.640  1.00 34.78  ? 126 SER A O   1 
ATOM   846  C CB  . SER A 1 126 ? -12.689 -4.660  -7.047  1.00 35.69  ? 126 SER A CB  1 
ATOM   847  O OG  . SER A 1 126 ? -11.686 -5.097  -7.945  1.00 36.45  ? 126 SER A OG  1 
ATOM   848  N N   . SER A 1 127 ? -12.650 -6.424  -4.666  1.00 35.11  ? 127 SER A N   1 
ATOM   849  C CA  . SER A 1 127 ? -12.378 -7.778  -4.195  1.00 35.06  ? 127 SER A CA  1 
ATOM   850  C C   . SER A 1 127 ? -11.504 -8.463  -5.226  1.00 34.53  ? 127 SER A C   1 
ATOM   851  O O   . SER A 1 127 ? -11.747 -8.340  -6.431  1.00 34.47  ? 127 SER A O   1 
ATOM   852  C CB  . SER A 1 127 ? -13.676 -8.569  -4.006  1.00 35.21  ? 127 SER A CB  1 
ATOM   853  O OG  . SER A 1 127 ? -14.635 -7.794  -3.309  1.00 37.60  ? 127 SER A OG  1 
ATOM   854  N N   . LEU A 1 128 ? -10.478 -9.161  -4.756  1.00 34.10  ? 128 LEU A N   1 
ATOM   855  C CA  . LEU A 1 128 ? -9.540  -9.836  -5.650  1.00 34.04  ? 128 LEU A CA  1 
ATOM   856  C C   . LEU A 1 128 ? -9.138  -11.211 -5.111  1.00 33.76  ? 128 LEU A C   1 
ATOM   857  O O   . LEU A 1 128 ? -8.006  -11.391 -4.665  1.00 33.52  ? 128 LEU A O   1 
ATOM   858  C CB  . LEU A 1 128 ? -8.297  -8.963  -5.906  1.00 34.09  ? 128 LEU A CB  1 
ATOM   859  C CG  . LEU A 1 128 ? -8.460  -7.612  -6.625  1.00 34.97  ? 128 LEU A CG  1 
ATOM   860  C CD1 . LEU A 1 128 ? -7.245  -6.715  -6.421  1.00 34.95  ? 128 LEU A CD1 1 
ATOM   861  C CD2 . LEU A 1 128 ? -8.757  -7.779  -8.126  1.00 35.86  ? 128 LEU A CD2 1 
ATOM   862  N N   . PRO A 1 129 ? -10.059 -12.201 -5.177  1.00 33.85  ? 129 PRO A N   1 
ATOM   863  C CA  . PRO A 1 129 ? -9.814  -13.517 -4.565  1.00 33.58  ? 129 PRO A CA  1 
ATOM   864  C C   . PRO A 1 129 ? -8.563  -14.227 -5.083  1.00 33.60  ? 129 PRO A C   1 
ATOM   865  O O   . PRO A 1 129 ? -7.984  -15.034 -4.362  1.00 33.41  ? 129 PRO A O   1 
ATOM   866  C CB  . PRO A 1 129 ? -11.077 -14.320 -4.923  1.00 33.94  ? 129 PRO A CB  1 
ATOM   867  C CG  . PRO A 1 129 ? -12.122 -13.295 -5.230  1.00 33.61  ? 129 PRO A CG  1 
ATOM   868  C CD  . PRO A 1 129 ? -11.382 -12.138 -5.832  1.00 33.79  ? 129 PRO A CD  1 
ATOM   869  N N   . GLN A 1 130 ? -8.146  -13.919 -6.313  1.00 33.92  ? 130 GLN A N   1 
ATOM   870  C CA  . GLN A 1 130 ? -6.915  -14.482 -6.899  1.00 34.50  ? 130 GLN A CA  1 
ATOM   871  C C   . GLN A 1 130 ? -5.645  -14.090 -6.148  1.00 34.31  ? 130 GLN A C   1 
ATOM   872  O O   . GLN A 1 130 ? -4.607  -14.749 -6.295  1.00 34.30  ? 130 GLN A O   1 
ATOM   873  C CB  . GLN A 1 130 ? -6.742  -14.064 -8.367  1.00 34.88  ? 130 GLN A CB  1 
ATOM   874  C CG  . GLN A 1 130 ? -8.016  -13.630 -9.067  1.00 38.08  ? 130 GLN A CG  1 
ATOM   875  C CD  . GLN A 1 130 ? -8.280  -12.139 -8.929  1.00 39.54  ? 130 GLN A CD  1 
ATOM   876  O OE1 . GLN A 1 130 ? -9.253  -11.731 -8.303  1.00 41.14  ? 130 GLN A OE1 1 
ATOM   877  N NE2 . GLN A 1 130 ? -7.420  -11.323 -9.526  1.00 41.68  ? 130 GLN A NE2 1 
ATOM   878  N N   . LEU A 1 131 ? -5.723  -13.012 -5.368  1.00 34.11  ? 131 LEU A N   1 
ATOM   879  C CA  . LEU A 1 131 ? -4.574  -12.525 -4.602  1.00 34.08  ? 131 LEU A CA  1 
ATOM   880  C C   . LEU A 1 131 ? -4.486  -13.126 -3.197  1.00 33.83  ? 131 LEU A C   1 
ATOM   881  O O   . LEU A 1 131 ? -3.462  -12.991 -2.525  1.00 33.85  ? 131 LEU A O   1 
ATOM   882  C CB  . LEU A 1 131 ? -4.564  -10.986 -4.536  1.00 33.85  ? 131 LEU A CB  1 
ATOM   883  C CG  . LEU A 1 131 ? -4.474  -10.151 -5.823  1.00 33.81  ? 131 LEU A CG  1 
ATOM   884  C CD1 . LEU A 1 131 ? -4.202  -8.685  -5.477  1.00 34.74  ? 131 LEU A CD1 1 
ATOM   885  C CD2 . LEU A 1 131 ? -3.407  -10.676 -6.774  1.00 33.07  ? 131 LEU A CD2 1 
ATOM   886  N N   . ASN A 1 132 ? -5.551  -13.801 -2.765  1.00 33.61  ? 132 ASN A N   1 
ATOM   887  C CA  . ASN A 1 132 ? -5.610  -14.376 -1.419  1.00 33.34  ? 132 ASN A CA  1 
ATOM   888  C C   . ASN A 1 132 ? -4.480  -15.362 -1.154  1.00 32.73  ? 132 ASN A C   1 
ATOM   889  O O   . ASN A 1 132 ? -4.269  -16.297 -1.922  1.00 33.03  ? 132 ASN A O   1 
ATOM   890  C CB  . ASN A 1 132 ? -6.997  -14.984 -1.124  1.00 33.27  ? 132 ASN A CB  1 
ATOM   891  C CG  . ASN A 1 132 ? -8.073  -13.914 -0.918  1.00 34.52  ? 132 ASN A CG  1 
ATOM   892  O OD1 . ASN A 1 132 ? -7.780  -12.799 -0.473  1.00 36.59  ? 132 ASN A OD1 1 
ATOM   893  N ND2 . ASN A 1 132 ? -9.319  -14.248 -1.245  1.00 34.24  ? 132 ASN A ND2 1 
ATOM   894  N N   . GLY A 1 133 ? -3.738  -15.117 -0.073  1.00 32.29  ? 133 GLY A N   1 
ATOM   895  C CA  . GLY A 1 133 ? -2.552  -15.905 0.272   1.00 31.60  ? 133 GLY A CA  1 
ATOM   896  C C   . GLY A 1 133 ? -1.263  -15.496 -0.423  1.00 31.62  ? 133 GLY A C   1 
ATOM   897  O O   . GLY A 1 133 ? -0.198  -16.053 -0.140  1.00 31.48  ? 133 GLY A O   1 
ATOM   898  N N   . GLU A 1 134 ? -1.354  -14.521 -1.329  1.00 31.48  ? 134 GLU A N   1 
ATOM   899  C CA  . GLU A 1 134 ? -0.221  -14.137 -2.177  1.00 31.57  ? 134 GLU A CA  1 
ATOM   900  C C   . GLU A 1 134 ? 0.587   -12.968 -1.610  1.00 31.43  ? 134 GLU A C   1 
ATOM   901  O O   . GLU A 1 134 ? 1.808   -12.910 -1.787  1.00 31.49  ? 134 GLU A O   1 
ATOM   902  C CB  . GLU A 1 134 ? -0.701  -13.796 -3.592  1.00 31.66  ? 134 GLU A CB  1 
ATOM   903  C CG  . GLU A 1 134 ? -1.408  -14.944 -4.324  1.00 33.24  ? 134 GLU A CG  1 
ATOM   904  C CD  . GLU A 1 134 ? -0.459  -16.055 -4.726  1.00 36.00  ? 134 GLU A CD  1 
ATOM   905  O OE1 . GLU A 1 134 ? 0.766   -15.813 -4.726  1.00 36.92  ? 134 GLU A OE1 1 
ATOM   906  O OE2 . GLU A 1 134 ? -0.933  -17.167 -5.054  1.00 37.95  ? 134 GLU A OE2 1 
ATOM   907  N N   . TYR A 1 135 ? -0.105  -12.042 -0.949  1.00 30.75  ? 135 TYR A N   1 
ATOM   908  C CA  . TYR A 1 135 ? 0.512   -10.848 -0.365  1.00 30.58  ? 135 TYR A CA  1 
ATOM   909  C C   . TYR A 1 135 ? -0.041  -10.608 1.029   1.00 30.11  ? 135 TYR A C   1 
ATOM   910  O O   . TYR A 1 135 ? -1.175  -10.982 1.326   1.00 30.27  ? 135 TYR A O   1 
ATOM   911  C CB  . TYR A 1 135 ? 0.268   -9.607  -1.245  1.00 30.34  ? 135 TYR A CB  1 
ATOM   912  C CG  . TYR A 1 135 ? 0.736   -9.792  -2.678  1.00 31.15  ? 135 TYR A CG  1 
ATOM   913  C CD1 . TYR A 1 135 ? -0.157  -10.192 -3.671  1.00 31.33  ? 135 TYR A CD1 1 
ATOM   914  C CD2 . TYR A 1 135 ? 2.074   -9.590  -3.034  1.00 30.77  ? 135 TYR A CD2 1 
ATOM   915  C CE1 . TYR A 1 135 ? 0.259   -10.391 -4.979  1.00 31.90  ? 135 TYR A CE1 1 
ATOM   916  C CE2 . TYR A 1 135 ? 2.502   -9.781  -4.352  1.00 31.17  ? 135 TYR A CE2 1 
ATOM   917  C CZ  . TYR A 1 135 ? 1.585   -10.182 -5.314  1.00 32.05  ? 135 TYR A CZ  1 
ATOM   918  O OH  . TYR A 1 135 ? 1.976   -10.377 -6.619  1.00 32.89  ? 135 TYR A OH  1 
ATOM   919  N N   . VAL A 1 136 ? 0.767   -9.965  1.865   1.00 29.49  ? 136 VAL A N   1 
ATOM   920  C CA  . VAL A 1 136 ? 0.378   -9.575  3.216   1.00 28.48  ? 136 VAL A CA  1 
ATOM   921  C C   . VAL A 1 136 ? -0.649  -8.438  3.196   1.00 28.48  ? 136 VAL A C   1 
ATOM   922  O O   . VAL A 1 136 ? -0.356  -7.341  2.726   1.00 29.08  ? 136 VAL A O   1 
ATOM   923  C CB  . VAL A 1 136 ? 1.625   -9.146  4.041   1.00 28.62  ? 136 VAL A CB  1 
ATOM   924  C CG1 . VAL A 1 136 ? 1.234   -8.637  5.433   1.00 27.67  ? 136 VAL A CG1 1 
ATOM   925  C CG2 . VAL A 1 136 ? 2.626   -10.294 4.135   1.00 26.77  ? 136 VAL A CG2 1 
ATOM   926  N N   . ILE A 1 137 ? -1.845  -8.707  3.719   1.00 27.69  ? 137 ILE A N   1 
ATOM   927  C CA  . ILE A 1 137 ? -2.839  -7.674  3.992   1.00 26.65  ? 137 ILE A CA  1 
ATOM   928  C C   . ILE A 1 137 ? -2.615  -7.202  5.419   1.00 26.54  ? 137 ILE A C   1 
ATOM   929  O O   . ILE A 1 137 ? -2.496  -8.022  6.335   1.00 26.65  ? 137 ILE A O   1 
ATOM   930  C CB  . ILE A 1 137 ? -4.285  -8.229  3.896   1.00 26.57  ? 137 ILE A CB  1 
ATOM   931  C CG1 . ILE A 1 137 ? -4.603  -8.703  2.476   1.00 26.15  ? 137 ILE A CG1 1 
ATOM   932  C CG2 . ILE A 1 137 ? -5.307  -7.198  4.381   1.00 25.41  ? 137 ILE A CG2 1 
ATOM   933  C CD1 . ILE A 1 137 ? -5.893  -9.514  2.376   1.00 26.20  ? 137 ILE A CD1 1 
ATOM   934  N N   . PHE A 1 138 ? -2.560  -5.893  5.626   1.00 26.04  ? 138 PHE A N   1 
ATOM   935  C CA  . PHE A 1 138 ? -2.349  -5.387  6.985   1.00 26.01  ? 138 PHE A CA  1 
ATOM   936  C C   . PHE A 1 138 ? -3.216  -4.184  7.348   1.00 26.19  ? 138 PHE A C   1 
ATOM   937  O O   . PHE A 1 138 ? -3.059  -3.611  8.425   1.00 26.06  ? 138 PHE A O   1 
ATOM   938  C CB  . PHE A 1 138 ? -0.848  -5.133  7.256   1.00 25.76  ? 138 PHE A CB  1 
ATOM   939  C CG  . PHE A 1 138 ? -0.273  -3.967  6.498   1.00 24.93  ? 138 PHE A CG  1 
ATOM   940  C CD1 . PHE A 1 138 ? -0.089  -2.737  7.127   1.00 24.78  ? 138 PHE A CD1 1 
ATOM   941  C CD2 . PHE A 1 138 ? 0.104   -4.102  5.159   1.00 24.76  ? 138 PHE A CD2 1 
ATOM   942  C CE1 . PHE A 1 138 ? 0.449   -1.645  6.432   1.00 23.91  ? 138 PHE A CE1 1 
ATOM   943  C CE2 . PHE A 1 138 ? 0.636   -3.019  4.453   1.00 25.14  ? 138 PHE A CE2 1 
ATOM   944  C CZ  . PHE A 1 138 ? 0.816   -1.786  5.099   1.00 24.28  ? 138 PHE A CZ  1 
ATOM   945  N N   . GLY A 1 139 ? -4.150  -3.823  6.467   1.00 26.67  ? 139 GLY A N   1 
ATOM   946  C CA  . GLY A 1 139 ? -5.099  -2.753  6.764   1.00 27.47  ? 139 GLY A CA  1 
ATOM   947  C C   . GLY A 1 139 ? -6.240  -2.630  5.770   1.00 28.46  ? 139 GLY A C   1 
ATOM   948  O O   . GLY A 1 139 ? -6.285  -3.354  4.780   1.00 28.14  ? 139 GLY A O   1 
ATOM   949  N N   . LYS A 1 140 ? -7.153  -1.697  6.029   1.00 29.28  ? 140 LYS A N   1 
ATOM   950  C CA  . LYS A 1 140 ? -8.264  -1.436  5.113   1.00 30.96  ? 140 LYS A CA  1 
ATOM   951  C C   . LYS A 1 140 ? -8.688  0.029   5.158   1.00 31.31  ? 140 LYS A C   1 
ATOM   952  O O   . LYS A 1 140 ? -8.617  0.672   6.205   1.00 31.18  ? 140 LYS A O   1 
ATOM   953  C CB  . LYS A 1 140 ? -9.468  -2.346  5.426   1.00 30.45  ? 140 LYS A CB  1 
ATOM   954  C CG  . LYS A 1 140 ? -10.131 -2.038  6.758   1.00 31.21  ? 140 LYS A CG  1 
ATOM   955  C CD  . LYS A 1 140 ? -11.360 -2.880  7.012   1.00 32.03  ? 140 LYS A CD  1 
ATOM   956  C CE  . LYS A 1 140 ? -11.977 -2.488  8.342   1.00 34.05  ? 140 LYS A CE  1 
ATOM   957  N NZ  . LYS A 1 140 ? -13.113 -3.378  8.719   1.00 36.50  ? 140 LYS A NZ  1 
ATOM   958  N N   . LEU A 1 141 ? -9.130  0.544   4.014   1.00 32.63  ? 141 LEU A N   1 
ATOM   959  C CA  . LEU A 1 141 ? -9.620  1.918   3.917   1.00 33.78  ? 141 LEU A CA  1 
ATOM   960  C C   . LEU A 1 141 ? -10.889 2.088   4.745   1.00 34.46  ? 141 LEU A C   1 
ATOM   961  O O   . LEU A 1 141 ? -11.811 1.277   4.647   1.00 34.71  ? 141 LEU A O   1 
ATOM   962  C CB  . LEU A 1 141 ? -9.890  2.284   2.451   1.00 33.79  ? 141 LEU A CB  1 
ATOM   963  C CG  . LEU A 1 141 ? -10.060 3.761   2.067   1.00 34.55  ? 141 LEU A CG  1 
ATOM   964  C CD1 . LEU A 1 141 ? -8.743  4.534   2.180   1.00 34.19  ? 141 LEU A CD1 1 
ATOM   965  C CD2 . LEU A 1 141 ? -10.617 3.877   0.650   1.00 33.99  ? 141 LEU A CD2 1 
ATOM   966  N N   . ILE A 1 142 ? -10.921 3.132   5.569   1.00 35.46  ? 142 ILE A N   1 
ATOM   967  C CA  . ILE A 1 142 ? -12.097 3.441   6.386   1.00 36.65  ? 142 ILE A CA  1 
ATOM   968  C C   . ILE A 1 142 ? -12.662 4.846   6.124   1.00 37.53  ? 142 ILE A C   1 
ATOM   969  O O   . ILE A 1 142 ? -13.748 5.181   6.598   1.00 37.89  ? 142 ILE A O   1 
ATOM   970  C CB  . ILE A 1 142 ? -11.834 3.233   7.908   1.00 36.53  ? 142 ILE A CB  1 
ATOM   971  C CG1 . ILE A 1 142 ? -10.622 4.049   8.381   1.00 36.79  ? 142 ILE A CG1 1 
ATOM   972  C CG2 . ILE A 1 142 ? -11.681 1.731   8.226   1.00 36.46  ? 142 ILE A CG2 1 
ATOM   973  C CD1 . ILE A 1 142 ? -10.552 4.254   9.896   1.00 36.55  ? 142 ILE A CD1 1 
ATOM   974  N N   . ASP A 1 143 ? -11.920 5.656   5.371   1.00 38.60  ? 143 ASP A N   1 
ATOM   975  C CA  . ASP A 1 143 ? -12.360 6.996   4.973   1.00 39.64  ? 143 ASP A CA  1 
ATOM   976  C C   . ASP A 1 143 ? -11.531 7.480   3.786   1.00 39.91  ? 143 ASP A C   1 
ATOM   977  O O   . ASP A 1 143 ? -10.393 7.048   3.599   1.00 39.84  ? 143 ASP A O   1 
ATOM   978  C CB  . ASP A 1 143 ? -12.252 7.986   6.143   1.00 40.08  ? 143 ASP A CB  1 
ATOM   979  C CG  . ASP A 1 143 ? -13.192 9.188   5.997   1.00 41.70  ? 143 ASP A CG  1 
ATOM   980  O OD1 . ASP A 1 143 ? -14.053 9.186   5.091   1.00 43.38  ? 143 ASP A OD1 1 
ATOM   981  O OD2 . ASP A 1 143 ? -13.066 10.142  6.796   1.00 43.69  ? 143 ASP A OD2 1 
ATOM   982  N N   . GLY A 1 144 ? -12.099 8.385   2.992   1.00 40.48  ? 144 GLY A N   1 
ATOM   983  C CA  . GLY A 1 144 ? -11.439 8.869   1.780   1.00 40.64  ? 144 GLY A CA  1 
ATOM   984  C C   . GLY A 1 144 ? -11.747 8.004   0.572   1.00 41.26  ? 144 GLY A C   1 
ATOM   985  O O   . GLY A 1 144 ? -10.924 7.872   -0.335  1.00 40.91  ? 144 GLY A O   1 
ATOM   986  N N   . PHE A 1 145 ? -12.941 7.412   0.555   1.00 41.95  ? 145 PHE A N   1 
ATOM   987  C CA  . PHE A 1 145 ? -13.392 6.629   -0.594  1.00 42.78  ? 145 PHE A CA  1 
ATOM   988  C C   . PHE A 1 145 ? -13.529 7.481   -1.855  1.00 43.02  ? 145 PHE A C   1 
ATOM   989  O O   . PHE A 1 145 ? -13.339 6.983   -2.965  1.00 42.93  ? 145 PHE A O   1 
ATOM   990  C CB  . PHE A 1 145 ? -14.698 5.899   -0.285  1.00 43.01  ? 145 PHE A CB  1 
ATOM   991  C CG  . PHE A 1 145 ? -14.525 4.710   0.618   1.00 43.46  ? 145 PHE A CG  1 
ATOM   992  C CD1 . PHE A 1 145 ? -14.240 3.456   0.090   1.00 44.10  ? 145 PHE A CD1 1 
ATOM   993  C CD2 . PHE A 1 145 ? -14.649 4.844   1.997   1.00 44.08  ? 145 PHE A CD2 1 
ATOM   994  C CE1 . PHE A 1 145 ? -14.079 2.349   0.923   1.00 44.30  ? 145 PHE A CE1 1 
ATOM   995  C CE2 . PHE A 1 145 ? -14.490 3.744   2.838   1.00 44.18  ? 145 PHE A CE2 1 
ATOM   996  C CZ  . PHE A 1 145 ? -14.205 2.497   2.301   1.00 43.76  ? 145 PHE A CZ  1 
ATOM   997  N N   . GLU A 1 146 ? -13.852 8.761   -1.673  1.00 43.69  ? 146 GLU A N   1 
ATOM   998  C CA  . GLU A 1 146 ? -13.921 9.720   -2.777  1.00 44.66  ? 146 GLU A CA  1 
ATOM   999  C C   . GLU A 1 146 ? -12.537 9.880   -3.400  1.00 43.85  ? 146 GLU A C   1 
ATOM   1000 O O   . GLU A 1 146 ? -12.393 9.850   -4.626  1.00 43.81  ? 146 GLU A O   1 
ATOM   1001 C CB  . GLU A 1 146 ? -14.449 11.079  -2.298  1.00 44.57  ? 146 GLU A CB  1 
ATOM   1002 C CG  . GLU A 1 146 ? -15.925 11.091  -1.880  1.00 46.70  ? 146 GLU A CG  1 
ATOM   1003 C CD  . GLU A 1 146 ? -16.503 12.506  -1.760  1.00 47.38  ? 146 GLU A CD  1 
ATOM   1004 O OE1 . GLU A 1 146 ? -17.353 12.876  -2.608  1.00 50.46  ? 146 GLU A OE1 1 
ATOM   1005 O OE2 . GLU A 1 146 ? -16.106 13.248  -0.824  1.00 50.44  ? 146 GLU A OE2 1 
ATOM   1006 N N   . THR A 1 147 ? -11.527 10.025  -2.540  1.00 43.48  ? 147 THR A N   1 
ATOM   1007 C CA  . THR A 1 147 ? -10.126 10.135  -2.956  1.00 42.84  ? 147 THR A CA  1 
ATOM   1008 C C   . THR A 1 147 ? -9.680  8.940   -3.792  1.00 42.54  ? 147 THR A C   1 
ATOM   1009 O O   . THR A 1 147 ? -9.010  9.112   -4.812  1.00 42.33  ? 147 THR A O   1 
ATOM   1010 C CB  . THR A 1 147 ? -9.186  10.269  -1.735  1.00 42.91  ? 147 THR A CB  1 
ATOM   1011 O OG1 . THR A 1 147 ? -9.602  11.379  -0.928  1.00 43.03  ? 147 THR A OG1 1 
ATOM   1012 C CG2 . THR A 1 147 ? -7.744  10.470  -2.176  1.00 42.25  ? 147 THR A CG2 1 
ATOM   1013 N N   . LEU A 1 148 ? -10.051 7.737   -3.354  1.00 42.32  ? 148 LEU A N   1 
ATOM   1014 C CA  . LEU A 1 148 ? -9.685  6.509   -4.061  1.00 42.32  ? 148 LEU A CA  1 
ATOM   1015 C C   . LEU A 1 148 ? -10.348 6.445   -5.437  1.00 42.49  ? 148 LEU A C   1 
ATOM   1016 O O   . LEU A 1 148 ? -9.731  5.993   -6.403  1.00 42.35  ? 148 LEU A O   1 
ATOM   1017 C CB  . LEU A 1 148 ? -10.027 5.263   -3.231  1.00 41.95  ? 148 LEU A CB  1 
ATOM   1018 C CG  . LEU A 1 148 ? -9.433  3.931   -3.707  1.00 41.93  ? 148 LEU A CG  1 
ATOM   1019 C CD1 . LEU A 1 148 ? -7.906  3.926   -3.651  1.00 41.55  ? 148 LEU A CD1 1 
ATOM   1020 C CD2 . LEU A 1 148 ? -9.997  2.752   -2.911  1.00 42.01  ? 148 LEU A CD2 1 
ATOM   1021 N N   . ASN A 1 149 ? -11.599 6.898   -5.511  1.00 42.99  ? 149 ASN A N   1 
ATOM   1022 C CA  . ASN A 1 149 ? -12.304 7.042   -6.786  1.00 43.68  ? 149 ASN A CA  1 
ATOM   1023 C C   . ASN A 1 149 ? -11.564 7.979   -7.739  1.00 43.73  ? 149 ASN A C   1 
ATOM   1024 O O   . ASN A 1 149 ? -11.372 7.646   -8.909  1.00 44.08  ? 149 ASN A O   1 
ATOM   1025 C CB  . ASN A 1 149 ? -13.741 7.522   -6.566  1.00 43.84  ? 149 ASN A CB  1 
ATOM   1026 C CG  . ASN A 1 149 ? -14.625 6.465   -5.914  1.00 45.26  ? 149 ASN A CG  1 
ATOM   1027 O OD1 . ASN A 1 149 ? -14.294 5.276   -5.900  1.00 47.74  ? 149 ASN A OD1 1 
ATOM   1028 N ND2 . ASN A 1 149 ? -15.760 6.896   -5.372  1.00 45.81  ? 149 ASN A ND2 1 
ATOM   1029 N N   . THR A 1 150 ? -11.129 9.131   -7.227  1.00 43.82  ? 150 THR A N   1 
ATOM   1030 C CA  . THR A 1 150 ? -10.346 10.101  -8.002  1.00 43.95  ? 150 THR A CA  1 
ATOM   1031 C C   . THR A 1 150 ? -9.066  9.460   -8.538  1.00 44.09  ? 150 THR A C   1 
ATOM   1032 O O   . THR A 1 150 ? -8.772  9.563   -9.730  1.00 44.12  ? 150 THR A O   1 
ATOM   1033 C CB  . THR A 1 150 ? -10.011 11.364  -7.165  1.00 43.97  ? 150 THR A CB  1 
ATOM   1034 O OG1 . THR A 1 150 ? -11.227 11.998  -6.749  1.00 44.21  ? 150 THR A OG1 1 
ATOM   1035 C CG2 . THR A 1 150 ? -9.166  12.364  -7.965  1.00 43.81  ? 150 THR A CG2 1 
ATOM   1036 N N   . LEU A 1 151 ? -8.327  8.790   -7.654  1.00 44.13  ? 151 LEU A N   1 
ATOM   1037 C CA  . LEU A 1 151 ? -7.090  8.089   -8.012  1.00 44.10  ? 151 LEU A CA  1 
ATOM   1038 C C   . LEU A 1 151 ? -7.299  7.041   -9.102  1.00 44.11  ? 151 LEU A C   1 
ATOM   1039 O O   . LEU A 1 151 ? -6.478  6.920   -10.014 1.00 43.80  ? 151 LEU A O   1 
ATOM   1040 C CB  . LEU A 1 151 ? -6.471  7.433   -6.768  1.00 44.06  ? 151 LEU A CB  1 
ATOM   1041 C CG  . LEU A 1 151 ? -5.325  8.096   -5.989  1.00 44.26  ? 151 LEU A CG  1 
ATOM   1042 C CD1 . LEU A 1 151 ? -5.482  9.601   -5.819  1.00 43.98  ? 151 LEU A CD1 1 
ATOM   1043 C CD2 . LEU A 1 151 ? -5.153  7.420   -4.628  1.00 44.23  ? 151 LEU A CD2 1 
ATOM   1044 N N   . GLU A 1 152 ? -8.392  6.284   -9.003  1.00 44.43  ? 152 GLU A N   1 
ATOM   1045 C CA  . GLU A 1 152 ? -8.681  5.229   -9.976  1.00 44.87  ? 152 GLU A CA  1 
ATOM   1046 C C   . GLU A 1 152 ? -8.872  5.815   -11.377 1.00 45.65  ? 152 GLU A C   1 
ATOM   1047 O O   . GLU A 1 152 ? -8.504  5.195   -12.374 1.00 45.68  ? 152 GLU A O   1 
ATOM   1048 C CB  . GLU A 1 152 ? -9.908  4.404   -9.559  1.00 44.61  ? 152 GLU A CB  1 
ATOM   1049 C CG  . GLU A 1 152 ? -10.038 3.096   -10.329 1.00 44.32  ? 152 GLU A CG  1 
ATOM   1050 C CD  . GLU A 1 152 ? -11.137 2.170   -9.824  1.00 44.21  ? 152 GLU A CD  1 
ATOM   1051 O OE1 . GLU A 1 152 ? -11.093 0.984   -10.200 1.00 43.63  ? 152 GLU A OE1 1 
ATOM   1052 O OE2 . GLU A 1 152 ? -12.030 2.603   -9.061  1.00 43.25  ? 152 GLU A OE2 1 
ATOM   1053 N N   . ASN A 1 153 ? -9.422  7.025   -11.432 1.00 46.64  ? 153 ASN A N   1 
ATOM   1054 C CA  . ASN A 1 153 ? -9.717  7.694   -12.698 1.00 47.70  ? 153 ASN A CA  1 
ATOM   1055 C C   . ASN A 1 153 ? -8.577  8.549   -13.263 1.00 48.25  ? 153 ASN A C   1 
ATOM   1056 O O   . ASN A 1 153 ? -8.711  9.115   -14.351 1.00 48.58  ? 153 ASN A O   1 
ATOM   1057 C CB  . ASN A 1 153 ? -11.006 8.511   -12.567 1.00 47.78  ? 153 ASN A CB  1 
ATOM   1058 C CG  . ASN A 1 153 ? -12.213 7.647   -12.215 1.00 48.33  ? 153 ASN A CG  1 
ATOM   1059 O OD1 . ASN A 1 153 ? -12.393 6.551   -12.755 1.00 48.83  ? 153 ASN A OD1 1 
ATOM   1060 N ND2 . ASN A 1 153 ? -13.044 8.139   -11.304 1.00 49.20  ? 153 ASN A ND2 1 
ATOM   1061 N N   . CYS A 1 154 ? -7.462  8.637   -12.532 1.00 48.77  ? 154 CYS A N   1 
ATOM   1062 C CA  . CYS A 1 154 ? -6.249  9.294   -13.027 1.00 49.11  ? 154 CYS A CA  1 
ATOM   1063 C C   . CYS A 1 154 ? -5.666  8.483   -14.176 1.00 49.58  ? 154 CYS A C   1 
ATOM   1064 O O   . CYS A 1 154 ? -5.374  7.299   -14.001 1.00 49.59  ? 154 CYS A O   1 
ATOM   1065 C CB  . CYS A 1 154 ? -5.197  9.439   -11.918 1.00 49.22  ? 154 CYS A CB  1 
ATOM   1066 S SG  . CYS A 1 154 ? -5.564  10.659  -10.643 1.00 48.96  ? 154 CYS A SG  1 
ATOM   1067 N N   . PRO A 1 155 ? -5.514  9.111   -15.362 1.00 50.09  ? 155 PRO A N   1 
ATOM   1068 C CA  . PRO A 1 155 ? -4.958  8.438   -16.539 1.00 50.37  ? 155 PRO A CA  1 
ATOM   1069 C C   . PRO A 1 155 ? -3.529  7.950   -16.340 1.00 50.63  ? 155 PRO A C   1 
ATOM   1070 O O   . PRO A 1 155 ? -2.706  8.650   -15.746 1.00 50.85  ? 155 PRO A O   1 
ATOM   1071 C CB  . PRO A 1 155 ? -4.994  9.527   -17.623 1.00 50.43  ? 155 PRO A CB  1 
ATOM   1072 C CG  . PRO A 1 155 ? -6.024  10.499  -17.160 1.00 50.44  ? 155 PRO A CG  1 
ATOM   1073 C CD  . PRO A 1 155 ? -5.893  10.504  -15.665 1.00 50.12  ? 155 PRO A CD  1 
ATOM   1074 N N   . SER A 1 156 ? -3.257  6.746   -16.834 1.00 51.01  ? 156 SER A N   1 
ATOM   1075 C CA  . SER A 1 156 ? -1.926  6.158   -16.810 1.00 51.39  ? 156 SER A CA  1 
ATOM   1076 C C   . SER A 1 156 ? -1.471  5.878   -18.240 1.00 51.75  ? 156 SER A C   1 
ATOM   1077 O O   . SER A 1 156 ? -2.267  5.979   -19.179 1.00 52.01  ? 156 SER A O   1 
ATOM   1078 C CB  . SER A 1 156 ? -1.933  4.865   -15.989 1.00 51.39  ? 156 SER A CB  1 
ATOM   1079 O OG  . SER A 1 156 ? -2.323  5.115   -14.646 1.00 51.65  ? 156 SER A OG  1 
ATOM   1080 N N   . ASP A 1 157 ? -0.196  5.542   -18.411 1.00 52.03  ? 157 ASP A N   1 
ATOM   1081 C CA  . ASP A 1 157 ? 0.323   5.194   -19.729 1.00 52.50  ? 157 ASP A CA  1 
ATOM   1082 C C   . ASP A 1 157 ? 0.228   3.683   -19.992 1.00 52.76  ? 157 ASP A C   1 
ATOM   1083 O O   . ASP A 1 157 ? -0.434  2.956   -19.239 1.00 52.79  ? 157 ASP A O   1 
ATOM   1084 C CB  . ASP A 1 157 ? 1.749   5.746   -19.938 1.00 52.48  ? 157 ASP A CB  1 
ATOM   1085 C CG  . ASP A 1 157 ? 2.772   5.168   -18.964 1.00 52.69  ? 157 ASP A CG  1 
ATOM   1086 O OD1 . ASP A 1 157 ? 2.552   4.073   -18.405 1.00 52.41  ? 157 ASP A OD1 1 
ATOM   1087 O OD2 . ASP A 1 157 ? 3.823   5.814   -18.772 1.00 52.96  ? 157 ASP A OD2 1 
ATOM   1088 N N   . LYS A 1 158 ? 0.884   3.224   -21.057 1.00 53.00  ? 158 LYS A N   1 
ATOM   1089 C CA  . LYS A 1 158 ? 0.870   1.811   -21.446 1.00 53.26  ? 158 LYS A CA  1 
ATOM   1090 C C   . LYS A 1 158 ? 1.499   0.908   -20.382 1.00 52.93  ? 158 LYS A C   1 
ATOM   1091 O O   . LYS A 1 158 ? 1.131   -0.264  -20.262 1.00 53.05  ? 158 LYS A O   1 
ATOM   1092 C CB  . LYS A 1 158 ? 1.581   1.611   -22.792 1.00 53.60  ? 158 LYS A CB  1 
ATOM   1093 C CG  . LYS A 1 158 ? 0.855   2.201   -24.017 1.00 55.07  ? 158 LYS A CG  1 
ATOM   1094 C CD  . LYS A 1 158 ? -0.036  1.175   -24.739 1.00 57.32  ? 158 LYS A CD  1 
ATOM   1095 C CE  . LYS A 1 158 ? -1.468  1.152   -24.199 1.00 58.43  ? 158 LYS A CE  1 
ATOM   1096 N NZ  . LYS A 1 158 ? -2.229  2.391   -24.547 1.00 59.63  ? 158 LYS A NZ  1 
ATOM   1097 N N   . SER A 1 159 ? 2.440   1.470   -19.620 1.00 52.43  ? 159 SER A N   1 
ATOM   1098 C CA  . SER A 1 159 ? 3.167   0.746   -18.574 1.00 51.88  ? 159 SER A CA  1 
ATOM   1099 C C   . SER A 1 159 ? 2.536   0.921   -17.184 1.00 51.28  ? 159 SER A C   1 
ATOM   1100 O O   . SER A 1 159 ? 3.144   0.576   -16.169 1.00 50.87  ? 159 SER A O   1 
ATOM   1101 C CB  . SER A 1 159 ? 4.634   1.187   -18.553 1.00 51.96  ? 159 SER A CB  1 
ATOM   1102 O OG  . SER A 1 159 ? 5.262   0.905   -19.794 1.00 53.20  ? 159 SER A OG  1 
ATOM   1103 N N   . HIS A 1 160 ? 1.314   1.455   -17.162 1.00 50.70  ? 160 HIS A N   1 
ATOM   1104 C CA  . HIS A 1 160 ? 0.517   1.648   -15.941 1.00 50.39  ? 160 HIS A CA  1 
ATOM   1105 C C   . HIS A 1 160 ? 1.071   2.719   -14.993 1.00 50.32  ? 160 HIS A C   1 
ATOM   1106 O O   . HIS A 1 160 ? 0.653   2.819   -13.836 1.00 49.94  ? 160 HIS A O   1 
ATOM   1107 C CB  . HIS A 1 160 ? 0.280   0.320   -15.204 1.00 50.28  ? 160 HIS A CB  1 
ATOM   1108 C CG  . HIS A 1 160 ? -0.236  -0.776  -16.085 1.00 49.83  ? 160 HIS A CG  1 
ATOM   1109 N ND1 . HIS A 1 160 ? -1.505  -0.762  -16.624 1.00 48.70  ? 160 HIS A ND1 1 
ATOM   1110 C CD2 . HIS A 1 160 ? 0.347   -1.915  -16.524 1.00 49.40  ? 160 HIS A CD2 1 
ATOM   1111 C CE1 . HIS A 1 160 ? -1.680  -1.846  -17.356 1.00 49.12  ? 160 HIS A CE1 1 
ATOM   1112 N NE2 . HIS A 1 160 ? -0.572  -2.564  -17.312 1.00 49.37  ? 160 HIS A NE2 1 
ATOM   1113 N N   . LYS A 1 161 ? 2.009   3.516   -15.500 1.00 50.16  ? 161 LYS A N   1 
ATOM   1114 C CA  . LYS A 1 161 ? 2.563   4.638   -14.758 1.00 50.17  ? 161 LYS A CA  1 
ATOM   1115 C C   . LYS A 1 161 ? 1.689   5.867   -14.990 1.00 49.95  ? 161 LYS A C   1 
ATOM   1116 O O   . LYS A 1 161 ? 1.449   6.246   -16.140 1.00 50.24  ? 161 LYS A O   1 
ATOM   1117 C CB  . LYS A 1 161 ? 4.005   4.909   -15.200 1.00 50.20  ? 161 LYS A CB  1 
ATOM   1118 C CG  . LYS A 1 161 ? 4.841   5.681   -14.184 1.00 50.54  ? 161 LYS A CG  1 
ATOM   1119 C CD  . LYS A 1 161 ? 6.286   5.844   -14.653 1.00 50.74  ? 161 LYS A CD  1 
ATOM   1120 C CE  . LYS A 1 161 ? 7.184   6.395   -13.536 1.00 51.78  ? 161 LYS A CE  1 
ATOM   1121 N NZ  . LYS A 1 161 ? 7.533   5.356   -12.505 1.00 51.79  ? 161 LYS A NZ  1 
ATOM   1122 N N   . PRO A 1 162 ? 1.194   6.490   -13.900 1.00 49.56  ? 162 PRO A N   1 
ATOM   1123 C CA  . PRO A 1 162 ? 0.381   7.700   -14.038 1.00 49.43  ? 162 PRO A CA  1 
ATOM   1124 C C   . PRO A 1 162 ? 1.080   8.764   -14.893 1.00 49.33  ? 162 PRO A C   1 
ATOM   1125 O O   . PRO A 1 162 ? 2.302   8.920   -14.811 1.00 49.15  ? 162 PRO A O   1 
ATOM   1126 C CB  . PRO A 1 162 ? 0.221   8.176   -12.593 1.00 49.32  ? 162 PRO A CB  1 
ATOM   1127 C CG  . PRO A 1 162 ? 0.311   6.922   -11.787 1.00 49.15  ? 162 PRO A CG  1 
ATOM   1128 C CD  . PRO A 1 162 ? 1.355   6.101   -12.486 1.00 49.57  ? 162 PRO A CD  1 
ATOM   1129 N N   . ILE A 1 163 ? 0.303   9.461   -15.721 1.00 49.25  ? 163 ILE A N   1 
ATOM   1130 C CA  . ILE A 1 163 ? 0.841   10.478  -16.636 1.00 49.04  ? 163 ILE A CA  1 
ATOM   1131 C C   . ILE A 1 163 ? 1.250   11.715  -15.837 1.00 48.58  ? 163 ILE A C   1 
ATOM   1132 O O   . ILE A 1 163 ? 2.387   12.180  -15.937 1.00 48.60  ? 163 ILE A O   1 
ATOM   1133 C CB  . ILE A 1 163 ? -0.160  10.818  -17.777 1.00 49.31  ? 163 ILE A CB  1 
ATOM   1134 C CG1 . ILE A 1 163 ? -0.403  9.578   -18.650 1.00 49.58  ? 163 ILE A CG1 1 
ATOM   1135 C CG2 . ILE A 1 163 ? 0.359   11.970  -18.641 1.00 49.50  ? 163 ILE A CG2 1 
ATOM   1136 C CD1 . ILE A 1 163 ? -1.665  9.643   -19.488 1.00 51.13  ? 163 ILE A CD1 1 
ATOM   1137 N N   . ASP A 1 164 ? 0.317   12.228  -15.040 1.00 47.96  ? 164 ASP A N   1 
ATOM   1138 C CA  . ASP A 1 164 ? 0.632   13.210  -14.014 1.00 47.51  ? 164 ASP A CA  1 
ATOM   1139 C C   . ASP A 1 164 ? 0.874   12.476  -12.694 1.00 46.78  ? 164 ASP A C   1 
ATOM   1140 O O   . ASP A 1 164 ? 0.075   11.623  -12.295 1.00 46.53  ? 164 ASP A O   1 
ATOM   1141 C CB  . ASP A 1 164 ? -0.504  14.225  -13.874 1.00 47.77  ? 164 ASP A CB  1 
ATOM   1142 C CG  . ASP A 1 164 ? -0.604  15.164  -15.075 1.00 49.01  ? 164 ASP A CG  1 
ATOM   1143 O OD1 . ASP A 1 164 ? 0.453   15.593  -15.599 1.00 50.22  ? 164 ASP A OD1 1 
ATOM   1144 O OD2 . ASP A 1 164 ? -1.740  15.482  -15.486 1.00 49.18  ? 164 ASP A OD2 1 
ATOM   1145 N N   . GLU A 1 165 ? 1.980   12.806  -12.030 1.00 45.87  ? 165 GLU A N   1 
ATOM   1146 C CA  . GLU A 1 165 ? 2.419   12.087  -10.827 1.00 44.93  ? 165 GLU A CA  1 
ATOM   1147 C C   . GLU A 1 165 ? 1.399   12.113  -9.694  1.00 44.01  ? 165 GLU A C   1 
ATOM   1148 O O   . GLU A 1 165 ? 0.853   13.168  -9.358  1.00 44.01  ? 165 GLU A O   1 
ATOM   1149 C CB  . GLU A 1 165 ? 3.767   12.624  -10.331 1.00 44.88  ? 165 GLU A CB  1 
ATOM   1150 C CG  . GLU A 1 165 ? 4.963   12.140  -11.139 1.00 45.13  ? 165 GLU A CG  1 
ATOM   1151 C CD  . GLU A 1 165 ? 6.294   12.557  -10.543 1.00 45.42  ? 165 GLU A CD  1 
ATOM   1152 O OE1 . GLU A 1 165 ? 6.363   13.626  -9.900  1.00 47.36  ? 165 GLU A OE1 1 
ATOM   1153 O OE2 . GLU A 1 165 ? 7.285   11.820  -10.727 1.00 46.15  ? 165 GLU A OE2 1 
ATOM   1154 N N   . ILE A 1 166 ? 1.132   10.938  -9.130  1.00 42.83  ? 166 ILE A N   1 
ATOM   1155 C CA  . ILE A 1 166 ? 0.337   10.836  -7.910  1.00 41.63  ? 166 ILE A CA  1 
ATOM   1156 C C   . ILE A 1 166 ? 1.321   10.745  -6.744  1.00 40.82  ? 166 ILE A C   1 
ATOM   1157 O O   . ILE A 1 166 ? 2.093   9.783   -6.625  1.00 40.58  ? 166 ILE A O   1 
ATOM   1158 C CB  . ILE A 1 166 ? -0.645  9.638   -7.920  1.00 41.61  ? 166 ILE A CB  1 
ATOM   1159 C CG1 . ILE A 1 166 ? -1.465  9.619   -9.221  1.00 41.94  ? 166 ILE A CG1 1 
ATOM   1160 C CG2 . ILE A 1 166 ? -1.570  9.706   -6.704  1.00 41.16  ? 166 ILE A CG2 1 
ATOM   1161 C CD1 . ILE A 1 166 ? -2.284  8.347   -9.443  1.00 41.60  ? 166 ILE A CD1 1 
ATOM   1162 N N   . ILE A 1 167 ? 1.287   11.764  -5.895  1.00 39.64  ? 167 ILE A N   1 
ATOM   1163 C CA  . ILE A 1 167 ? 2.334   11.977  -4.911  1.00 38.47  ? 167 ILE A CA  1 
ATOM   1164 C C   . ILE A 1 167 ? 1.820   11.727  -3.502  1.00 37.90  ? 167 ILE A C   1 
ATOM   1165 O O   . ILE A 1 167 ? 0.782   12.245  -3.118  1.00 37.56  ? 167 ILE A O   1 
ATOM   1166 C CB  . ILE A 1 167 ? 2.916   13.424  -5.022  1.00 38.59  ? 167 ILE A CB  1 
ATOM   1167 C CG1 . ILE A 1 167 ? 3.446   13.680  -6.442  1.00 38.19  ? 167 ILE A CG1 1 
ATOM   1168 C CG2 . ILE A 1 167 ? 3.999   13.675  -3.943  1.00 37.69  ? 167 ILE A CG2 1 
ATOM   1169 C CD1 . ILE A 1 167 ? 3.739   15.156  -6.763  1.00 38.38  ? 167 ILE A CD1 1 
ATOM   1170 N N   . ILE A 1 168 ? 2.556   10.922  -2.742  1.00 37.42  ? 168 ILE A N   1 
ATOM   1171 C CA  . ILE A 1 168 ? 2.334   10.819  -1.305  1.00 37.09  ? 168 ILE A CA  1 
ATOM   1172 C C   . ILE A 1 168 ? 3.160   11.907  -0.619  1.00 36.88  ? 168 ILE A C   1 
ATOM   1173 O O   . ILE A 1 168 ? 4.392   11.895  -0.675  1.00 36.27  ? 168 ILE A O   1 
ATOM   1174 C CB  . ILE A 1 168 ? 2.710   9.421   -0.763  1.00 37.20  ? 168 ILE A CB  1 
ATOM   1175 C CG1 . ILE A 1 168 ? 1.757   8.364   -1.333  1.00 37.51  ? 168 ILE A CG1 1 
ATOM   1176 C CG2 . ILE A 1 168 ? 2.676   9.398   0.776   1.00 37.17  ? 168 ILE A CG2 1 
ATOM   1177 C CD1 . ILE A 1 168 ? 2.191   6.944   -1.075  1.00 38.67  ? 168 ILE A CD1 1 
ATOM   1178 N N   . LYS A 1 169 ? 2.465   12.852  0.004   1.00 36.85  ? 169 LYS A N   1 
ATOM   1179 C CA  . LYS A 1 169 ? 3.112   13.945  0.722   1.00 37.20  ? 169 LYS A CA  1 
ATOM   1180 C C   . LYS A 1 169 ? 3.675   13.435  2.042   1.00 37.38  ? 169 LYS A C   1 
ATOM   1181 O O   . LYS A 1 169 ? 4.844   13.673  2.367   1.00 37.57  ? 169 LYS A O   1 
ATOM   1182 C CB  . LYS A 1 169 ? 2.125   15.086  0.972   1.00 37.08  ? 169 LYS A CB  1 
ATOM   1183 C CG  . LYS A 1 169 ? 1.606   15.753  -0.293  1.00 37.98  ? 169 LYS A CG  1 
ATOM   1184 C CD  . LYS A 1 169 ? 0.680   16.896  0.065   1.00 39.38  ? 169 LYS A CD  1 
ATOM   1185 C CE  . LYS A 1 169 ? 0.175   17.606  -1.172  1.00 40.69  ? 169 LYS A CE  1 
ATOM   1186 N NZ  . LYS A 1 169 ? -0.874  18.600  -0.801  1.00 41.55  ? 169 LYS A NZ  1 
ATOM   1187 N N   . ASP A 1 170 ? 2.832   12.726  2.789   1.00 37.34  ? 170 ASP A N   1 
ATOM   1188 C CA  . ASP A 1 170 ? 3.220   12.116  4.055   1.00 37.40  ? 170 ASP A CA  1 
ATOM   1189 C C   . ASP A 1 170 ? 2.222   11.028  4.435   1.00 37.29  ? 170 ASP A C   1 
ATOM   1190 O O   . ASP A 1 170 ? 1.098   10.998  3.931   1.00 36.87  ? 170 ASP A O   1 
ATOM   1191 C CB  . ASP A 1 170 ? 3.250   13.176  5.156   1.00 37.27  ? 170 ASP A CB  1 
ATOM   1192 C CG  . ASP A 1 170 ? 4.106   12.775  6.348   1.00 37.46  ? 170 ASP A CG  1 
ATOM   1193 O OD1 . ASP A 1 170 ? 4.748   11.702  6.333   1.00 37.95  ? 170 ASP A OD1 1 
ATOM   1194 O OD2 . ASP A 1 170 ? 4.138   13.558  7.315   1.00 38.89  ? 170 ASP A OD2 1 
ATOM   1195 N N   . ILE A 1 171 ? 2.656   10.130  5.314   1.00 37.53  ? 171 ILE A N   1 
ATOM   1196 C CA  . ILE A 1 171 ? 1.763   9.169   5.952   1.00 37.56  ? 171 ILE A CA  1 
ATOM   1197 C C   . ILE A 1 171 ? 1.843   9.407   7.449   1.00 38.29  ? 171 ILE A C   1 
ATOM   1198 O O   . ILE A 1 171 ? 2.905   9.258   8.054   1.00 37.92  ? 171 ILE A O   1 
ATOM   1199 C CB  . ILE A 1 171 ? 2.124   7.700   5.604   1.00 37.59  ? 171 ILE A CB  1 
ATOM   1200 C CG1 . ILE A 1 171 ? 2.144   7.500   4.080   1.00 37.00  ? 171 ILE A CG1 1 
ATOM   1201 C CG2 . ILE A 1 171 ? 1.152   6.739   6.310   1.00 36.93  ? 171 ILE A CG2 1 
ATOM   1202 C CD1 . ILE A 1 171 ? 2.436   6.081   3.609   1.00 36.87  ? 171 ILE A CD1 1 
ATOM   1203 N N   . VAL A 1 172 ? 0.723   9.808   8.037   1.00 39.45  ? 172 VAL A N   1 
ATOM   1204 C CA  . VAL A 1 172 ? 0.695   10.177  9.454   1.00 41.14  ? 172 VAL A CA  1 
ATOM   1205 C C   . VAL A 1 172 ? -0.218  9.274   10.285  1.00 42.33  ? 172 VAL A C   1 
ATOM   1206 O O   . VAL A 1 172 ? -1.207  8.748   9.773   1.00 41.92  ? 172 VAL A O   1 
ATOM   1207 C CB  . VAL A 1 172 ? 0.320   11.674  9.654   1.00 40.99  ? 172 VAL A CB  1 
ATOM   1208 C CG1 . VAL A 1 172 ? 1.364   12.576  8.994   1.00 41.20  ? 172 VAL A CG1 1 
ATOM   1209 C CG2 . VAL A 1 172 ? -1.074  11.980  9.119   1.00 40.77  ? 172 VAL A CG2 1 
ATOM   1210 N N   . ILE A 1 173 ? 0.118   9.100   11.561  1.00 44.18  ? 173 ILE A N   1 
ATOM   1211 C CA  . ILE A 1 173 ? -0.743  8.362   12.486  1.00 46.40  ? 173 ILE A CA  1 
ATOM   1212 C C   . ILE A 1 173 ? -1.894  9.268   12.869  1.00 48.12  ? 173 ILE A C   1 
ATOM   1213 O O   . ILE A 1 173 ? -1.682  10.368  13.386  1.00 48.36  ? 173 ILE A O   1 
ATOM   1214 C CB  . ILE A 1 173 ? 0.004   7.876   13.761  1.00 46.33  ? 173 ILE A CB  1 
ATOM   1215 C CG1 . ILE A 1 173 ? 0.941   6.715   13.442  1.00 46.29  ? 173 ILE A CG1 1 
ATOM   1216 C CG2 . ILE A 1 173 ? -0.983  7.408   14.828  1.00 46.30  ? 173 ILE A CG2 1 
ATOM   1217 C CD1 . ILE A 1 173 ? 2.129   7.101   12.621  1.00 47.14  ? 173 ILE A CD1 1 
ATOM   1218 N N   . HIS A 1 174 ? -3.111  8.810   12.597  1.00 50.31  ? 174 HIS A N   1 
ATOM   1219 C CA  . HIS A 1 174 ? -4.291  9.628   12.823  1.00 52.57  ? 174 HIS A CA  1 
ATOM   1220 C C   . HIS A 1 174 ? -4.788  9.522   14.254  1.00 53.87  ? 174 HIS A C   1 
ATOM   1221 O O   . HIS A 1 174 ? -4.931  8.420   14.795  1.00 54.12  ? 174 HIS A O   1 
ATOM   1222 C CB  . HIS A 1 174 ? -5.412  9.270   11.851  1.00 52.71  ? 174 HIS A CB  1 
ATOM   1223 C CG  . HIS A 1 174 ? -6.618  10.144  11.990  1.00 53.69  ? 174 HIS A CG  1 
ATOM   1224 N ND1 . HIS A 1 174 ? -6.719  11.371  11.372  1.00 54.56  ? 174 HIS A ND1 1 
ATOM   1225 C CD2 . HIS A 1 174 ? -7.763  9.980   12.693  1.00 54.90  ? 174 HIS A CD2 1 
ATOM   1226 C CE1 . HIS A 1 174 ? -7.881  11.921  11.677  1.00 55.24  ? 174 HIS A CE1 1 
ATOM   1227 N NE2 . HIS A 1 174 ? -8.532  11.099  12.481  1.00 55.56  ? 174 HIS A NE2 1 
ATOM   1228 N N   . SER A 1 175 ? -5.051  10.686  14.845  1.00 55.49  ? 175 SER A N   1 
ATOM   1229 C CA  . SER A 1 175 ? -5.582  10.799  16.199  1.00 57.03  ? 175 SER A CA  1 
ATOM   1230 C C   . SER A 1 175 ? -6.872  11.626  16.207  1.00 57.82  ? 175 SER A C   1 
ATOM   1231 O O   . SER A 1 175 ? -7.213  12.259  15.203  1.00 58.06  ? 175 SER A O   1 
ATOM   1232 C CB  . SER A 1 175 ? -4.535  11.431  17.126  1.00 57.15  ? 175 SER A CB  1 
ATOM   1233 O OG  . SER A 1 175 ? -3.974  12.601  16.548  1.00 57.94  ? 175 SER A OG  1 
ATOM   1234 N N   . ASN A 1 176 ? -7.573  11.608  17.343  1.00 58.80  ? 176 ASN A N   1 
ATOM   1235 C CA  . ASN A 1 176 ? -8.797  12.396  17.565  1.00 59.70  ? 176 ASN A CA  1 
ATOM   1236 C C   . ASN A 1 176 ? -10.018 11.791  16.878  1.00 59.89  ? 176 ASN A C   1 
ATOM   1237 O O   . ASN A 1 176 ? -11.153 11.997  17.317  1.00 60.19  ? 176 ASN A O   1 
ATOM   1238 C CB  . ASN A 1 176 ? -8.599  13.867  17.149  1.00 59.96  ? 176 ASN A CB  1 
ATOM   1239 C CG  . ASN A 1 176 ? -9.695  14.782  17.667  1.00 60.99  ? 176 ASN A CG  1 
ATOM   1240 O OD1 . ASN A 1 176 ? -9.508  15.485  18.662  1.00 62.42  ? 176 ASN A OD1 1 
ATOM   1241 N ND2 . ASN A 1 176 ? -10.844 14.781  16.995  1.00 61.80  ? 176 ASN A ND2 1 
HETATM 1242 S S   . SO4 B 2 .   ? -10.556 -8.055  5.651   0.80 66.47  ? 186 SO4 A S   1 
HETATM 1243 O O1  . SO4 B 2 .   ? -11.099 -9.414  5.701   0.80 65.41  ? 186 SO4 A O1  1 
HETATM 1244 O O2  . SO4 B 2 .   ? -10.424 -7.531  7.009   0.80 66.17  ? 186 SO4 A O2  1 
HETATM 1245 O O3  . SO4 B 2 .   ? -9.254  -8.083  4.986   0.80 65.22  ? 186 SO4 A O3  1 
HETATM 1246 O O4  . SO4 B 2 .   ? -11.466 -7.180  4.918   0.80 66.40  ? 186 SO4 A O4  1 
HETATM 1247 N N   . ALA C 3 .   ? 6.151   -5.175  -6.708  1.00 84.50  ? 187 ALA A N   1 
HETATM 1248 C CA  . ALA C 3 .   ? 5.521   -6.347  -7.379  1.00 84.66  ? 187 ALA A CA  1 
HETATM 1249 C C   . ALA C 3 .   ? 4.188   -6.737  -6.709  1.00 84.73  ? 187 ALA A C   1 
HETATM 1250 O O   . ALA C 3 .   ? 4.111   -6.773  -5.480  1.00 84.55  ? 187 ALA A O   1 
HETATM 1251 C CB  . ALA C 3 .   ? 6.497   -7.518  -7.409  1.00 84.71  ? 187 ALA A CB  1 
HETATM 1252 N N   . PRO D 4 .   ? 3.143   -7.078  -7.502  0.80 84.78  ? 188 PRO A N   1 
HETATM 1253 C CA  . PRO D 4 .   ? 3.000   -7.486  -8.912  0.80 84.83  ? 188 PRO A CA  1 
HETATM 1254 C C   . PRO D 4 .   ? 4.053   -6.972  -9.900  0.80 84.85  ? 188 PRO A C   1 
HETATM 1255 O O   . PRO D 4 .   ? 4.754   -7.776  -10.514 0.80 84.86  ? 188 PRO A O   1 
HETATM 1256 C CB  . PRO D 4 .   ? 1.606   -6.966  -9.275  0.80 84.86  ? 188 PRO A CB  1 
HETATM 1257 C CG  . PRO D 4 .   ? 0.836   -7.082  -8.002  0.80 84.70  ? 188 PRO A CG  1 
HETATM 1258 C CD  . PRO D 4 .   ? 1.820   -6.981  -6.851  0.80 84.74  ? 188 PRO A CD  1 
HETATM 1259 O OXT . PRO D 4 .   ? 4.245   -5.773  -10.115 0.80 84.86  ? 188 PRO A OXT 1 
HETATM 1260 C C1  . GOL E 5 .   ? -2.217  -11.420 4.538   0.80 23.96  ? 189 GOL A C1  1 
HETATM 1261 O O1  . GOL E 5 .   ? -2.486  -10.856 5.822   0.80 19.84  ? 189 GOL A O1  1 
HETATM 1262 C C2  . GOL E 5 .   ? -3.426  -12.127 3.905   0.80 22.59  ? 189 GOL A C2  1 
HETATM 1263 O O2  . GOL E 5 .   ? -3.998  -12.884 4.910   0.80 20.97  ? 189 GOL A O2  1 
HETATM 1264 C C3  . GOL E 5 .   ? -3.014  -13.122 2.820   0.80 22.69  ? 189 GOL A C3  1 
HETATM 1265 O O3  . GOL E 5 .   ? -3.240  -12.649 1.508   0.80 20.48  ? 189 GOL A O3  1 
HETATM 1266 C C1  . GOL F 5 .   ? 8.303   13.320  9.728   1.00 96.77  ? 190 GOL A C1  1 
HETATM 1267 O O1  . GOL F 5 .   ? 9.221   12.350  9.279   1.00 96.76  ? 190 GOL A O1  1 
HETATM 1268 C C2  . GOL F 5 .   ? 7.001   13.200  8.947   1.00 97.05  ? 190 GOL A C2  1 
HETATM 1269 O O2  . GOL F 5 .   ? 6.270   14.404  9.053   1.00 96.83  ? 190 GOL A O2  1 
HETATM 1270 C C3  . GOL F 5 .   ? 6.185   12.005  9.440   1.00 96.93  ? 190 GOL A C3  1 
HETATM 1271 O O3  . GOL F 5 .   ? 5.306   12.390  10.476  1.00 97.06  ? 190 GOL A O3  1 
HETATM 1272 C C1  . GOL G 5 .   ? -5.379  8.741   19.335  1.00 132.09 ? 191 GOL A C1  1 
HETATM 1273 O O1  . GOL G 5 .   ? -6.707  8.272   19.237  1.00 132.12 ? 191 GOL A O1  1 
HETATM 1274 C C2  . GOL G 5 .   ? -4.436  7.784   18.612  1.00 132.08 ? 191 GOL A C2  1 
HETATM 1275 O O2  . GOL G 5 .   ? -4.837  7.601   17.272  1.00 132.09 ? 191 GOL A O2  1 
HETATM 1276 C C3  . GOL G 5 .   ? -2.995  8.286   18.708  1.00 132.05 ? 191 GOL A C3  1 
HETATM 1277 O O3  . GOL G 5 .   ? -2.544  8.776   17.459  1.00 131.97 ? 191 GOL A O3  1 
HETATM 1278 O O   . HOH H 6 .   ? 6.461   9.254   5.786   1.00 33.34  ? 192 HOH A O   1 
HETATM 1279 O O   . HOH H 6 .   ? 5.016   -3.010  6.120   1.00 22.05  ? 193 HOH A O   1 
HETATM 1280 O O   . HOH H 6 .   ? 3.692   -11.707 13.521  1.00 32.50  ? 194 HOH A O   1 
HETATM 1281 O O   . HOH H 6 .   ? 4.750   6.085   -2.775  1.00 49.73  ? 195 HOH A O   1 
HETATM 1282 O O   . HOH H 6 .   ? 4.241   -9.464  7.221   1.00 27.66  ? 196 HOH A O   1 
HETATM 1283 O O   . HOH H 6 .   ? -5.717  -7.065  13.641  1.00 33.22  ? 197 HOH A O   1 
HETATM 1284 O O   . HOH H 6 .   ? 11.109  10.587  1.844   1.00 32.44  ? 198 HOH A O   1 
HETATM 1285 O O   . HOH H 6 .   ? -9.545  -6.360  -2.188  1.00 32.65  ? 199 HOH A O   1 
HETATM 1286 O O   . HOH H 6 .   ? 8.518   7.617   -5.288  1.00 46.33  ? 200 HOH A O   1 
HETATM 1287 O O   . HOH H 6 .   ? 3.385   -9.368  0.515   1.00 25.41  ? 201 HOH A O   1 
HETATM 1288 O O   . HOH H 6 .   ? 7.167   -4.491  -0.079  1.00 27.76  ? 202 HOH A O   1 
HETATM 1289 O O   . HOH H 6 .   ? -12.024 -1.005  2.823   1.00 39.45  ? 203 HOH A O   1 
HETATM 1290 O O   . HOH H 6 .   ? -13.733 4.120   -3.306  1.00 48.78  ? 204 HOH A O   1 
HETATM 1291 O O   . HOH H 6 .   ? -4.087  -4.284  -0.978  1.00 40.05  ? 205 HOH A O   1 
HETATM 1292 O O   . HOH H 6 .   ? 11.231  -10.843 9.565   1.00 57.07  ? 206 HOH A O   1 
HETATM 1293 O O   . HOH H 6 .   ? 1.965   -16.037 7.670   1.00 36.88  ? 207 HOH A O   1 
HETATM 1294 O O   . HOH H 6 .   ? 6.141   15.909  1.609   1.00 38.26  ? 208 HOH A O   1 
HETATM 1295 O O   . HOH H 6 .   ? -6.428  -14.259 2.149   1.00 37.97  ? 209 HOH A O   1 
HETATM 1296 O O   . HOH H 6 .   ? 10.675  5.381   12.810  1.00 41.63  ? 210 HOH A O   1 
HETATM 1297 O O   . HOH H 6 .   ? 9.988   -2.547  -1.418  1.00 33.21  ? 211 HOH A O   1 
HETATM 1298 O O   . HOH H 6 .   ? -11.561 -12.616 -1.189  1.00 42.57  ? 212 HOH A O   1 
HETATM 1299 O O   . HOH H 6 .   ? 14.047  -10.057 8.107   1.00 43.39  ? 213 HOH A O   1 
HETATM 1300 O O   . HOH H 6 .   ? -3.017  7.049   -12.850 1.00 49.86  ? 214 HOH A O   1 
HETATM 1301 O O   . HOH H 6 .   ? -13.211 -0.496  -10.144 1.00 48.34  ? 215 HOH A O   1 
HETATM 1302 O O   . HOH H 6 .   ? -2.427  11.339  -12.188 1.00 42.87  ? 216 HOH A O   1 
HETATM 1303 O O   . HOH H 6 .   ? 6.478   -11.934 0.698   1.00 39.32  ? 217 HOH A O   1 
HETATM 1304 O O   . HOH H 6 .   ? 12.999  -4.866  -0.450  1.00 35.62  ? 218 HOH A O   1 
HETATM 1305 O O   . HOH H 6 .   ? 4.436   6.418   11.964  1.00 47.71  ? 219 HOH A O   1 
HETATM 1306 O O   . HOH H 6 .   ? 14.844  -5.350  -2.572  1.00 49.52  ? 220 HOH A O   1 
HETATM 1307 O O   . HOH H 6 .   ? 16.125  0.979   -2.340  1.00 49.89  ? 221 HOH A O   1 
HETATM 1308 O O   . HOH H 6 .   ? 4.168   9.488   10.415  1.00 53.09  ? 222 HOH A O   1 
HETATM 1309 O O   . HOH H 6 .   ? 11.841  -16.111 -0.934  1.00 52.35  ? 223 HOH A O   1 
HETATM 1310 O O   . HOH H 6 .   ? -4.287  15.658  0.660   1.00 47.90  ? 224 HOH A O   1 
HETATM 1311 O O   . HOH H 6 .   ? 5.593   16.166  -9.887  1.00 52.19  ? 225 HOH A O   1 
HETATM 1312 O O   . HOH H 6 .   ? -2.437  11.128  -14.783 1.00 48.03  ? 226 HOH A O   1 
HETATM 1313 O O   . HOH H 6 .   ? -9.879  -10.850 10.616  1.00 52.13  ? 227 HOH A O   1 
HETATM 1314 O O   . HOH H 6 .   ? 12.357  -12.333 5.313   1.00 45.21  ? 228 HOH A O   1 
HETATM 1315 O O   . HOH H 6 .   ? 2.550   10.470  12.346  1.00 34.05  ? 229 HOH A O   1 
HETATM 1316 O O   . HOH H 6 .   ? 5.331   16.242  -1.217  1.00 57.90  ? 230 HOH A O   1 
HETATM 1317 O O   . HOH H 6 .   ? -3.380  13.492  -15.956 1.00 59.25  ? 231 HOH A O   1 
HETATM 1318 O O   . HOH H 6 .   ? 2.774   -17.170 5.212   1.00 48.65  ? 232 HOH A O   1 
HETATM 1319 O O   . HOH H 6 .   ? -9.459  -7.474  11.594  1.00 49.17  ? 233 HOH A O   1 
HETATM 1320 O O   . HOH H 6 .   ? 16.479  -9.460  4.704   1.00 42.20  ? 234 HOH A O   1 
HETATM 1321 O O   . HOH H 6 .   ? -15.977 -3.462  -1.864  1.00 41.40  ? 235 HOH A O   1 
HETATM 1322 O O   . HOH H 6 .   ? 14.171  10.435  9.705   1.00 47.45  ? 236 HOH A O   1 
HETATM 1323 O O   . HOH H 6 .   ? 3.021   15.752  6.902   1.00 42.89  ? 237 HOH A O   1 
HETATM 1324 O O   . HOH H 6 .   ? 15.085  -11.780 4.539   1.00 56.50  ? 238 HOH A O   1 
HETATM 1325 O O   . HOH H 6 .   ? 2.225   16.502  4.104   1.00 46.83  ? 239 HOH A O   1 
HETATM 1326 O O   . HOH H 6 .   ? 1.843   16.797  -13.585 1.00 69.79  ? 240 HOH A O   1 
HETATM 1327 O O   . HOH H 6 .   ? -10.879 13.580  -4.467  1.00 66.81  ? 241 HOH A O   1 
HETATM 1328 O O   . HOH H 6 .   ? -16.244 -10.058 -1.262  1.00 49.33  ? 242 HOH A O   1 
HETATM 1329 O O   . HOH H 6 .   ? -4.914  16.858  4.587   1.00 65.31  ? 243 HOH A O   1 
HETATM 1330 O O   . HOH H 6 .   ? 11.619  -17.683 2.928   1.00 47.18  ? 244 HOH A O   1 
HETATM 1331 O O   . HOH H 6 .   ? 17.975  -1.446  7.870   1.00 52.91  ? 245 HOH A O   1 
HETATM 1332 O O   . HOH H 6 .   ? 20.035  -10.103 -4.964  1.00 68.64  ? 246 HOH A O   1 
HETATM 1333 O O   . HOH H 6 .   ? -3.313  2.154   -19.031 1.00 51.37  ? 247 HOH A O   1 
HETATM 1334 O O   . HOH H 6 .   ? 6.959   -18.353 4.836   1.00 42.28  ? 248 HOH A O   1 
HETATM 1335 O O   . HOH H 6 .   ? -3.166  -0.380  -20.774 1.00 58.52  ? 249 HOH A O   1 
HETATM 1336 O O   . HOH H 6 .   ? 13.067  -15.705 6.142   1.00 55.71  ? 250 HOH A O   1 
HETATM 1337 O O   . HOH H 6 .   ? -17.061 8.417   4.844   1.00 71.14  ? 251 HOH A O   1 
HETATM 1338 O O   . HOH H 6 .   ? -3.310  1.130   -16.119 1.00 46.14  ? 252 HOH A O   1 
HETATM 1339 O O   . HOH H 6 .   ? -16.174 11.240  4.902   1.00 56.15  ? 253 HOH A O   1 
HETATM 1340 O O   . HOH H 6 .   ? 10.389  -11.269 -4.383  1.00 45.27  ? 254 HOH A O   1 
HETATM 1341 O O   . HOH H 6 .   ? 12.268  8.427   0.994   1.00 50.90  ? 255 HOH A O   1 
HETATM 1342 O O   . HOH H 6 .   ? -5.674  -4.679  16.020  1.00 51.99  ? 256 HOH A O   1 
HETATM 1343 O O   . HOH H 6 .   ? 10.350  -6.484  -1.592  1.00 50.03  ? 257 HOH A O   1 
HETATM 1344 O O   . HOH H 6 .   ? 19.220  -7.068  4.777   1.00 56.69  ? 258 HOH A O   1 
HETATM 1345 O O   . HOH H 6 .   ? -9.865  11.569  -11.264 1.00 51.22  ? 259 HOH A O   1 
HETATM 1346 O O   . HOH H 6 .   ? 16.144  2.258   1.237   1.00 56.48  ? 260 HOH A O   1 
HETATM 1347 O O   . HOH H 6 .   ? 2.463   4.895   -23.112 1.00 56.82  ? 261 HOH A O   1 
HETATM 1348 O O   . HOH H 6 .   ? -16.081 -4.882  -4.141  1.00 64.73  ? 262 HOH A O   1 
HETATM 1349 O O   . HOH H 6 .   ? -8.155  12.840  -12.831 1.00 65.97  ? 263 HOH A O   1 
HETATM 1350 O O   . HOH H 6 .   ? -8.341  13.993  5.958   1.00 63.61  ? 264 HOH A O   1 
HETATM 1351 O O   . HOH H 6 .   ? -11.375 14.772  20.300  1.00 56.51  ? 265 HOH A O   1 
HETATM 1352 O O   . HOH H 6 .   ? -9.154  14.437  1.224   1.00 56.15  ? 266 HOH A O   1 
HETATM 1353 O O   . HOH H 6 .   ? -6.485  -1.514  15.667  1.00 52.29  ? 267 HOH A O   1 
HETATM 1354 O O   . HOH H 6 .   ? 6.422   -2.503  -9.190  1.00 50.78  ? 268 HOH A O   1 
HETATM 1355 O O   . HOH H 6 .   ? -2.378  17.952  1.331   1.00 50.51  ? 269 HOH A O   1 
HETATM 1356 O O   . HOH H 6 .   ? 17.248  -2.258  5.432   1.00 51.84  ? 270 HOH A O   1 
HETATM 1357 O O   . HOH H 6 .   ? 6.037   2.626   -13.089 1.00 56.41  ? 271 HOH A O   1 
HETATM 1358 O O   . HOH H 6 .   ? -5.760  1.625   -15.790 1.00 52.45  ? 272 HOH A O   1 
HETATM 1359 O O   . HOH H 6 .   ? 12.666  -7.844  -4.337  1.00 59.64  ? 273 HOH A O   1 
HETATM 1360 O O   . HOH H 6 .   ? 4.860   -17.028 3.574   1.00 47.53  ? 274 HOH A O   1 
HETATM 1361 O O   . HOH H 6 .   ? -9.299  11.038  5.864   1.00 57.99  ? 275 HOH A O   1 
HETATM 1362 O O   . HOH H 6 .   ? 8.372   -5.625  -5.099  1.00 45.97  ? 276 HOH A O   1 
HETATM 1363 O O   . HOH H 6 .   ? 3.991   8.815   -12.631 1.00 39.34  ? 277 HOH A O   1 
HETATM 1364 O O   . HOH H 6 .   ? -14.405 11.067  -6.479  1.00 53.68  ? 278 HOH A O   1 
HETATM 1365 O O   . HOH H 6 .   ? -8.306  10.189  20.511  1.00 69.26  ? 279 HOH A O   1 
HETATM 1366 O O   . HOH H 6 .   ? -0.831  -19.146 -2.949  1.00 38.01  ? 280 HOH A O   1 
HETATM 1367 O O   . HOH H 6 .   ? 9.575   9.889   -9.628  1.00 57.12  ? 281 HOH A O   1 
HETATM 1368 O O   . HOH H 6 .   ? 5.560   -14.048 10.992  1.00 52.80  ? 282 HOH A O   1 
HETATM 1369 O O   . HOH H 6 .   ? -14.619 9.952   0.968   1.00 58.72  ? 283 HOH A O   1 
HETATM 1370 O O   . HOH H 6 .   ? 10.405  7.552   -11.465 1.00 49.19  ? 284 HOH A O   1 
HETATM 1371 O O   . HOH H 6 .   ? 4.424   -9.897  -7.343  1.00 49.74  ? 285 HOH A O   1 
HETATM 1372 O O   . HOH H 6 .   ? -7.586  5.700   12.399  1.00 58.14  ? 286 HOH A O   1 
HETATM 1373 O O   . HOH H 6 .   ? 7.955   -11.861 -5.472  1.00 72.41  ? 287 HOH A O   1 
HETATM 1374 O O   . HOH H 6 .   ? -15.251 8.027   2.709   1.00 58.34  ? 288 HOH A O   1 
HETATM 1375 O O   . HOH H 6 .   ? 6.520   9.696   -12.914 1.00 60.68  ? 289 HOH A O   1 
HETATM 1376 O O   . HOH H 6 .   ? -9.760  6.674   13.598  1.00 60.91  ? 290 HOH A O   1 
HETATM 1377 O O   . HOH H 6 .   ? -16.488 10.323  -5.024  1.00 63.89  ? 291 HOH A O   1 
HETATM 1378 O O   . HOH H 6 .   ? -0.177  -11.831 15.876  1.00 40.51  ? 292 HOH A O   1 
HETATM 1379 O O   . HOH H 6 .   ? 10.301  9.295   -6.659  1.00 46.61  ? 293 HOH A O   1 
HETATM 1380 O O   . HOH H 6 .   ? 7.055   -10.887 -7.807  1.00 54.29  ? 294 HOH A O   1 
HETATM 1381 O O   . HOH H 6 .   ? 12.806  11.328  11.894  1.00 62.73  ? 295 HOH A O   1 
HETATM 1382 O O   . HOH H 6 .   ? 5.887   17.273  -4.648  1.00 51.73  ? 296 HOH A O   1 
HETATM 1383 O O   . HOH H 6 .   ? -13.953 -1.161  4.549   1.00 56.52  ? 297 HOH A O   1 
HETATM 1384 O O   . HOH H 6 .   ? -1.727  -18.682 7.468   1.00 40.33  ? 298 HOH A O   1 
HETATM 1385 O O   . HOH H 6 .   ? 13.904  9.654   -6.203  1.00 61.61  ? 299 HOH A O   1 
HETATM 1386 O O   . HOH H 6 .   ? 11.435  0.818   -13.740 1.00 58.48  ? 300 HOH A O   1 
HETATM 1387 O O   . HOH H 6 .   ? 14.272  -13.296 2.265   1.00 63.37  ? 301 HOH A O   1 
HETATM 1388 O O   . HOH H 6 .   ? 14.077  7.113   6.265   1.00 50.45  ? 302 HOH A O   1 
HETATM 1389 O O   . HOH H 6 .   ? 13.255  -11.955 -4.482  1.00 57.14  ? 303 HOH A O   1 
HETATM 1390 O O   . HOH H 6 .   ? -14.488 9.873   -9.360  1.00 65.03  ? 304 HOH A O   1 
HETATM 1391 O O   . HOH H 6 .   ? 6.513   -16.331 7.212   1.00 52.34  ? 305 HOH A O   1 
HETATM 1392 O O   . HOH H 6 .   ? -11.211 13.664  -1.812  1.00 60.35  ? 306 HOH A O   1 
HETATM 1393 O O   . HOH H 6 .   ? -6.894  -6.088  19.403  1.00 48.57  ? 307 HOH A O   1 
HETATM 1394 O O   . HOH H 6 .   ? 0.287   -18.451 1.007   1.00 48.81  ? 308 HOH A O   1 
HETATM 1395 O O   . HOH H 6 .   ? -5.348  4.612   -17.992 1.00 58.22  ? 309 HOH A O   1 
HETATM 1396 O O   . HOH H 6 .   ? 6.646   4.224   -5.641  1.00 36.42  ? 310 HOH A O   1 
HETATM 1397 O O   . HOH H 6 .   ? 2.845   8.813   -9.882  1.00 32.12  ? 311 HOH A O   1 
# 
loop_
_pdbx_poly_seq_scheme.asym_id 
_pdbx_poly_seq_scheme.entity_id 
_pdbx_poly_seq_scheme.seq_id 
_pdbx_poly_seq_scheme.mon_id 
_pdbx_poly_seq_scheme.ndb_seq_num 
_pdbx_poly_seq_scheme.pdb_seq_num 
_pdbx_poly_seq_scheme.auth_seq_num 
_pdbx_poly_seq_scheme.pdb_mon_id 
_pdbx_poly_seq_scheme.auth_mon_id 
_pdbx_poly_seq_scheme.pdb_strand_id 
_pdbx_poly_seq_scheme.pdb_ins_code 
_pdbx_poly_seq_scheme.hetero 
A 1 1   MET 1   1   ?   ?   ?   A . n 
A 1 2   HIS 2   2   ?   ?   ?   A . n 
A 1 3   HIS 3   3   ?   ?   ?   A . n 
A 1 4   HIS 4   4   ?   ?   ?   A . n 
A 1 5   HIS 5   5   ?   ?   ?   A . n 
A 1 6   HIS 6   6   ?   ?   ?   A . n 
A 1 7   HIS 7   7   ?   ?   ?   A . n 
A 1 8   SER 8   8   ?   ?   ?   A . n 
A 1 9   SER 9   9   ?   ?   ?   A . n 
A 1 10  GLY 10  10  ?   ?   ?   A . n 
A 1 11  ARG 11  11  ?   ?   ?   A . n 
A 1 12  GLU 12  12  ?   ?   ?   A . n 
A 1 13  ASN 13  13  ?   ?   ?   A . n 
A 1 14  LEU 14  14  ?   ?   ?   A . n 
A 1 15  TYR 15  15  ?   ?   ?   A . n 
A 1 16  PHE 16  16  ?   ?   ?   A . n 
A 1 17  GLN 17  17  17  GLN GLN A . n 
A 1 18  GLY 18  18  18  GLY GLY A . n 
A 1 19  VAL 19  19  19  VAL VAL A . n 
A 1 20  ARG 20  20  20  ARG ARG A . n 
A 1 21  ILE 21  21  21  ILE ILE A . n 
A 1 22  ILE 22  22  22  ILE ILE A . n 
A 1 23  THR 23  23  23  THR THR A . n 
A 1 24  ASN 24  24  24  ASN ASN A . n 
A 1 25  TYR 25  25  25  TYR TYR A . n 
A 1 26  GLY 26  26  26  GLY GLY A . n 
A 1 27  ASP 27  27  27  ASP ASP A . n 
A 1 28  LEU 28  28  28  LEU LEU A . n 
A 1 29  LYS 29  29  29  LYS LYS A . n 
A 1 30  PHE 30  30  30  PHE PHE A . n 
A 1 31  GLU 31  31  31  GLU GLU A . n 
A 1 32  LEU 32  32  32  LEU LEU A . n 
A 1 33  PHE 33  33  33  PHE PHE A . n 
A 1 34  CYS 34  34  34  CYS CYS A . n 
A 1 35  SER 35  35  35  SER SER A . n 
A 1 36  GLN 36  36  36  GLN GLN A . n 
A 1 37  CYS 37  37  37  CYS CYS A . n 
A 1 38  PRO 38  38  38  PRO PRO A . n 
A 1 39  LYS 39  39  39  LYS LYS A . n 
A 1 40  ALA 40  40  40  ALA ALA A . n 
A 1 41  CYS 41  41  41  CYS CYS A . n 
A 1 42  LYS 42  42  42  LYS LYS A . n 
A 1 43  ASN 43  43  43  ASN ASN A . n 
A 1 44  PHE 44  44  44  PHE PHE A . n 
A 1 45  LEU 45  45  45  LEU LEU A . n 
A 1 46  ALA 46  46  46  ALA ALA A . n 
A 1 47  LEU 47  47  47  LEU LEU A . n 
A 1 48  SER 48  48  48  SER SER A . n 
A 1 49  ALA 49  49  49  ALA ALA A . n 
A 1 50  SER 50  50  50  SER SER A . n 
A 1 51  GLY 51  51  51  GLY GLY A . n 
A 1 52  TYR 52  52  52  TYR TYR A . n 
A 1 53  TYR 53  53  53  TYR TYR A . n 
A 1 54  LYS 54  54  54  LYS LYS A . n 
A 1 55  ASN 55  55  55  ASN ASN A . n 
A 1 56  THR 56  56  56  THR THR A . n 
A 1 57  ILE 57  57  57  ILE ILE A . n 
A 1 58  PHE 58  58  58  PHE PHE A . n 
A 1 59  HIS 59  59  59  HIS HIS A . n 
A 1 60  LYS 60  60  60  LYS LYS A . n 
A 1 61  ASN 61  61  61  ASN ASN A . n 
A 1 62  ILE 62  62  62  ILE ILE A . n 
A 1 63  LYS 63  63  63  LYS LYS A . n 
A 1 64  GLY 64  64  64  GLY GLY A . n 
A 1 65  PHE 65  65  65  PHE PHE A . n 
A 1 66  ILE 66  66  66  ILE ILE A . n 
A 1 67  ILE 67  67  67  ILE ILE A . n 
A 1 68  GLN 68  68  68  GLN GLN A . n 
A 1 69  GLY 69  69  69  GLY GLY A . n 
A 1 70  GLY 70  70  70  GLY GLY A . n 
A 1 71  ASP 71  71  71  ASP ASP A . n 
A 1 72  PRO 72  72  72  PRO PRO A . n 
A 1 73  THR 73  73  73  THR THR A . n 
A 1 74  GLY 74  74  74  GLY GLY A . n 
A 1 75  THR 75  75  75  THR THR A . n 
A 1 76  GLY 76  76  76  GLY GLY A . n 
A 1 77  LYS 77  77  77  LYS LYS A . n 
A 1 78  GLY 78  78  78  GLY GLY A . n 
A 1 79  GLY 79  79  79  GLY GLY A . n 
A 1 80  GLU 80  80  80  GLU GLU A . n 
A 1 81  SER 81  81  81  SER SER A . n 
A 1 82  ILE 82  82  82  ILE ILE A . n 
A 1 83  TYR 83  83  83  TYR TYR A . n 
A 1 84  GLY 84  84  84  GLY GLY A . n 
A 1 85  ARG 85  85  85  ARG ARG A . n 
A 1 86  TYR 86  86  86  TYR TYR A . n 
A 1 87  PHE 87  87  87  PHE PHE A . n 
A 1 88  ASP 88  88  88  ASP ASP A . n 
A 1 89  ASP 89  89  89  ASP ASP A . n 
A 1 90  GLU 90  90  90  GLU GLU A . n 
A 1 91  ILE 91  91  91  ILE ILE A . n 
A 1 92  TYR 92  92  92  TYR TYR A . n 
A 1 93  PRO 93  93  93  PRO PRO A . n 
A 1 94  GLU 94  94  94  GLU GLU A . n 
A 1 95  LEU 95  95  95  LEU LEU A . n 
A 1 96  LYS 96  96  96  LYS LYS A . n 
A 1 97  TYR 97  97  97  TYR TYR A . n 
A 1 98  ASP 98  98  98  ASP ASP A . n 
A 1 99  ARG 99  99  99  ARG ARG A . n 
A 1 100 ARG 100 100 100 ARG ARG A . n 
A 1 101 GLY 101 101 101 GLY GLY A . n 
A 1 102 ILE 102 102 102 ILE ILE A . n 
A 1 103 LEU 103 103 103 LEU LEU A . n 
A 1 104 SER 104 104 104 SER SER A . n 
A 1 105 MET 105 105 105 MET MET A . n 
A 1 106 ALA 106 106 106 ALA ALA A . n 
A 1 107 SER 107 107 107 SER SER A . n 
A 1 108 LYS 108 108 ?   ?   ?   A . n 
A 1 109 GLY 109 109 ?   ?   ?   A . n 
A 1 110 ALA 110 110 110 ALA ALA A . n 
A 1 111 SER 111 111 111 SER SER A . n 
A 1 112 LYS 112 112 112 LYS LYS A . n 
A 1 113 LYS 113 113 113 LYS LYS A . n 
A 1 114 PRO 114 114 114 PRO PRO A . n 
A 1 115 ASN 115 115 115 ASN ASN A . n 
A 1 116 THR 116 116 116 THR THR A . n 
A 1 117 ASN 117 117 117 ASN ASN A . n 
A 1 118 GLY 118 118 118 GLY GLY A . n 
A 1 119 SER 119 119 119 SER SER A . n 
A 1 120 GLN 120 120 120 GLN GLN A . n 
A 1 121 PHE 121 121 121 PHE PHE A . n 
A 1 122 PHE 122 122 122 PHE PHE A . n 
A 1 123 ILE 123 123 123 ILE ILE A . n 
A 1 124 THR 124 124 124 THR THR A . n 
A 1 125 TYR 125 125 125 TYR TYR A . n 
A 1 126 SER 126 126 126 SER SER A . n 
A 1 127 SER 127 127 127 SER SER A . n 
A 1 128 LEU 128 128 128 LEU LEU A . n 
A 1 129 PRO 129 129 129 PRO PRO A . n 
A 1 130 GLN 130 130 130 GLN GLN A . n 
A 1 131 LEU 131 131 131 LEU LEU A . n 
A 1 132 ASN 132 132 132 ASN ASN A . n 
A 1 133 GLY 133 133 133 GLY GLY A . n 
A 1 134 GLU 134 134 134 GLU GLU A . n 
A 1 135 TYR 135 135 135 TYR TYR A . n 
A 1 136 VAL 136 136 136 VAL VAL A . n 
A 1 137 ILE 137 137 137 ILE ILE A . n 
A 1 138 PHE 138 138 138 PHE PHE A . n 
A 1 139 GLY 139 139 139 GLY GLY A . n 
A 1 140 LYS 140 140 140 LYS LYS A . n 
A 1 141 LEU 141 141 141 LEU LEU A . n 
A 1 142 ILE 142 142 142 ILE ILE A . n 
A 1 143 ASP 143 143 143 ASP ASP A . n 
A 1 144 GLY 144 144 144 GLY GLY A . n 
A 1 145 PHE 145 145 145 PHE PHE A . n 
A 1 146 GLU 146 146 146 GLU GLU A . n 
A 1 147 THR 147 147 147 THR THR A . n 
A 1 148 LEU 148 148 148 LEU LEU A . n 
A 1 149 ASN 149 149 149 ASN ASN A . n 
A 1 150 THR 150 150 150 THR THR A . n 
A 1 151 LEU 151 151 151 LEU LEU A . n 
A 1 152 GLU 152 152 152 GLU GLU A . n 
A 1 153 ASN 153 153 153 ASN ASN A . n 
A 1 154 CYS 154 154 154 CYS CYS A . n 
A 1 155 PRO 155 155 155 PRO PRO A . n 
A 1 156 SER 156 156 156 SER SER A . n 
A 1 157 ASP 157 157 157 ASP ASP A . n 
A 1 158 LYS 158 158 158 LYS LYS A . n 
A 1 159 SER 159 159 159 SER SER A . n 
A 1 160 HIS 160 160 160 HIS HIS A . n 
A 1 161 LYS 161 161 161 LYS LYS A . n 
A 1 162 PRO 162 162 162 PRO PRO A . n 
A 1 163 ILE 163 163 163 ILE ILE A . n 
A 1 164 ASP 164 164 164 ASP ASP A . n 
A 1 165 GLU 165 165 165 GLU GLU A . n 
A 1 166 ILE 166 166 166 ILE ILE A . n 
A 1 167 ILE 167 167 167 ILE ILE A . n 
A 1 168 ILE 168 168 168 ILE ILE A . n 
A 1 169 LYS 169 169 169 LYS LYS A . n 
A 1 170 ASP 170 170 170 ASP ASP A . n 
A 1 171 ILE 171 171 171 ILE ILE A . n 
A 1 172 VAL 172 172 172 VAL VAL A . n 
A 1 173 ILE 173 173 173 ILE ILE A . n 
A 1 174 HIS 174 174 174 HIS HIS A . n 
A 1 175 SER 175 175 175 SER SER A . n 
A 1 176 ASN 176 176 176 ASN ASN A . n 
A 1 177 PRO 177 177 ?   ?   ?   A . n 
A 1 178 ILE 178 178 ?   ?   ?   A . n 
A 1 179 ALA 179 179 ?   ?   ?   A . n 
A 1 180 ASP 180 180 ?   ?   ?   A . n 
A 1 181 GLN 181 181 ?   ?   ?   A . n 
A 1 182 GLU 182 182 ?   ?   ?   A . n 
A 1 183 ILE 183 183 ?   ?   ?   A . n 
A 1 184 LEU 184 184 ?   ?   ?   A . n 
A 1 185 ASP 185 185 ?   ?   ?   A . n 
# 
_pdbx_SG_project.id                    1 
_pdbx_SG_project.project_name          ? 
_pdbx_SG_project.full_name_of_center   'Structural Genomics Consortium' 
_pdbx_SG_project.initial_of_center     SGC 
# 
loop_
_pdbx_nonpoly_scheme.asym_id 
_pdbx_nonpoly_scheme.entity_id 
_pdbx_nonpoly_scheme.mon_id 
_pdbx_nonpoly_scheme.ndb_seq_num 
_pdbx_nonpoly_scheme.pdb_seq_num 
_pdbx_nonpoly_scheme.auth_seq_num 
_pdbx_nonpoly_scheme.pdb_mon_id 
_pdbx_nonpoly_scheme.auth_mon_id 
_pdbx_nonpoly_scheme.pdb_strand_id 
_pdbx_nonpoly_scheme.pdb_ins_code 
B 2 SO4 1   186 1  SO4 SO4 A . 
C 3 ALA 1   187 1  ALA ALA A . 
D 4 PRO 1   188 2  PRO PRO A . 
E 5 GOL 1   189 1  GOL GOL A . 
F 5 GOL 1   190 1  GOL GOL A . 
G 5 GOL 1   191 1  GOL GOL A . 
H 6 HOH 1   192 1  HOH HOH A . 
H 6 HOH 2   193 2  HOH HOH A . 
H 6 HOH 3   194 3  HOH HOH A . 
H 6 HOH 4   195 4  HOH HOH A . 
H 6 HOH 5   196 5  HOH HOH A . 
H 6 HOH 6   197 6  HOH HOH A . 
H 6 HOH 7   198 7  HOH HOH A . 
H 6 HOH 8   199 8  HOH HOH A . 
H 6 HOH 9   200 9  HOH HOH A . 
H 6 HOH 10  201 11 HOH HOH A . 
H 6 HOH 11  202 12 HOH HOH A . 
H 6 HOH 12  203 14 HOH HOH A . 
H 6 HOH 13  204 17 HOH HOH A . 
H 6 HOH 14  205 18 HOH HOH A . 
H 6 HOH 15  206 19 HOH HOH A . 
H 6 HOH 16  207 20 HOH HOH A . 
H 6 HOH 17  208 21 HOH HOH A . 
H 6 HOH 18  209 22 HOH HOH A . 
H 6 HOH 19  210 23 HOH HOH A . 
H 6 HOH 20  211 24 HOH HOH A . 
H 6 HOH 21  212 25 HOH HOH A . 
H 6 HOH 22  213 26 HOH HOH A . 
H 6 HOH 23  214 27 HOH HOH A . 
H 6 HOH 24  215 28 HOH HOH A . 
H 6 HOH 25  216 30 HOH HOH A . 
H 6 HOH 26  217 32 HOH HOH A . 
H 6 HOH 27  218 36 HOH HOH A . 
H 6 HOH 28  219 37 HOH HOH A . 
H 6 HOH 29  220 39 HOH HOH A . 
H 6 HOH 30  221 40 HOH HOH A . 
H 6 HOH 31  222 42 HOH HOH A . 
H 6 HOH 32  223 43 HOH HOH A . 
H 6 HOH 33  224 44 HOH HOH A . 
H 6 HOH 34  225 45 HOH HOH A . 
H 6 HOH 35  226 46 HOH HOH A . 
H 6 HOH 36  227 49 HOH HOH A . 
H 6 HOH 37  228 50 HOH HOH A . 
H 6 HOH 38  229 51 HOH HOH A . 
H 6 HOH 39  230 52 HOH HOH A . 
H 6 HOH 40  231 54 HOH HOH A . 
H 6 HOH 41  232 55 HOH HOH A . 
H 6 HOH 42  233 57 HOH HOH A . 
H 6 HOH 43  234 61 HOH HOH A . 
H 6 HOH 44  235 62 HOH HOH A . 
H 6 HOH 45  236 63 HOH HOH A . 
H 6 HOH 46  237 64 HOH HOH A . 
H 6 HOH 47  238 65 HOH HOH A . 
H 6 HOH 48  239 70 HOH HOH A . 
H 6 HOH 49  240 1  HOH HOH A . 
H 6 HOH 50  241 2  HOH HOH A . 
H 6 HOH 51  242 3  HOH HOH A . 
H 6 HOH 52  243 4  HOH HOH A . 
H 6 HOH 53  244 5  HOH HOH A . 
H 6 HOH 54  245 6  HOH HOH A . 
H 6 HOH 55  246 7  HOH HOH A . 
H 6 HOH 56  247 9  HOH HOH A . 
H 6 HOH 57  248 10 HOH HOH A . 
H 6 HOH 58  249 11 HOH HOH A . 
H 6 HOH 59  250 12 HOH HOH A . 
H 6 HOH 60  251 13 HOH HOH A . 
H 6 HOH 61  252 14 HOH HOH A . 
H 6 HOH 62  253 15 HOH HOH A . 
H 6 HOH 63  254 16 HOH HOH A . 
H 6 HOH 64  255 17 HOH HOH A . 
H 6 HOH 65  256 18 HOH HOH A . 
H 6 HOH 66  257 19 HOH HOH A . 
H 6 HOH 67  258 20 HOH HOH A . 
H 6 HOH 68  259 21 HOH HOH A . 
H 6 HOH 69  260 22 HOH HOH A . 
H 6 HOH 70  261 23 HOH HOH A . 
H 6 HOH 71  262 24 HOH HOH A . 
H 6 HOH 72  263 25 HOH HOH A . 
H 6 HOH 73  264 26 HOH HOH A . 
H 6 HOH 74  265 27 HOH HOH A . 
H 6 HOH 75  266 28 HOH HOH A . 
H 6 HOH 76  267 29 HOH HOH A . 
H 6 HOH 77  268 30 HOH HOH A . 
H 6 HOH 78  269 31 HOH HOH A . 
H 6 HOH 79  270 32 HOH HOH A . 
H 6 HOH 80  271 33 HOH HOH A . 
H 6 HOH 81  272 34 HOH HOH A . 
H 6 HOH 82  273 35 HOH HOH A . 
H 6 HOH 83  274 36 HOH HOH A . 
H 6 HOH 84  275 37 HOH HOH A . 
H 6 HOH 85  276 38 HOH HOH A . 
H 6 HOH 86  277 39 HOH HOH A . 
H 6 HOH 87  278 40 HOH HOH A . 
H 6 HOH 88  279 41 HOH HOH A . 
H 6 HOH 89  280 43 HOH HOH A . 
H 6 HOH 90  281 44 HOH HOH A . 
H 6 HOH 91  282 45 HOH HOH A . 
H 6 HOH 92  283 46 HOH HOH A . 
H 6 HOH 93  284 47 HOH HOH A . 
H 6 HOH 94  285 50 HOH HOH A . 
H 6 HOH 95  286 51 HOH HOH A . 
H 6 HOH 96  287 52 HOH HOH A . 
H 6 HOH 97  288 53 HOH HOH A . 
H 6 HOH 98  289 54 HOH HOH A . 
H 6 HOH 99  290 57 HOH HOH A . 
H 6 HOH 100 291 59 HOH HOH A . 
H 6 HOH 101 292 61 HOH HOH A . 
H 6 HOH 102 293 62 HOH HOH A . 
H 6 HOH 103 294 63 HOH HOH A . 
H 6 HOH 104 295 64 HOH HOH A . 
H 6 HOH 105 296 65 HOH HOH A . 
H 6 HOH 106 297 66 HOH HOH A . 
H 6 HOH 107 298 67 HOH HOH A . 
H 6 HOH 108 299 69 HOH HOH A . 
H 6 HOH 109 300 70 HOH HOH A . 
H 6 HOH 110 301 72 HOH HOH A . 
H 6 HOH 111 302 73 HOH HOH A . 
H 6 HOH 112 303 74 HOH HOH A . 
H 6 HOH 113 304 3  HOH HOH A . 
H 6 HOH 114 305 6  HOH HOH A . 
H 6 HOH 115 306 8  HOH HOH A . 
H 6 HOH 116 307 9  HOH HOH A . 
H 6 HOH 117 308 10 HOH HOH A . 
H 6 HOH 118 309 4  HOH HOH A . 
H 6 HOH 119 310 14 HOH HOH A . 
H 6 HOH 120 311 1  HOH HOH A . 
# 
_pdbx_struct_assembly.id                   1 
_pdbx_struct_assembly.details              author_defined_assembly 
_pdbx_struct_assembly.method_details       ? 
_pdbx_struct_assembly.oligomeric_details   monomeric 
_pdbx_struct_assembly.oligomeric_count     1 
# 
_pdbx_struct_assembly_gen.assembly_id       1 
_pdbx_struct_assembly_gen.oper_expression   1 
_pdbx_struct_assembly_gen.asym_id_list      A,B,C,D,E,F,G,H 
# 
_pdbx_struct_oper_list.id                   1 
_pdbx_struct_oper_list.type                 'identity operation' 
_pdbx_struct_oper_list.name                 1_555 
_pdbx_struct_oper_list.symmetry_operation   x,y,z 
_pdbx_struct_oper_list.matrix[1][1]         1.0000000000 
_pdbx_struct_oper_list.matrix[1][2]         0.0000000000 
_pdbx_struct_oper_list.matrix[1][3]         0.0000000000 
_pdbx_struct_oper_list.vector[1]            0.0000000000 
_pdbx_struct_oper_list.matrix[2][1]         0.0000000000 
_pdbx_struct_oper_list.matrix[2][2]         1.0000000000 
_pdbx_struct_oper_list.matrix[2][3]         0.0000000000 
_pdbx_struct_oper_list.vector[2]            0.0000000000 
_pdbx_struct_oper_list.matrix[3][1]         0.0000000000 
_pdbx_struct_oper_list.matrix[3][2]         0.0000000000 
_pdbx_struct_oper_list.matrix[3][3]         1.0000000000 
_pdbx_struct_oper_list.vector[3]            0.0000000000 
# 
loop_
_pdbx_audit_revision_history.ordinal 
_pdbx_audit_revision_history.data_content_type 
_pdbx_audit_revision_history.major_revision 
_pdbx_audit_revision_history.minor_revision 
_pdbx_audit_revision_history.revision_date 
1 'Structure model' 1 0 2007-07-17 
2 'Structure model' 1 1 2008-05-01 
3 'Structure model' 1 2 2011-07-13 
4 'Structure model' 1 3 2017-10-18 
5 'Structure model' 1 4 2023-08-30 
# 
_pdbx_audit_revision_details.ordinal             1 
_pdbx_audit_revision_details.revision_ordinal    1 
_pdbx_audit_revision_details.data_content_type   'Structure model' 
_pdbx_audit_revision_details.provider            repository 
_pdbx_audit_revision_details.type                'Initial release' 
_pdbx_audit_revision_details.description         ? 
_pdbx_audit_revision_details.details             ? 
# 
loop_
_pdbx_audit_revision_group.ordinal 
_pdbx_audit_revision_group.revision_ordinal 
_pdbx_audit_revision_group.data_content_type 
_pdbx_audit_revision_group.group 
1 2 'Structure model' 'Version format compliance' 
2 3 'Structure model' 'Non-polymer description'   
3 3 'Structure model' 'Version format compliance' 
4 4 'Structure model' 'Refinement description'    
5 5 'Structure model' 'Data collection'           
6 5 'Structure model' 'Database references'       
7 5 'Structure model' 'Derived calculations'      
8 5 'Structure model' 'Refinement description'    
# 
loop_
_pdbx_audit_revision_category.ordinal 
_pdbx_audit_revision_category.revision_ordinal 
_pdbx_audit_revision_category.data_content_type 
_pdbx_audit_revision_category.category 
1 4 'Structure model' software                      
2 5 'Structure model' chem_comp_atom                
3 5 'Structure model' chem_comp_bond                
4 5 'Structure model' database_2                    
5 5 'Structure model' pdbx_initial_refinement_model 
6 5 'Structure model' struct_conn                   
7 5 'Structure model' struct_ref_seq_dif            
8 5 'Structure model' struct_site                   
# 
loop_
_pdbx_audit_revision_item.ordinal 
_pdbx_audit_revision_item.revision_ordinal 
_pdbx_audit_revision_item.data_content_type 
_pdbx_audit_revision_item.item 
1 5 'Structure model' '_database_2.pdbx_DOI'                
2 5 'Structure model' '_database_2.pdbx_database_accession' 
3 5 'Structure model' '_struct_conn.pdbx_leaving_atom_flag' 
4 5 'Structure model' '_struct_ref_seq_dif.details'         
5 5 'Structure model' '_struct_site.pdbx_auth_asym_id'      
6 5 'Structure model' '_struct_site.pdbx_auth_comp_id'      
7 5 'Structure model' '_struct_site.pdbx_auth_seq_id'       
# 
loop_
_software.name 
_software.classification 
_software.version 
_software.citation_id 
_software.pdbx_ordinal 
REFMAC   refinement       5.2.0019 ? 1 
HKL-2000 'data reduction' .        ? 2 
HKL-2000 'data scaling'   .        ? 3 
PHASER   phasing          .        ? 4 
# 
_pdbx_validate_torsion.id              1 
_pdbx_validate_torsion.PDB_model_num   1 
_pdbx_validate_torsion.auth_comp_id    PHE 
_pdbx_validate_torsion.auth_asym_id    A 
_pdbx_validate_torsion.auth_seq_id     65 
_pdbx_validate_torsion.PDB_ins_code    ? 
_pdbx_validate_torsion.label_alt_id    ? 
_pdbx_validate_torsion.phi             -115.58 
_pdbx_validate_torsion.psi             -94.73 
# 
loop_
_pdbx_unobs_or_zero_occ_atoms.id 
_pdbx_unobs_or_zero_occ_atoms.PDB_model_num 
_pdbx_unobs_or_zero_occ_atoms.polymer_flag 
_pdbx_unobs_or_zero_occ_atoms.occupancy_flag 
_pdbx_unobs_or_zero_occ_atoms.auth_asym_id 
_pdbx_unobs_or_zero_occ_atoms.auth_comp_id 
_pdbx_unobs_or_zero_occ_atoms.auth_seq_id 
_pdbx_unobs_or_zero_occ_atoms.PDB_ins_code 
_pdbx_unobs_or_zero_occ_atoms.auth_atom_id 
_pdbx_unobs_or_zero_occ_atoms.label_alt_id 
_pdbx_unobs_or_zero_occ_atoms.label_asym_id 
_pdbx_unobs_or_zero_occ_atoms.label_comp_id 
_pdbx_unobs_or_zero_occ_atoms.label_seq_id 
_pdbx_unobs_or_zero_occ_atoms.label_atom_id 
1 1 Y 1 A LYS 112 ? CD ? A LYS 112 CD 
2 1 Y 1 A LYS 112 ? CE ? A LYS 112 CE 
3 1 Y 1 A LYS 112 ? NZ ? A LYS 112 NZ 
# 
loop_
_pdbx_unobs_or_zero_occ_residues.id 
_pdbx_unobs_or_zero_occ_residues.PDB_model_num 
_pdbx_unobs_or_zero_occ_residues.polymer_flag 
_pdbx_unobs_or_zero_occ_residues.occupancy_flag 
_pdbx_unobs_or_zero_occ_residues.auth_asym_id 
_pdbx_unobs_or_zero_occ_residues.auth_comp_id 
_pdbx_unobs_or_zero_occ_residues.auth_seq_id 
_pdbx_unobs_or_zero_occ_residues.PDB_ins_code 
_pdbx_unobs_or_zero_occ_residues.label_asym_id 
_pdbx_unobs_or_zero_occ_residues.label_comp_id 
_pdbx_unobs_or_zero_occ_residues.label_seq_id 
1  1 Y 1 A MET 1   ? A MET 1   
2  1 Y 1 A HIS 2   ? A HIS 2   
3  1 Y 1 A HIS 3   ? A HIS 3   
4  1 Y 1 A HIS 4   ? A HIS 4   
5  1 Y 1 A HIS 5   ? A HIS 5   
6  1 Y 1 A HIS 6   ? A HIS 6   
7  1 Y 1 A HIS 7   ? A HIS 7   
8  1 Y 1 A SER 8   ? A SER 8   
9  1 Y 1 A SER 9   ? A SER 9   
10 1 Y 1 A GLY 10  ? A GLY 10  
11 1 Y 1 A ARG 11  ? A ARG 11  
12 1 Y 1 A GLU 12  ? A GLU 12  
13 1 Y 1 A ASN 13  ? A ASN 13  
14 1 Y 1 A LEU 14  ? A LEU 14  
15 1 Y 1 A TYR 15  ? A TYR 15  
16 1 Y 1 A PHE 16  ? A PHE 16  
17 1 Y 1 A LYS 108 ? A LYS 108 
18 1 Y 1 A GLY 109 ? A GLY 109 
19 1 Y 1 A PRO 177 ? A PRO 177 
20 1 Y 1 A ILE 178 ? A ILE 178 
21 1 Y 1 A ALA 179 ? A ALA 179 
22 1 Y 1 A ASP 180 ? A ASP 180 
23 1 Y 1 A GLN 181 ? A GLN 181 
24 1 Y 1 A GLU 182 ? A GLU 182 
25 1 Y 1 A ILE 183 ? A ILE 183 
26 1 Y 1 A LEU 184 ? A LEU 184 
27 1 Y 1 A ASP 185 ? A ASP 185 
# 
loop_
_chem_comp_atom.comp_id 
_chem_comp_atom.atom_id 
_chem_comp_atom.type_symbol 
_chem_comp_atom.pdbx_aromatic_flag 
_chem_comp_atom.pdbx_stereo_config 
_chem_comp_atom.pdbx_ordinal 
ALA N    N N N 1   
ALA CA   C N S 2   
ALA C    C N N 3   
ALA O    O N N 4   
ALA CB   C N N 5   
ALA OXT  O N N 6   
ALA H    H N N 7   
ALA H2   H N N 8   
ALA HA   H N N 9   
ALA HB1  H N N 10  
ALA HB2  H N N 11  
ALA HB3  H N N 12  
ALA HXT  H N N 13  
ARG N    N N N 14  
ARG CA   C N S 15  
ARG C    C N N 16  
ARG O    O N N 17  
ARG CB   C N N 18  
ARG CG   C N N 19  
ARG CD   C N N 20  
ARG NE   N N N 21  
ARG CZ   C N N 22  
ARG NH1  N N N 23  
ARG NH2  N N N 24  
ARG OXT  O N N 25  
ARG H    H N N 26  
ARG H2   H N N 27  
ARG HA   H N N 28  
ARG HB2  H N N 29  
ARG HB3  H N N 30  
ARG HG2  H N N 31  
ARG HG3  H N N 32  
ARG HD2  H N N 33  
ARG HD3  H N N 34  
ARG HE   H N N 35  
ARG HH11 H N N 36  
ARG HH12 H N N 37  
ARG HH21 H N N 38  
ARG HH22 H N N 39  
ARG HXT  H N N 40  
ASN N    N N N 41  
ASN CA   C N S 42  
ASN C    C N N 43  
ASN O    O N N 44  
ASN CB   C N N 45  
ASN CG   C N N 46  
ASN OD1  O N N 47  
ASN ND2  N N N 48  
ASN OXT  O N N 49  
ASN H    H N N 50  
ASN H2   H N N 51  
ASN HA   H N N 52  
ASN HB2  H N N 53  
ASN HB3  H N N 54  
ASN HD21 H N N 55  
ASN HD22 H N N 56  
ASN HXT  H N N 57  
ASP N    N N N 58  
ASP CA   C N S 59  
ASP C    C N N 60  
ASP O    O N N 61  
ASP CB   C N N 62  
ASP CG   C N N 63  
ASP OD1  O N N 64  
ASP OD2  O N N 65  
ASP OXT  O N N 66  
ASP H    H N N 67  
ASP H2   H N N 68  
ASP HA   H N N 69  
ASP HB2  H N N 70  
ASP HB3  H N N 71  
ASP HD2  H N N 72  
ASP HXT  H N N 73  
CYS N    N N N 74  
CYS CA   C N R 75  
CYS C    C N N 76  
CYS O    O N N 77  
CYS CB   C N N 78  
CYS SG   S N N 79  
CYS OXT  O N N 80  
CYS H    H N N 81  
CYS H2   H N N 82  
CYS HA   H N N 83  
CYS HB2  H N N 84  
CYS HB3  H N N 85  
CYS HG   H N N 86  
CYS HXT  H N N 87  
GLN N    N N N 88  
GLN CA   C N S 89  
GLN C    C N N 90  
GLN O    O N N 91  
GLN CB   C N N 92  
GLN CG   C N N 93  
GLN CD   C N N 94  
GLN OE1  O N N 95  
GLN NE2  N N N 96  
GLN OXT  O N N 97  
GLN H    H N N 98  
GLN H2   H N N 99  
GLN HA   H N N 100 
GLN HB2  H N N 101 
GLN HB3  H N N 102 
GLN HG2  H N N 103 
GLN HG3  H N N 104 
GLN HE21 H N N 105 
GLN HE22 H N N 106 
GLN HXT  H N N 107 
GLU N    N N N 108 
GLU CA   C N S 109 
GLU C    C N N 110 
GLU O    O N N 111 
GLU CB   C N N 112 
GLU CG   C N N 113 
GLU CD   C N N 114 
GLU OE1  O N N 115 
GLU OE2  O N N 116 
GLU OXT  O N N 117 
GLU H    H N N 118 
GLU H2   H N N 119 
GLU HA   H N N 120 
GLU HB2  H N N 121 
GLU HB3  H N N 122 
GLU HG2  H N N 123 
GLU HG3  H N N 124 
GLU HE2  H N N 125 
GLU HXT  H N N 126 
GLY N    N N N 127 
GLY CA   C N N 128 
GLY C    C N N 129 
GLY O    O N N 130 
GLY OXT  O N N 131 
GLY H    H N N 132 
GLY H2   H N N 133 
GLY HA2  H N N 134 
GLY HA3  H N N 135 
GLY HXT  H N N 136 
GOL C1   C N N 137 
GOL O1   O N N 138 
GOL C2   C N N 139 
GOL O2   O N N 140 
GOL C3   C N N 141 
GOL O3   O N N 142 
GOL H11  H N N 143 
GOL H12  H N N 144 
GOL HO1  H N N 145 
GOL H2   H N N 146 
GOL HO2  H N N 147 
GOL H31  H N N 148 
GOL H32  H N N 149 
GOL HO3  H N N 150 
HIS N    N N N 151 
HIS CA   C N S 152 
HIS C    C N N 153 
HIS O    O N N 154 
HIS CB   C N N 155 
HIS CG   C Y N 156 
HIS ND1  N Y N 157 
HIS CD2  C Y N 158 
HIS CE1  C Y N 159 
HIS NE2  N Y N 160 
HIS OXT  O N N 161 
HIS H    H N N 162 
HIS H2   H N N 163 
HIS HA   H N N 164 
HIS HB2  H N N 165 
HIS HB3  H N N 166 
HIS HD1  H N N 167 
HIS HD2  H N N 168 
HIS HE1  H N N 169 
HIS HE2  H N N 170 
HIS HXT  H N N 171 
HOH O    O N N 172 
HOH H1   H N N 173 
HOH H2   H N N 174 
ILE N    N N N 175 
ILE CA   C N S 176 
ILE C    C N N 177 
ILE O    O N N 178 
ILE CB   C N S 179 
ILE CG1  C N N 180 
ILE CG2  C N N 181 
ILE CD1  C N N 182 
ILE OXT  O N N 183 
ILE H    H N N 184 
ILE H2   H N N 185 
ILE HA   H N N 186 
ILE HB   H N N 187 
ILE HG12 H N N 188 
ILE HG13 H N N 189 
ILE HG21 H N N 190 
ILE HG22 H N N 191 
ILE HG23 H N N 192 
ILE HD11 H N N 193 
ILE HD12 H N N 194 
ILE HD13 H N N 195 
ILE HXT  H N N 196 
LEU N    N N N 197 
LEU CA   C N S 198 
LEU C    C N N 199 
LEU O    O N N 200 
LEU CB   C N N 201 
LEU CG   C N N 202 
LEU CD1  C N N 203 
LEU CD2  C N N 204 
LEU OXT  O N N 205 
LEU H    H N N 206 
LEU H2   H N N 207 
LEU HA   H N N 208 
LEU HB2  H N N 209 
LEU HB3  H N N 210 
LEU HG   H N N 211 
LEU HD11 H N N 212 
LEU HD12 H N N 213 
LEU HD13 H N N 214 
LEU HD21 H N N 215 
LEU HD22 H N N 216 
LEU HD23 H N N 217 
LEU HXT  H N N 218 
LYS N    N N N 219 
LYS CA   C N S 220 
LYS C    C N N 221 
LYS O    O N N 222 
LYS CB   C N N 223 
LYS CG   C N N 224 
LYS CD   C N N 225 
LYS CE   C N N 226 
LYS NZ   N N N 227 
LYS OXT  O N N 228 
LYS H    H N N 229 
LYS H2   H N N 230 
LYS HA   H N N 231 
LYS HB2  H N N 232 
LYS HB3  H N N 233 
LYS HG2  H N N 234 
LYS HG3  H N N 235 
LYS HD2  H N N 236 
LYS HD3  H N N 237 
LYS HE2  H N N 238 
LYS HE3  H N N 239 
LYS HZ1  H N N 240 
LYS HZ2  H N N 241 
LYS HZ3  H N N 242 
LYS HXT  H N N 243 
MET N    N N N 244 
MET CA   C N S 245 
MET C    C N N 246 
MET O    O N N 247 
MET CB   C N N 248 
MET CG   C N N 249 
MET SD   S N N 250 
MET CE   C N N 251 
MET OXT  O N N 252 
MET H    H N N 253 
MET H2   H N N 254 
MET HA   H N N 255 
MET HB2  H N N 256 
MET HB3  H N N 257 
MET HG2  H N N 258 
MET HG3  H N N 259 
MET HE1  H N N 260 
MET HE2  H N N 261 
MET HE3  H N N 262 
MET HXT  H N N 263 
PHE N    N N N 264 
PHE CA   C N S 265 
PHE C    C N N 266 
PHE O    O N N 267 
PHE CB   C N N 268 
PHE CG   C Y N 269 
PHE CD1  C Y N 270 
PHE CD2  C Y N 271 
PHE CE1  C Y N 272 
PHE CE2  C Y N 273 
PHE CZ   C Y N 274 
PHE OXT  O N N 275 
PHE H    H N N 276 
PHE H2   H N N 277 
PHE HA   H N N 278 
PHE HB2  H N N 279 
PHE HB3  H N N 280 
PHE HD1  H N N 281 
PHE HD2  H N N 282 
PHE HE1  H N N 283 
PHE HE2  H N N 284 
PHE HZ   H N N 285 
PHE HXT  H N N 286 
PRO N    N N N 287 
PRO CA   C N S 288 
PRO C    C N N 289 
PRO O    O N N 290 
PRO CB   C N N 291 
PRO CG   C N N 292 
PRO CD   C N N 293 
PRO OXT  O N N 294 
PRO H    H N N 295 
PRO HA   H N N 296 
PRO HB2  H N N 297 
PRO HB3  H N N 298 
PRO HG2  H N N 299 
PRO HG3  H N N 300 
PRO HD2  H N N 301 
PRO HD3  H N N 302 
PRO HXT  H N N 303 
SER N    N N N 304 
SER CA   C N S 305 
SER C    C N N 306 
SER O    O N N 307 
SER CB   C N N 308 
SER OG   O N N 309 
SER OXT  O N N 310 
SER H    H N N 311 
SER H2   H N N 312 
SER HA   H N N 313 
SER HB2  H N N 314 
SER HB3  H N N 315 
SER HG   H N N 316 
SER HXT  H N N 317 
SO4 S    S N N 318 
SO4 O1   O N N 319 
SO4 O2   O N N 320 
SO4 O3   O N N 321 
SO4 O4   O N N 322 
THR N    N N N 323 
THR CA   C N S 324 
THR C    C N N 325 
THR O    O N N 326 
THR CB   C N R 327 
THR OG1  O N N 328 
THR CG2  C N N 329 
THR OXT  O N N 330 
THR H    H N N 331 
THR H2   H N N 332 
THR HA   H N N 333 
THR HB   H N N 334 
THR HG1  H N N 335 
THR HG21 H N N 336 
THR HG22 H N N 337 
THR HG23 H N N 338 
THR HXT  H N N 339 
TYR N    N N N 340 
TYR CA   C N S 341 
TYR C    C N N 342 
TYR O    O N N 343 
TYR CB   C N N 344 
TYR CG   C Y N 345 
TYR CD1  C Y N 346 
TYR CD2  C Y N 347 
TYR CE1  C Y N 348 
TYR CE2  C Y N 349 
TYR CZ   C Y N 350 
TYR OH   O N N 351 
TYR OXT  O N N 352 
TYR H    H N N 353 
TYR H2   H N N 354 
TYR HA   H N N 355 
TYR HB2  H N N 356 
TYR HB3  H N N 357 
TYR HD1  H N N 358 
TYR HD2  H N N 359 
TYR HE1  H N N 360 
TYR HE2  H N N 361 
TYR HH   H N N 362 
TYR HXT  H N N 363 
VAL N    N N N 364 
VAL CA   C N S 365 
VAL C    C N N 366 
VAL O    O N N 367 
VAL CB   C N N 368 
VAL CG1  C N N 369 
VAL CG2  C N N 370 
VAL OXT  O N N 371 
VAL H    H N N 372 
VAL H2   H N N 373 
VAL HA   H N N 374 
VAL HB   H N N 375 
VAL HG11 H N N 376 
VAL HG12 H N N 377 
VAL HG13 H N N 378 
VAL HG21 H N N 379 
VAL HG22 H N N 380 
VAL HG23 H N N 381 
VAL HXT  H N N 382 
# 
loop_
_chem_comp_bond.comp_id 
_chem_comp_bond.atom_id_1 
_chem_comp_bond.atom_id_2 
_chem_comp_bond.value_order 
_chem_comp_bond.pdbx_aromatic_flag 
_chem_comp_bond.pdbx_stereo_config 
_chem_comp_bond.pdbx_ordinal 
ALA N   CA   sing N N 1   
ALA N   H    sing N N 2   
ALA N   H2   sing N N 3   
ALA CA  C    sing N N 4   
ALA CA  CB   sing N N 5   
ALA CA  HA   sing N N 6   
ALA C   O    doub N N 7   
ALA C   OXT  sing N N 8   
ALA CB  HB1  sing N N 9   
ALA CB  HB2  sing N N 10  
ALA CB  HB3  sing N N 11  
ALA OXT HXT  sing N N 12  
ARG N   CA   sing N N 13  
ARG N   H    sing N N 14  
ARG N   H2   sing N N 15  
ARG CA  C    sing N N 16  
ARG CA  CB   sing N N 17  
ARG CA  HA   sing N N 18  
ARG C   O    doub N N 19  
ARG C   OXT  sing N N 20  
ARG CB  CG   sing N N 21  
ARG CB  HB2  sing N N 22  
ARG CB  HB3  sing N N 23  
ARG CG  CD   sing N N 24  
ARG CG  HG2  sing N N 25  
ARG CG  HG3  sing N N 26  
ARG CD  NE   sing N N 27  
ARG CD  HD2  sing N N 28  
ARG CD  HD3  sing N N 29  
ARG NE  CZ   sing N N 30  
ARG NE  HE   sing N N 31  
ARG CZ  NH1  sing N N 32  
ARG CZ  NH2  doub N N 33  
ARG NH1 HH11 sing N N 34  
ARG NH1 HH12 sing N N 35  
ARG NH2 HH21 sing N N 36  
ARG NH2 HH22 sing N N 37  
ARG OXT HXT  sing N N 38  
ASN N   CA   sing N N 39  
ASN N   H    sing N N 40  
ASN N   H2   sing N N 41  
ASN CA  C    sing N N 42  
ASN CA  CB   sing N N 43  
ASN CA  HA   sing N N 44  
ASN C   O    doub N N 45  
ASN C   OXT  sing N N 46  
ASN CB  CG   sing N N 47  
ASN CB  HB2  sing N N 48  
ASN CB  HB3  sing N N 49  
ASN CG  OD1  doub N N 50  
ASN CG  ND2  sing N N 51  
ASN ND2 HD21 sing N N 52  
ASN ND2 HD22 sing N N 53  
ASN OXT HXT  sing N N 54  
ASP N   CA   sing N N 55  
ASP N   H    sing N N 56  
ASP N   H2   sing N N 57  
ASP CA  C    sing N N 58  
ASP CA  CB   sing N N 59  
ASP CA  HA   sing N N 60  
ASP C   O    doub N N 61  
ASP C   OXT  sing N N 62  
ASP CB  CG   sing N N 63  
ASP CB  HB2  sing N N 64  
ASP CB  HB3  sing N N 65  
ASP CG  OD1  doub N N 66  
ASP CG  OD2  sing N N 67  
ASP OD2 HD2  sing N N 68  
ASP OXT HXT  sing N N 69  
CYS N   CA   sing N N 70  
CYS N   H    sing N N 71  
CYS N   H2   sing N N 72  
CYS CA  C    sing N N 73  
CYS CA  CB   sing N N 74  
CYS CA  HA   sing N N 75  
CYS C   O    doub N N 76  
CYS C   OXT  sing N N 77  
CYS CB  SG   sing N N 78  
CYS CB  HB2  sing N N 79  
CYS CB  HB3  sing N N 80  
CYS SG  HG   sing N N 81  
CYS OXT HXT  sing N N 82  
GLN N   CA   sing N N 83  
GLN N   H    sing N N 84  
GLN N   H2   sing N N 85  
GLN CA  C    sing N N 86  
GLN CA  CB   sing N N 87  
GLN CA  HA   sing N N 88  
GLN C   O    doub N N 89  
GLN C   OXT  sing N N 90  
GLN CB  CG   sing N N 91  
GLN CB  HB2  sing N N 92  
GLN CB  HB3  sing N N 93  
GLN CG  CD   sing N N 94  
GLN CG  HG2  sing N N 95  
GLN CG  HG3  sing N N 96  
GLN CD  OE1  doub N N 97  
GLN CD  NE2  sing N N 98  
GLN NE2 HE21 sing N N 99  
GLN NE2 HE22 sing N N 100 
GLN OXT HXT  sing N N 101 
GLU N   CA   sing N N 102 
GLU N   H    sing N N 103 
GLU N   H2   sing N N 104 
GLU CA  C    sing N N 105 
GLU CA  CB   sing N N 106 
GLU CA  HA   sing N N 107 
GLU C   O    doub N N 108 
GLU C   OXT  sing N N 109 
GLU CB  CG   sing N N 110 
GLU CB  HB2  sing N N 111 
GLU CB  HB3  sing N N 112 
GLU CG  CD   sing N N 113 
GLU CG  HG2  sing N N 114 
GLU CG  HG3  sing N N 115 
GLU CD  OE1  doub N N 116 
GLU CD  OE2  sing N N 117 
GLU OE2 HE2  sing N N 118 
GLU OXT HXT  sing N N 119 
GLY N   CA   sing N N 120 
GLY N   H    sing N N 121 
GLY N   H2   sing N N 122 
GLY CA  C    sing N N 123 
GLY CA  HA2  sing N N 124 
GLY CA  HA3  sing N N 125 
GLY C   O    doub N N 126 
GLY C   OXT  sing N N 127 
GLY OXT HXT  sing N N 128 
GOL C1  O1   sing N N 129 
GOL C1  C2   sing N N 130 
GOL C1  H11  sing N N 131 
GOL C1  H12  sing N N 132 
GOL O1  HO1  sing N N 133 
GOL C2  O2   sing N N 134 
GOL C2  C3   sing N N 135 
GOL C2  H2   sing N N 136 
GOL O2  HO2  sing N N 137 
GOL C3  O3   sing N N 138 
GOL C3  H31  sing N N 139 
GOL C3  H32  sing N N 140 
GOL O3  HO3  sing N N 141 
HIS N   CA   sing N N 142 
HIS N   H    sing N N 143 
HIS N   H2   sing N N 144 
HIS CA  C    sing N N 145 
HIS CA  CB   sing N N 146 
HIS CA  HA   sing N N 147 
HIS C   O    doub N N 148 
HIS C   OXT  sing N N 149 
HIS CB  CG   sing N N 150 
HIS CB  HB2  sing N N 151 
HIS CB  HB3  sing N N 152 
HIS CG  ND1  sing Y N 153 
HIS CG  CD2  doub Y N 154 
HIS ND1 CE1  doub Y N 155 
HIS ND1 HD1  sing N N 156 
HIS CD2 NE2  sing Y N 157 
HIS CD2 HD2  sing N N 158 
HIS CE1 NE2  sing Y N 159 
HIS CE1 HE1  sing N N 160 
HIS NE2 HE2  sing N N 161 
HIS OXT HXT  sing N N 162 
HOH O   H1   sing N N 163 
HOH O   H2   sing N N 164 
ILE N   CA   sing N N 165 
ILE N   H    sing N N 166 
ILE N   H2   sing N N 167 
ILE CA  C    sing N N 168 
ILE CA  CB   sing N N 169 
ILE CA  HA   sing N N 170 
ILE C   O    doub N N 171 
ILE C   OXT  sing N N 172 
ILE CB  CG1  sing N N 173 
ILE CB  CG2  sing N N 174 
ILE CB  HB   sing N N 175 
ILE CG1 CD1  sing N N 176 
ILE CG1 HG12 sing N N 177 
ILE CG1 HG13 sing N N 178 
ILE CG2 HG21 sing N N 179 
ILE CG2 HG22 sing N N 180 
ILE CG2 HG23 sing N N 181 
ILE CD1 HD11 sing N N 182 
ILE CD1 HD12 sing N N 183 
ILE CD1 HD13 sing N N 184 
ILE OXT HXT  sing N N 185 
LEU N   CA   sing N N 186 
LEU N   H    sing N N 187 
LEU N   H2   sing N N 188 
LEU CA  C    sing N N 189 
LEU CA  CB   sing N N 190 
LEU CA  HA   sing N N 191 
LEU C   O    doub N N 192 
LEU C   OXT  sing N N 193 
LEU CB  CG   sing N N 194 
LEU CB  HB2  sing N N 195 
LEU CB  HB3  sing N N 196 
LEU CG  CD1  sing N N 197 
LEU CG  CD2  sing N N 198 
LEU CG  HG   sing N N 199 
LEU CD1 HD11 sing N N 200 
LEU CD1 HD12 sing N N 201 
LEU CD1 HD13 sing N N 202 
LEU CD2 HD21 sing N N 203 
LEU CD2 HD22 sing N N 204 
LEU CD2 HD23 sing N N 205 
LEU OXT HXT  sing N N 206 
LYS N   CA   sing N N 207 
LYS N   H    sing N N 208 
LYS N   H2   sing N N 209 
LYS CA  C    sing N N 210 
LYS CA  CB   sing N N 211 
LYS CA  HA   sing N N 212 
LYS C   O    doub N N 213 
LYS C   OXT  sing N N 214 
LYS CB  CG   sing N N 215 
LYS CB  HB2  sing N N 216 
LYS CB  HB3  sing N N 217 
LYS CG  CD   sing N N 218 
LYS CG  HG2  sing N N 219 
LYS CG  HG3  sing N N 220 
LYS CD  CE   sing N N 221 
LYS CD  HD2  sing N N 222 
LYS CD  HD3  sing N N 223 
LYS CE  NZ   sing N N 224 
LYS CE  HE2  sing N N 225 
LYS CE  HE3  sing N N 226 
LYS NZ  HZ1  sing N N 227 
LYS NZ  HZ2  sing N N 228 
LYS NZ  HZ3  sing N N 229 
LYS OXT HXT  sing N N 230 
MET N   CA   sing N N 231 
MET N   H    sing N N 232 
MET N   H2   sing N N 233 
MET CA  C    sing N N 234 
MET CA  CB   sing N N 235 
MET CA  HA   sing N N 236 
MET C   O    doub N N 237 
MET C   OXT  sing N N 238 
MET CB  CG   sing N N 239 
MET CB  HB2  sing N N 240 
MET CB  HB3  sing N N 241 
MET CG  SD   sing N N 242 
MET CG  HG2  sing N N 243 
MET CG  HG3  sing N N 244 
MET SD  CE   sing N N 245 
MET CE  HE1  sing N N 246 
MET CE  HE2  sing N N 247 
MET CE  HE3  sing N N 248 
MET OXT HXT  sing N N 249 
PHE N   CA   sing N N 250 
PHE N   H    sing N N 251 
PHE N   H2   sing N N 252 
PHE CA  C    sing N N 253 
PHE CA  CB   sing N N 254 
PHE CA  HA   sing N N 255 
PHE C   O    doub N N 256 
PHE C   OXT  sing N N 257 
PHE CB  CG   sing N N 258 
PHE CB  HB2  sing N N 259 
PHE CB  HB3  sing N N 260 
PHE CG  CD1  doub Y N 261 
PHE CG  CD2  sing Y N 262 
PHE CD1 CE1  sing Y N 263 
PHE CD1 HD1  sing N N 264 
PHE CD2 CE2  doub Y N 265 
PHE CD2 HD2  sing N N 266 
PHE CE1 CZ   doub Y N 267 
PHE CE1 HE1  sing N N 268 
PHE CE2 CZ   sing Y N 269 
PHE CE2 HE2  sing N N 270 
PHE CZ  HZ   sing N N 271 
PHE OXT HXT  sing N N 272 
PRO N   CA   sing N N 273 
PRO N   CD   sing N N 274 
PRO N   H    sing N N 275 
PRO CA  C    sing N N 276 
PRO CA  CB   sing N N 277 
PRO CA  HA   sing N N 278 
PRO C   O    doub N N 279 
PRO C   OXT  sing N N 280 
PRO CB  CG   sing N N 281 
PRO CB  HB2  sing N N 282 
PRO CB  HB3  sing N N 283 
PRO CG  CD   sing N N 284 
PRO CG  HG2  sing N N 285 
PRO CG  HG3  sing N N 286 
PRO CD  HD2  sing N N 287 
PRO CD  HD3  sing N N 288 
PRO OXT HXT  sing N N 289 
SER N   CA   sing N N 290 
SER N   H    sing N N 291 
SER N   H2   sing N N 292 
SER CA  C    sing N N 293 
SER CA  CB   sing N N 294 
SER CA  HA   sing N N 295 
SER C   O    doub N N 296 
SER C   OXT  sing N N 297 
SER CB  OG   sing N N 298 
SER CB  HB2  sing N N 299 
SER CB  HB3  sing N N 300 
SER OG  HG   sing N N 301 
SER OXT HXT  sing N N 302 
SO4 S   O1   doub N N 303 
SO4 S   O2   doub N N 304 
SO4 S   O3   sing N N 305 
SO4 S   O4   sing N N 306 
THR N   CA   sing N N 307 
THR N   H    sing N N 308 
THR N   H2   sing N N 309 
THR CA  C    sing N N 310 
THR CA  CB   sing N N 311 
THR CA  HA   sing N N 312 
THR C   O    doub N N 313 
THR C   OXT  sing N N 314 
THR CB  OG1  sing N N 315 
THR CB  CG2  sing N N 316 
THR CB  HB   sing N N 317 
THR OG1 HG1  sing N N 318 
THR CG2 HG21 sing N N 319 
THR CG2 HG22 sing N N 320 
THR CG2 HG23 sing N N 321 
THR OXT HXT  sing N N 322 
TYR N   CA   sing N N 323 
TYR N   H    sing N N 324 
TYR N   H2   sing N N 325 
TYR CA  C    sing N N 326 
TYR CA  CB   sing N N 327 
TYR CA  HA   sing N N 328 
TYR C   O    doub N N 329 
TYR C   OXT  sing N N 330 
TYR CB  CG   sing N N 331 
TYR CB  HB2  sing N N 332 
TYR CB  HB3  sing N N 333 
TYR CG  CD1  doub Y N 334 
TYR CG  CD2  sing Y N 335 
TYR CD1 CE1  sing Y N 336 
TYR CD1 HD1  sing N N 337 
TYR CD2 CE2  doub Y N 338 
TYR CD2 HD2  sing N N 339 
TYR CE1 CZ   doub Y N 340 
TYR CE1 HE1  sing N N 341 
TYR CE2 CZ   sing Y N 342 
TYR CE2 HE2  sing N N 343 
TYR CZ  OH   sing N N 344 
TYR OH  HH   sing N N 345 
TYR OXT HXT  sing N N 346 
VAL N   CA   sing N N 347 
VAL N   H    sing N N 348 
VAL N   H2   sing N N 349 
VAL CA  C    sing N N 350 
VAL CA  CB   sing N N 351 
VAL CA  HA   sing N N 352 
VAL C   O    doub N N 353 
VAL C   OXT  sing N N 354 
VAL CB  CG1  sing N N 355 
VAL CB  CG2  sing N N 356 
VAL CB  HB   sing N N 357 
VAL CG1 HG11 sing N N 358 
VAL CG1 HG12 sing N N 359 
VAL CG1 HG13 sing N N 360 
VAL CG2 HG21 sing N N 361 
VAL CG2 HG22 sing N N 362 
VAL CG2 HG23 sing N N 363 
VAL OXT HXT  sing N N 364 
# 
loop_
_pdbx_entity_nonpoly.entity_id 
_pdbx_entity_nonpoly.name 
_pdbx_entity_nonpoly.comp_id 
2 'SULFATE ION' SO4 
3 ALANINE       ALA 
4 PROLINE       PRO 
5 GLYCEROL      GOL 
6 water         HOH 
# 
_pdbx_initial_refinement_model.id               1 
_pdbx_initial_refinement_model.entity_id_list   ? 
_pdbx_initial_refinement_model.type             'experimental model' 
_pdbx_initial_refinement_model.source_name      PDB 
_pdbx_initial_refinement_model.accession_code   2POE 
_pdbx_initial_refinement_model.details          'PDB entry 2POE' 
# 
